data_8C39
# 
_entry.id   8C39 
# 
_audit_conform.dict_name       mmcif_pdbx.dic 
_audit_conform.dict_version    5.397 
_audit_conform.dict_location   http://mmcif.pdb.org/dictionaries/ascii/mmcif_pdbx.dic 
# 
loop_
_database_2.database_id 
_database_2.database_code 
_database_2.pdbx_database_accession 
_database_2.pdbx_DOI 
PDB   8C39         pdb_00008c39 10.2210/pdb8c39/pdb 
WWPDB D_1292127664 ?            ?                   
# 
loop_
_pdbx_audit_revision_history.ordinal 
_pdbx_audit_revision_history.data_content_type 
_pdbx_audit_revision_history.major_revision 
_pdbx_audit_revision_history.minor_revision 
_pdbx_audit_revision_history.revision_date 
1 'Structure model' 1 0 2024-01-10 
2 'Structure model' 1 1 2024-07-24 
3 'Structure model' 1 2 2024-10-23 
# 
_pdbx_audit_revision_details.ordinal             1 
_pdbx_audit_revision_details.revision_ordinal    1 
_pdbx_audit_revision_details.data_content_type   'Structure model' 
_pdbx_audit_revision_details.provider            repository 
_pdbx_audit_revision_details.type                'Initial release' 
_pdbx_audit_revision_details.description         ? 
_pdbx_audit_revision_details.details             ? 
# 
loop_
_pdbx_audit_revision_group.ordinal 
_pdbx_audit_revision_group.revision_ordinal 
_pdbx_audit_revision_group.data_content_type 
_pdbx_audit_revision_group.group 
1 2 'Structure model' 'Database references' 
2 3 'Structure model' 'Structure summary'   
# 
loop_
_pdbx_audit_revision_category.ordinal 
_pdbx_audit_revision_category.revision_ordinal 
_pdbx_audit_revision_category.data_content_type 
_pdbx_audit_revision_category.category 
1 2 'Structure model' citation                  
2 2 'Structure model' citation_author           
3 3 'Structure model' pdbx_entry_details        
4 3 'Structure model' pdbx_modification_feature 
# 
loop_
_pdbx_audit_revision_item.ordinal 
_pdbx_audit_revision_item.revision_ordinal 
_pdbx_audit_revision_item.data_content_type 
_pdbx_audit_revision_item.item 
1  2 'Structure model' '_citation.country'                            
2  2 'Structure model' '_citation.journal_abbrev'                     
3  2 'Structure model' '_citation.journal_id_CSD'                     
4  2 'Structure model' '_citation.journal_id_ISSN'                    
5  2 'Structure model' '_citation.journal_volume'                     
6  2 'Structure model' '_citation.page_first'                         
7  2 'Structure model' '_citation.page_last'                          
8  2 'Structure model' '_citation.pdbx_database_id_DOI'               
9  2 'Structure model' '_citation.title'                              
10 2 'Structure model' '_citation.year'                               
11 3 'Structure model' '_pdbx_entry_details.has_protein_modification' 
# 
_database_PDB_caveat.id     1 
_database_PDB_caveat.text   'T8K AAA 214 HAS WRONG CHIRALITY AT ATOM C33' 
# 
_pdbx_database_status.status_code                     REL 
_pdbx_database_status.status_code_sf                  REL 
_pdbx_database_status.status_code_mr                  ? 
_pdbx_database_status.entry_id                        8C39 
_pdbx_database_status.recvd_initial_deposition_date   2022-12-23 
_pdbx_database_status.SG_entry                        N 
_pdbx_database_status.deposit_site                    PDBE 
_pdbx_database_status.process_site                    PDBE 
_pdbx_database_status.status_code_cs                  ? 
_pdbx_database_status.status_code_nmr_data            ? 
_pdbx_database_status.methods_development_category    ? 
_pdbx_database_status.pdb_format_compatible           N 
# 
_pdbx_contact_author.id                 2 
_pdbx_contact_author.email              antonello.merlino@unina.it 
_pdbx_contact_author.name_first         Antonello 
_pdbx_contact_author.name_last          Merlino 
_pdbx_contact_author.name_mi            ? 
_pdbx_contact_author.role               'principal investigator/group leader' 
_pdbx_contact_author.identifier_ORCID   0000-0002-1045-7720 
# 
loop_
_audit_author.name 
_audit_author.pdbx_ordinal 
_audit_author.identifier_ORCID 
'Ferraro, G.' 1 ? 
'Merlino, A.' 2 ? 
# 
_citation.abstract                  ? 
_citation.abstract_id_CAS           ? 
_citation.book_id_ISBN              ? 
_citation.book_publisher            ? 
_citation.book_publisher_city       ? 
_citation.book_title                ? 
_citation.coordinate_linkage        ? 
_citation.country                   US 
_citation.database_id_Medline       ? 
_citation.details                   ? 
_citation.id                        primary 
_citation.journal_abbrev            Organometallics 
_citation.journal_id_ASTM           ? 
_citation.journal_id_CSD            ? 
_citation.journal_id_ISSN           0276-7333 
_citation.journal_full              ? 
_citation.journal_issue             ? 
_citation.journal_volume            42 
_citation.language                  ? 
_citation.page_first                952 
_citation.page_last                 964 
_citation.title                     
;Ruthenium(II)&#8211;Arene Complexes with Glycosylated NHC-Carbene Co-Ligands: Synthesis, Hydrolytic Behavior, and Binding to Biological Molecules
;
_citation.year                      2023 
_citation.database_id_CSD           ? 
_citation.pdbx_database_id_DOI      10.1021/acs.organomet.3c00128 
_citation.pdbx_database_id_PubMed   ? 
_citation.pdbx_database_id_patent   ? 
_citation.unpublished_flag          ? 
# 
loop_
_citation_author.citation_id 
_citation_author.name 
_citation_author.ordinal 
_citation_author.identifier_ORCID 
primary 'Annunziata, A.'    1  ? 
primary 'Cucciolito, M.E.'  2  ? 
primary 'Di Ronza, M.'      3  ? 
primary 'Ferraro, G.'       4  ? 
primary 'Hadiji, M.'        5  ? 
primary 'Merlino, A.'       6  ? 
primary 'Ortiz, D.'         7  ? 
primary 'Scopelliti, R.'    8  ? 
primary 'Fadaei Tirani, F.' 9  ? 
primary 'Dyson, P.J.'       10 ? 
primary 'Ruffo, F.'         11 ? 
# 
loop_
_entity.id 
_entity.type 
_entity.src_method 
_entity.pdbx_description 
_entity.formula_weight 
_entity.pdbx_number_of_molecules 
_entity.pdbx_ec 
_entity.pdbx_mutation 
_entity.pdbx_fragment 
_entity.details 
1 polymer     nat Lysozyme 14331.160 1   ? ? ? ? 
2 non-polymer syn 'SODIUM ION' 22.990    2   ? ? ? ? 
3 non-polymer syn 'NITRATE ION' 62.005    10  ? ? ? ? 
4 non-polymer syn 'CHLORIDE ION' 35.453    1   ? ? ? ? 
5 non-polymer syn 
'[1-[(3R,4S,5R,6R)-6-(hydroxymethyl)-3,4,5-tris(oxidanyl)oxan-2-yl]-3-methyl-imidazol-1-ium-2-yl]-nitrooxy-tris(oxidanyl)ruthenium' 
458.341   1   ? ? ? ? 
6 water       nat water 18.015    176 ? ? ? ? 
# 
_entity_poly.entity_id                      1 
_entity_poly.type                           'polypeptide(L)' 
_entity_poly.nstd_linkage                   no 
_entity_poly.nstd_monomer                   no 
_entity_poly.pdbx_seq_one_letter_code       
;KVFGRCELAAAMKRHGLDNYRGYSLGNWVCAAKFESNFNTQATNRNTDGSTDYGILQINSRWWCNDGRTPGSRNLCNIPC
SALLSSDITASVNCAKKIVSDGNGMNAWVAWRNRCKGTDVQAWIRGCRL
;
_entity_poly.pdbx_seq_one_letter_code_can   
;KVFGRCELAAAMKRHGLDNYRGYSLGNWVCAAKFESNFNTQATNRNTDGSTDYGILQINSRWWCNDGRTPGSRNLCNIPC
SALLSSDITASVNCAKKIVSDGNGMNAWVAWRNRCKGTDVQAWIRGCRL
;
_entity_poly.pdbx_strand_id                 AAA 
_entity_poly.pdbx_target_identifier         ? 
# 
loop_
_pdbx_entity_nonpoly.entity_id 
_pdbx_entity_nonpoly.name 
_pdbx_entity_nonpoly.comp_id 
2 'SODIUM ION' NA  
3 'NITRATE ION' NO3 
4 'CHLORIDE ION' CL  
5 
'[1-[(3R,4S,5R,6R)-6-(hydroxymethyl)-3,4,5-tris(oxidanyl)oxan-2-yl]-3-methyl-imidazol-1-ium-2-yl]-nitrooxy-tris(oxidanyl)ruthenium' 
T8K 
6 water HOH 
# 
loop_
_entity_poly_seq.entity_id 
_entity_poly_seq.num 
_entity_poly_seq.mon_id 
_entity_poly_seq.hetero 
1 1   LYS n 
1 2   VAL n 
1 3   PHE n 
1 4   GLY n 
1 5   ARG n 
1 6   CYS n 
1 7   GLU n 
1 8   LEU n 
1 9   ALA n 
1 10  ALA n 
1 11  ALA n 
1 12  MET n 
1 13  LYS n 
1 14  ARG n 
1 15  HIS n 
1 16  GLY n 
1 17  LEU n 
1 18  ASP n 
1 19  ASN n 
1 20  TYR n 
1 21  ARG n 
1 22  GLY n 
1 23  TYR n 
1 24  SER n 
1 25  LEU n 
1 26  GLY n 
1 27  ASN n 
1 28  TRP n 
1 29  VAL n 
1 30  CYS n 
1 31  ALA n 
1 32  ALA n 
1 33  LYS n 
1 34  PHE n 
1 35  GLU n 
1 36  SER n 
1 37  ASN n 
1 38  PHE n 
1 39  ASN n 
1 40  THR n 
1 41  GLN n 
1 42  ALA n 
1 43  THR n 
1 44  ASN n 
1 45  ARG n 
1 46  ASN n 
1 47  THR n 
1 48  ASP n 
1 49  GLY n 
1 50  SER n 
1 51  THR n 
1 52  ASP n 
1 53  TYR n 
1 54  GLY n 
1 55  ILE n 
1 56  LEU n 
1 57  GLN n 
1 58  ILE n 
1 59  ASN n 
1 60  SER n 
1 61  ARG n 
1 62  TRP n 
1 63  TRP n 
1 64  CYS n 
1 65  ASN n 
1 66  ASP n 
1 67  GLY n 
1 68  ARG n 
1 69  THR n 
1 70  PRO n 
1 71  GLY n 
1 72  SER n 
1 73  ARG n 
1 74  ASN n 
1 75  LEU n 
1 76  CYS n 
1 77  ASN n 
1 78  ILE n 
1 79  PRO n 
1 80  CYS n 
1 81  SER n 
1 82  ALA n 
1 83  LEU n 
1 84  LEU n 
1 85  SER n 
1 86  SER n 
1 87  ASP n 
1 88  ILE n 
1 89  THR n 
1 90  ALA n 
1 91  SER n 
1 92  VAL n 
1 93  ASN n 
1 94  CYS n 
1 95  ALA n 
1 96  LYS n 
1 97  LYS n 
1 98  ILE n 
1 99  VAL n 
1 100 SER n 
1 101 ASP n 
1 102 GLY n 
1 103 ASN n 
1 104 GLY n 
1 105 MET n 
1 106 ASN n 
1 107 ALA n 
1 108 TRP n 
1 109 VAL n 
1 110 ALA n 
1 111 TRP n 
1 112 ARG n 
1 113 ASN n 
1 114 ARG n 
1 115 CYS n 
1 116 LYS n 
1 117 GLY n 
1 118 THR n 
1 119 ASP n 
1 120 VAL n 
1 121 GLN n 
1 122 ALA n 
1 123 TRP n 
1 124 ILE n 
1 125 ARG n 
1 126 GLY n 
1 127 CYS n 
1 128 ARG n 
1 129 LEU n 
# 
_entity_src_nat.entity_id                  1 
_entity_src_nat.pdbx_src_id                1 
_entity_src_nat.pdbx_alt_source_flag       sample 
_entity_src_nat.pdbx_beg_seq_num           1 
_entity_src_nat.pdbx_end_seq_num           129 
_entity_src_nat.common_name                chicken 
_entity_src_nat.pdbx_organism_scientific   'Gallus gallus' 
_entity_src_nat.pdbx_ncbi_taxonomy_id      9031 
_entity_src_nat.genus                      ? 
_entity_src_nat.species                    ? 
_entity_src_nat.strain                     ? 
_entity_src_nat.tissue                     ? 
_entity_src_nat.tissue_fraction            ? 
_entity_src_nat.pdbx_secretion             ? 
_entity_src_nat.pdbx_fragment              ? 
_entity_src_nat.pdbx_variant               ? 
_entity_src_nat.pdbx_cell_line             ? 
_entity_src_nat.pdbx_atcc                  ? 
_entity_src_nat.pdbx_cellular_location     ? 
_entity_src_nat.pdbx_organ                 ? 
_entity_src_nat.pdbx_organelle             ? 
_entity_src_nat.pdbx_cell                  ? 
_entity_src_nat.pdbx_plasmid_name          ? 
_entity_src_nat.pdbx_plasmid_details       ? 
_entity_src_nat.details                    ? 
# 
loop_
_chem_comp.id 
_chem_comp.type 
_chem_comp.mon_nstd_flag 
_chem_comp.name 
_chem_comp.pdbx_synonyms 
_chem_comp.formula 
_chem_comp.formula_weight 
ALA 'L-peptide linking' y ALANINE ? 'C3 H7 N O2'          89.093  
ARG 'L-peptide linking' y ARGININE ? 'C6 H15 N4 O2 1'      175.209 
ASN 'L-peptide linking' y ASPARAGINE ? 'C4 H8 N2 O3'         132.118 
ASP 'L-peptide linking' y 'ASPARTIC ACID' ? 'C4 H7 N O4'          133.103 
CL  non-polymer         . 'CHLORIDE ION' ? 'Cl -1'               35.453  
CYS 'L-peptide linking' y CYSTEINE ? 'C3 H7 N O2 S'        121.158 
GLN 'L-peptide linking' y GLUTAMINE ? 'C5 H10 N2 O3'        146.144 
GLU 'L-peptide linking' y 'GLUTAMIC ACID' ? 'C5 H9 N O4'          147.129 
GLY 'peptide linking'   y GLYCINE ? 'C2 H5 N O2'          75.067  
HIS 'L-peptide linking' y HISTIDINE ? 'C6 H10 N3 O2 1'      156.162 
HOH non-polymer         . WATER ? 'H2 O'                18.015  
ILE 'L-peptide linking' y ISOLEUCINE ? 'C6 H13 N O2'         131.173 
LEU 'L-peptide linking' y LEUCINE ? 'C6 H13 N O2'         131.173 
LYS 'L-peptide linking' y LYSINE ? 'C6 H15 N2 O2 1'      147.195 
MET 'L-peptide linking' y METHIONINE ? 'C5 H11 N O2 S'       149.211 
NA  non-polymer         . 'SODIUM ION' ? 'Na 1'                22.990  
NO3 non-polymer         . 'NITRATE ION' ? 'N O3 -1'             62.005  
PHE 'L-peptide linking' y PHENYLALANINE ? 'C9 H11 N O2'         165.189 
PRO 'L-peptide linking' y PROLINE ? 'C5 H9 N O2'          115.130 
SER 'L-peptide linking' y SERINE ? 'C3 H7 N O3'          105.093 
T8K non-polymer         . 
'[1-[(3R,4S,5R,6R)-6-(hydroxymethyl)-3,4,5-tris(oxidanyl)oxan-2-yl]-3-methyl-imidazol-1-ium-2-yl]-nitrooxy-tris(oxidanyl)ruthenium' 
;(4'~{R},6'~{S},7'~{S})-17'-fluoranyl-4',6'-dimethyl-13'-[(4~{S})-4-methyl-2-oxidanylidene-1,3-oxazolidin-3-yl]spiro[1,3-diazinane-5,8'-5,15-dioxa-2,14-diazatetracyclo[8.7.0.0^{2,7}.0^{12,16}]heptadeca-1(17),10,12(16),13-tetraene]-2,4,6-trione
;
'C10 H19 N3 O11 Ru 1' 458.341 
THR 'L-peptide linking' y THREONINE ? 'C4 H9 N O3'          119.119 
TRP 'L-peptide linking' y TRYPTOPHAN ? 'C11 H12 N2 O2'       204.225 
TYR 'L-peptide linking' y TYROSINE ? 'C9 H11 N O3'         181.189 
VAL 'L-peptide linking' y VALINE ? 'C5 H11 N O2'         117.146 
# 
loop_
_pdbx_poly_seq_scheme.asym_id 
_pdbx_poly_seq_scheme.entity_id 
_pdbx_poly_seq_scheme.seq_id 
_pdbx_poly_seq_scheme.mon_id 
_pdbx_poly_seq_scheme.ndb_seq_num 
_pdbx_poly_seq_scheme.pdb_seq_num 
_pdbx_poly_seq_scheme.auth_seq_num 
_pdbx_poly_seq_scheme.pdb_mon_id 
_pdbx_poly_seq_scheme.auth_mon_id 
_pdbx_poly_seq_scheme.pdb_strand_id 
_pdbx_poly_seq_scheme.pdb_ins_code 
_pdbx_poly_seq_scheme.hetero 
A 1 1   LYS 1   1   1   LYS LYS AAA . n 
A 1 2   VAL 2   2   2   VAL VAL AAA . n 
A 1 3   PHE 3   3   3   PHE PHE AAA . n 
A 1 4   GLY 4   4   4   GLY GLY AAA . n 
A 1 5   ARG 5   5   5   ARG ARG AAA . n 
A 1 6   CYS 6   6   6   CYS CYS AAA . n 
A 1 7   GLU 7   7   7   GLU GLU AAA . n 
A 1 8   LEU 8   8   8   LEU LEU AAA . n 
A 1 9   ALA 9   9   9   ALA ALA AAA . n 
A 1 10  ALA 10  10  10  ALA ALA AAA . n 
A 1 11  ALA 11  11  11  ALA ALA AAA . n 
A 1 12  MET 12  12  12  MET MET AAA . n 
A 1 13  LYS 13  13  13  LYS LYS AAA . n 
A 1 14  ARG 14  14  14  ARG ARG AAA . n 
A 1 15  HIS 15  15  15  HIS HIS AAA . n 
A 1 16  GLY 16  16  16  GLY GLY AAA . n 
A 1 17  LEU 17  17  17  LEU LEU AAA . n 
A 1 18  ASP 18  18  18  ASP ASP AAA . n 
A 1 19  ASN 19  19  19  ASN ASN AAA . n 
A 1 20  TYR 20  20  20  TYR TYR AAA . n 
A 1 21  ARG 21  21  21  ARG ARG AAA . n 
A 1 22  GLY 22  22  22  GLY GLY AAA . n 
A 1 23  TYR 23  23  23  TYR TYR AAA . n 
A 1 24  SER 24  24  24  SER SER AAA . n 
A 1 25  LEU 25  25  25  LEU LEU AAA . n 
A 1 26  GLY 26  26  26  GLY GLY AAA . n 
A 1 27  ASN 27  27  27  ASN ASN AAA . n 
A 1 28  TRP 28  28  28  TRP TRP AAA . n 
A 1 29  VAL 29  29  29  VAL VAL AAA . n 
A 1 30  CYS 30  30  30  CYS CYS AAA . n 
A 1 31  ALA 31  31  31  ALA ALA AAA . n 
A 1 32  ALA 32  32  32  ALA ALA AAA . n 
A 1 33  LYS 33  33  33  LYS LYS AAA . n 
A 1 34  PHE 34  34  34  PHE PHE AAA . n 
A 1 35  GLU 35  35  35  GLU GLU AAA . n 
A 1 36  SER 36  36  36  SER SER AAA . n 
A 1 37  ASN 37  37  37  ASN ASN AAA . n 
A 1 38  PHE 38  38  38  PHE PHE AAA . n 
A 1 39  ASN 39  39  39  ASN ASN AAA . n 
A 1 40  THR 40  40  40  THR THR AAA . n 
A 1 41  GLN 41  41  41  GLN GLN AAA . n 
A 1 42  ALA 42  42  42  ALA ALA AAA . n 
A 1 43  THR 43  43  43  THR THR AAA . n 
A 1 44  ASN 44  44  44  ASN ASN AAA . n 
A 1 45  ARG 45  45  45  ARG ARG AAA . n 
A 1 46  ASN 46  46  46  ASN ASN AAA . n 
A 1 47  THR 47  47  47  THR THR AAA . n 
A 1 48  ASP 48  48  48  ASP ASP AAA . n 
A 1 49  GLY 49  49  49  GLY GLY AAA . n 
A 1 50  SER 50  50  50  SER SER AAA . n 
A 1 51  THR 51  51  51  THR THR AAA . n 
A 1 52  ASP 52  52  52  ASP ASP AAA . n 
A 1 53  TYR 53  53  53  TYR TYR AAA . n 
A 1 54  GLY 54  54  54  GLY GLY AAA . n 
A 1 55  ILE 55  55  55  ILE ILE AAA . n 
A 1 56  LEU 56  56  56  LEU LEU AAA . n 
A 1 57  GLN 57  57  57  GLN GLN AAA . n 
A 1 58  ILE 58  58  58  ILE ILE AAA . n 
A 1 59  ASN 59  59  59  ASN ASN AAA . n 
A 1 60  SER 60  60  60  SER SER AAA . n 
A 1 61  ARG 61  61  61  ARG ARG AAA . n 
A 1 62  TRP 62  62  62  TRP TRP AAA . n 
A 1 63  TRP 63  63  63  TRP TRP AAA . n 
A 1 64  CYS 64  64  64  CYS CYS AAA . n 
A 1 65  ASN 65  65  65  ASN ASN AAA . n 
A 1 66  ASP 66  66  66  ASP ASP AAA . n 
A 1 67  GLY 67  67  67  GLY GLY AAA . n 
A 1 68  ARG 68  68  68  ARG ARG AAA . n 
A 1 69  THR 69  69  69  THR THR AAA . n 
A 1 70  PRO 70  70  70  PRO PRO AAA . n 
A 1 71  GLY 71  71  71  GLY GLY AAA . n 
A 1 72  SER 72  72  72  SER SER AAA . n 
A 1 73  ARG 73  73  73  ARG ARG AAA . n 
A 1 74  ASN 74  74  74  ASN ASN AAA . n 
A 1 75  LEU 75  75  75  LEU LEU AAA . n 
A 1 76  CYS 76  76  76  CYS CYS AAA . n 
A 1 77  ASN 77  77  77  ASN ASN AAA . n 
A 1 78  ILE 78  78  78  ILE ILE AAA . n 
A 1 79  PRO 79  79  79  PRO PRO AAA . n 
A 1 80  CYS 80  80  80  CYS CYS AAA . n 
A 1 81  SER 81  81  81  SER SER AAA . n 
A 1 82  ALA 82  82  82  ALA ALA AAA . n 
A 1 83  LEU 83  83  83  LEU LEU AAA . n 
A 1 84  LEU 84  84  84  LEU LEU AAA . n 
A 1 85  SER 85  85  85  SER SER AAA . n 
A 1 86  SER 86  86  86  SER SER AAA . n 
A 1 87  ASP 87  87  87  ASP ASP AAA . n 
A 1 88  ILE 88  88  88  ILE ILE AAA . n 
A 1 89  THR 89  89  89  THR THR AAA . n 
A 1 90  ALA 90  90  90  ALA ALA AAA . n 
A 1 91  SER 91  91  91  SER SER AAA . n 
A 1 92  VAL 92  92  92  VAL VAL AAA . n 
A 1 93  ASN 93  93  93  ASN ASN AAA . n 
A 1 94  CYS 94  94  94  CYS CYS AAA . n 
A 1 95  ALA 95  95  95  ALA ALA AAA . n 
A 1 96  LYS 96  96  96  LYS LYS AAA . n 
A 1 97  LYS 97  97  97  LYS LYS AAA . n 
A 1 98  ILE 98  98  98  ILE ILE AAA . n 
A 1 99  VAL 99  99  99  VAL VAL AAA . n 
A 1 100 SER 100 100 100 SER SER AAA . n 
A 1 101 ASP 101 101 101 ASP ASP AAA . n 
A 1 102 GLY 102 102 102 GLY GLY AAA . n 
A 1 103 ASN 103 103 103 ASN ASN AAA . n 
A 1 104 GLY 104 104 104 GLY GLY AAA . n 
A 1 105 MET 105 105 105 MET MET AAA . n 
A 1 106 ASN 106 106 106 ASN ASN AAA . n 
A 1 107 ALA 107 107 107 ALA ALA AAA . n 
A 1 108 TRP 108 108 108 TRP TRP AAA . n 
A 1 109 VAL 109 109 109 VAL VAL AAA . n 
A 1 110 ALA 110 110 110 ALA ALA AAA . n 
A 1 111 TRP 111 111 111 TRP TRP AAA . n 
A 1 112 ARG 112 112 112 ARG ARG AAA . n 
A 1 113 ASN 113 113 113 ASN ASN AAA . n 
A 1 114 ARG 114 114 114 ARG ARG AAA . n 
A 1 115 CYS 115 115 115 CYS CYS AAA . n 
A 1 116 LYS 116 116 116 LYS LYS AAA . n 
A 1 117 GLY 117 117 117 GLY GLY AAA . n 
A 1 118 THR 118 118 118 THR THR AAA . n 
A 1 119 ASP 119 119 119 ASP ASP AAA . n 
A 1 120 VAL 120 120 120 VAL VAL AAA . n 
A 1 121 GLN 121 121 121 GLN GLN AAA . n 
A 1 122 ALA 122 122 122 ALA ALA AAA . n 
A 1 123 TRP 123 123 123 TRP TRP AAA . n 
A 1 124 ILE 124 124 124 ILE ILE AAA . n 
A 1 125 ARG 125 125 125 ARG ARG AAA . n 
A 1 126 GLY 126 126 126 GLY GLY AAA . n 
A 1 127 CYS 127 127 127 CYS CYS AAA . n 
A 1 128 ARG 128 128 128 ARG ARG AAA . n 
A 1 129 LEU 129 129 129 LEU LEU AAA . n 
# 
_pdbx_entity_instance_feature.ordinal        1 
_pdbx_entity_instance_feature.comp_id        T8K 
_pdbx_entity_instance_feature.asym_id        ? 
_pdbx_entity_instance_feature.seq_num        ? 
_pdbx_entity_instance_feature.auth_comp_id   T8K 
_pdbx_entity_instance_feature.auth_asym_id   ? 
_pdbx_entity_instance_feature.auth_seq_num   ? 
_pdbx_entity_instance_feature.feature_type   'SUBJECT OF INVESTIGATION' 
_pdbx_entity_instance_feature.details        ? 
# 
loop_
_pdbx_nonpoly_scheme.asym_id 
_pdbx_nonpoly_scheme.entity_id 
_pdbx_nonpoly_scheme.mon_id 
_pdbx_nonpoly_scheme.ndb_seq_num 
_pdbx_nonpoly_scheme.pdb_seq_num 
_pdbx_nonpoly_scheme.auth_seq_num 
_pdbx_nonpoly_scheme.pdb_mon_id 
_pdbx_nonpoly_scheme.auth_mon_id 
_pdbx_nonpoly_scheme.pdb_strand_id 
_pdbx_nonpoly_scheme.pdb_ins_code 
B 2 NA  1   201 131 NA  NA  AAA . 
C 3 NO3 1   202 1   NO3 NO3 AAA . 
D 3 NO3 1   203 2   NO3 NO3 AAA . 
E 3 NO3 1   204 4   NO3 NO3 AAA . 
F 3 NO3 1   205 5   NO3 NO3 AAA . 
G 3 NO3 1   206 7   NO3 NO3 AAA . 
H 3 NO3 1   207 9   NO3 NO3 AAA . 
I 3 NO3 1   208 10  NO3 NO3 AAA . 
J 3 NO3 1   209 11  NO3 NO3 AAA . 
K 3 NO3 1   210 12  NO3 NO3 AAA . 
L 3 NO3 1   211 13  NO3 NO3 AAA . 
M 4 CL  1   212 1   CL  CL  AAA . 
N 2 NA  1   213 1   NA  NA  AAA . 
O 5 T8K 1   214 1   T8K R8U AAA . 
P 6 HOH 1   301 113 HOH HOH AAA . 
P 6 HOH 2   302 32  HOH HOH AAA . 
P 6 HOH 3   303 99  HOH HOH AAA . 
P 6 HOH 4   304 9   HOH HOH AAA . 
P 6 HOH 5   305 102 HOH HOH AAA . 
P 6 HOH 6   306 28  HOH HOH AAA . 
P 6 HOH 7   307 33  HOH HOH AAA . 
P 6 HOH 8   308 127 HOH HOH AAA . 
P 6 HOH 9   309 67  HOH HOH AAA . 
P 6 HOH 10  310 50  HOH HOH AAA . 
P 6 HOH 11  311 54  HOH HOH AAA . 
P 6 HOH 12  312 145 HOH HOH AAA . 
P 6 HOH 13  313 179 HOH HOH AAA . 
P 6 HOH 14  314 91  HOH HOH AAA . 
P 6 HOH 15  315 95  HOH HOH AAA . 
P 6 HOH 16  316 159 HOH HOH AAA . 
P 6 HOH 17  317 48  HOH HOH AAA . 
P 6 HOH 18  318 65  HOH HOH AAA . 
P 6 HOH 19  319 59  HOH HOH AAA . 
P 6 HOH 20  320 144 HOH HOH AAA . 
P 6 HOH 21  321 203 HOH HOH AAA . 
P 6 HOH 22  322 147 HOH HOH AAA . 
P 6 HOH 23  323 211 HOH HOH AAA . 
P 6 HOH 24  324 19  HOH HOH AAA . 
P 6 HOH 25  325 90  HOH HOH AAA . 
P 6 HOH 26  326 17  HOH HOH AAA . 
P 6 HOH 27  327 6   HOH HOH AAA . 
P 6 HOH 28  328 103 HOH HOH AAA . 
P 6 HOH 29  329 78  HOH HOH AAA . 
P 6 HOH 30  330 64  HOH HOH AAA . 
P 6 HOH 31  331 210 HOH HOH AAA . 
P 6 HOH 32  332 22  HOH HOH AAA . 
P 6 HOH 33  333 156 HOH HOH AAA . 
P 6 HOH 34  334 116 HOH HOH AAA . 
P 6 HOH 35  335 27  HOH HOH AAA . 
P 6 HOH 36  336 97  HOH HOH AAA . 
P 6 HOH 37  337 92  HOH HOH AAA . 
P 6 HOH 38  338 81  HOH HOH AAA . 
P 6 HOH 39  339 124 HOH HOH AAA . 
P 6 HOH 40  340 40  HOH HOH AAA . 
P 6 HOH 41  341 85  HOH HOH AAA . 
P 6 HOH 42  342 120 HOH HOH AAA . 
P 6 HOH 43  343 5   HOH HOH AAA . 
P 6 HOH 44  344 1   HOH HOH AAA . 
P 6 HOH 45  345 36  HOH HOH AAA . 
P 6 HOH 46  346 73  HOH HOH AAA . 
P 6 HOH 47  347 187 HOH HOH AAA . 
P 6 HOH 48  348 55  HOH HOH AAA . 
P 6 HOH 49  349 117 HOH HOH AAA . 
P 6 HOH 50  350 52  HOH HOH AAA . 
P 6 HOH 51  351 82  HOH HOH AAA . 
P 6 HOH 52  352 135 HOH HOH AAA . 
P 6 HOH 53  353 3   HOH HOH AAA . 
P 6 HOH 54  354 20  HOH HOH AAA . 
P 6 HOH 55  355 169 HOH HOH AAA . 
P 6 HOH 56  356 62  HOH HOH AAA . 
P 6 HOH 57  357 80  HOH HOH AAA . 
P 6 HOH 58  358 168 HOH HOH AAA . 
P 6 HOH 59  359 14  HOH HOH AAA . 
P 6 HOH 60  360 26  HOH HOH AAA . 
P 6 HOH 61  361 7   HOH HOH AAA . 
P 6 HOH 62  362 63  HOH HOH AAA . 
P 6 HOH 63  363 141 HOH HOH AAA . 
P 6 HOH 64  364 31  HOH HOH AAA . 
P 6 HOH 65  365 75  HOH HOH AAA . 
P 6 HOH 66  366 44  HOH HOH AAA . 
P 6 HOH 67  367 24  HOH HOH AAA . 
P 6 HOH 68  368 51  HOH HOH AAA . 
P 6 HOH 69  369 180 HOH HOH AAA . 
P 6 HOH 70  370 71  HOH HOH AAA . 
P 6 HOH 71  371 125 HOH HOH AAA . 
P 6 HOH 72  372 29  HOH HOH AAA . 
P 6 HOH 73  373 41  HOH HOH AAA . 
P 6 HOH 74  374 107 HOH HOH AAA . 
P 6 HOH 75  375 172 HOH HOH AAA . 
P 6 HOH 76  376 215 HOH HOH AAA . 
P 6 HOH 77  377 34  HOH HOH AAA . 
P 6 HOH 78  378 181 HOH HOH AAA . 
P 6 HOH 79  379 150 HOH HOH AAA . 
P 6 HOH 80  380 118 HOH HOH AAA . 
P 6 HOH 81  381 45  HOH HOH AAA . 
P 6 HOH 82  382 16  HOH HOH AAA . 
P 6 HOH 83  383 2   HOH HOH AAA . 
P 6 HOH 84  384 39  HOH HOH AAA . 
P 6 HOH 85  385 115 HOH HOH AAA . 
P 6 HOH 86  386 30  HOH HOH AAA . 
P 6 HOH 87  387 136 HOH HOH AAA . 
P 6 HOH 88  388 46  HOH HOH AAA . 
P 6 HOH 89  389 18  HOH HOH AAA . 
P 6 HOH 90  390 66  HOH HOH AAA . 
P 6 HOH 91  391 10  HOH HOH AAA . 
P 6 HOH 92  392 149 HOH HOH AAA . 
P 6 HOH 93  393 88  HOH HOH AAA . 
P 6 HOH 94  394 61  HOH HOH AAA . 
P 6 HOH 95  395 15  HOH HOH AAA . 
P 6 HOH 96  396 79  HOH HOH AAA . 
P 6 HOH 97  397 68  HOH HOH AAA . 
P 6 HOH 98  398 42  HOH HOH AAA . 
P 6 HOH 99  399 25  HOH HOH AAA . 
P 6 HOH 100 400 189 HOH HOH AAA . 
P 6 HOH 101 401 184 HOH HOH AAA . 
P 6 HOH 102 402 53  HOH HOH AAA . 
P 6 HOH 103 403 171 HOH HOH AAA . 
P 6 HOH 104 404 121 HOH HOH AAA . 
P 6 HOH 105 405 157 HOH HOH AAA . 
P 6 HOH 106 406 219 HOH HOH AAA . 
P 6 HOH 107 407 86  HOH HOH AAA . 
P 6 HOH 108 408 119 HOH HOH AAA . 
P 6 HOH 109 409 83  HOH HOH AAA . 
P 6 HOH 110 410 170 HOH HOH AAA . 
P 6 HOH 111 411 202 HOH HOH AAA . 
P 6 HOH 112 412 148 HOH HOH AAA . 
P 6 HOH 113 413 70  HOH HOH AAA . 
P 6 HOH 114 414 11  HOH HOH AAA . 
P 6 HOH 115 415 201 HOH HOH AAA . 
P 6 HOH 116 416 112 HOH HOH AAA . 
P 6 HOH 117 417 100 HOH HOH AAA . 
P 6 HOH 118 418 175 HOH HOH AAA . 
P 6 HOH 119 419 138 HOH HOH AAA . 
P 6 HOH 120 420 114 HOH HOH AAA . 
P 6 HOH 121 421 77  HOH HOH AAA . 
P 6 HOH 122 422 188 HOH HOH AAA . 
P 6 HOH 123 423 58  HOH HOH AAA . 
P 6 HOH 124 424 193 HOH HOH AAA . 
P 6 HOH 125 425 60  HOH HOH AAA . 
P 6 HOH 126 426 183 HOH HOH AAA . 
P 6 HOH 127 427 140 HOH HOH AAA . 
P 6 HOH 128 428 173 HOH HOH AAA . 
P 6 HOH 129 429 76  HOH HOH AAA . 
P 6 HOH 130 430 89  HOH HOH AAA . 
P 6 HOH 131 431 129 HOH HOH AAA . 
P 6 HOH 132 432 74  HOH HOH AAA . 
P 6 HOH 133 433 128 HOH HOH AAA . 
P 6 HOH 134 434 198 HOH HOH AAA . 
P 6 HOH 135 435 178 HOH HOH AAA . 
P 6 HOH 136 436 126 HOH HOH AAA . 
P 6 HOH 137 437 186 HOH HOH AAA . 
P 6 HOH 138 438 212 HOH HOH AAA . 
P 6 HOH 139 439 94  HOH HOH AAA . 
P 6 HOH 140 440 8   HOH HOH AAA . 
P 6 HOH 141 441 218 HOH HOH AAA . 
P 6 HOH 142 442 209 HOH HOH AAA . 
P 6 HOH 143 443 84  HOH HOH AAA . 
P 6 HOH 144 444 13  HOH HOH AAA . 
P 6 HOH 145 445 166 HOH HOH AAA . 
P 6 HOH 146 446 104 HOH HOH AAA . 
P 6 HOH 147 447 43  HOH HOH AAA . 
P 6 HOH 148 448 216 HOH HOH AAA . 
P 6 HOH 149 449 217 HOH HOH AAA . 
P 6 HOH 150 450 191 HOH HOH AAA . 
P 6 HOH 151 451 49  HOH HOH AAA . 
P 6 HOH 152 452 142 HOH HOH AAA . 
P 6 HOH 153 453 158 HOH HOH AAA . 
P 6 HOH 154 454 93  HOH HOH AAA . 
P 6 HOH 155 455 154 HOH HOH AAA . 
P 6 HOH 156 456 190 HOH HOH AAA . 
P 6 HOH 157 457 176 HOH HOH AAA . 
P 6 HOH 158 458 192 HOH HOH AAA . 
P 6 HOH 159 459 106 HOH HOH AAA . 
P 6 HOH 160 460 87  HOH HOH AAA . 
P 6 HOH 161 461 123 HOH HOH AAA . 
P 6 HOH 162 462 47  HOH HOH AAA . 
P 6 HOH 163 463 221 HOH HOH AAA . 
P 6 HOH 164 464 37  HOH HOH AAA . 
P 6 HOH 165 465 143 HOH HOH AAA . 
P 6 HOH 166 466 204 HOH HOH AAA . 
P 6 HOH 167 467 132 HOH HOH AAA . 
P 6 HOH 168 468 155 HOH HOH AAA . 
P 6 HOH 169 469 164 HOH HOH AAA . 
P 6 HOH 170 470 72  HOH HOH AAA . 
P 6 HOH 171 471 139 HOH HOH AAA . 
P 6 HOH 172 472 146 HOH HOH AAA . 
P 6 HOH 173 473 162 HOH HOH AAA . 
P 6 HOH 174 474 105 HOH HOH AAA . 
P 6 HOH 175 475 165 HOH HOH AAA . 
P 6 HOH 176 476 200 HOH HOH AAA . 
# 
loop_
_software.citation_id 
_software.classification 
_software.compiler_name 
_software.compiler_version 
_software.contact_author 
_software.contact_author_email 
_software.date 
_software.description 
_software.dependencies 
_software.hardware 
_software.language 
_software.location 
_software.mods 
_software.name 
_software.os 
_software.os_version 
_software.type 
_software.version 
_software.pdbx_ordinal 
? refinement       ? ? ? ? ? ? ? ? ? ? ? REFMAC   ? ? ? 5.8.0267 1 
? 'data reduction' ? ? ? ? ? ? ? ? ? ? ? autoPROC ? ? ? .        2 
? 'data scaling'   ? ? ? ? ? ? ? ? ? ? ? autoPROC ? ? ? .        3 
? phasing          ? ? ? ? ? ? ? ? ? ? ? PHASER   ? ? ? .        4 
# 
_cell.angle_alpha                  90.000 
_cell.angle_alpha_esd              ? 
_cell.angle_beta                   90.000 
_cell.angle_beta_esd               ? 
_cell.angle_gamma                  90.000 
_cell.angle_gamma_esd              ? 
_cell.entry_id                     8C39 
_cell.details                      ? 
_cell.formula_units_Z              ? 
_cell.length_a                     77.430 
_cell.length_a_esd                 ? 
_cell.length_b                     77.430 
_cell.length_b_esd                 ? 
_cell.length_c                     37.900 
_cell.length_c_esd                 ? 
_cell.volume                       ? 
_cell.volume_esd                   ? 
_cell.Z_PDB                        8 
_cell.reciprocal_angle_alpha       ? 
_cell.reciprocal_angle_beta        ? 
_cell.reciprocal_angle_gamma       ? 
_cell.reciprocal_angle_alpha_esd   ? 
_cell.reciprocal_angle_beta_esd    ? 
_cell.reciprocal_angle_gamma_esd   ? 
_cell.reciprocal_length_a          ? 
_cell.reciprocal_length_b          ? 
_cell.reciprocal_length_c          ? 
_cell.reciprocal_length_a_esd      ? 
_cell.reciprocal_length_b_esd      ? 
_cell.reciprocal_length_c_esd      ? 
_cell.pdbx_unique_axis             ? 
_cell.pdbx_esd_method              ? 
# 
_symmetry.entry_id                         8C39 
_symmetry.cell_setting                     ? 
_symmetry.Int_Tables_number                96 
_symmetry.space_group_name_Hall            ? 
_symmetry.space_group_name_H-M             'P 43 21 2' 
_symmetry.pdbx_full_space_group_name_H-M   ? 
# 
_exptl.absorpt_coefficient_mu     ? 
_exptl.absorpt_correction_T_max   ? 
_exptl.absorpt_correction_T_min   ? 
_exptl.absorpt_correction_type    ? 
_exptl.absorpt_process_details    ? 
_exptl.entry_id                   8C39 
_exptl.crystals_number            1 
_exptl.details                    ? 
_exptl.method                     'X-RAY DIFFRACTION' 
_exptl.method_details             ? 
# 
_exptl_crystal.colour                       ? 
_exptl_crystal.density_diffrn               ? 
_exptl_crystal.density_Matthews             1.98 
_exptl_crystal.density_method               ? 
_exptl_crystal.density_percent_sol          37.94 
_exptl_crystal.description                  ? 
_exptl_crystal.F_000                        ? 
_exptl_crystal.id                           1 
_exptl_crystal.preparation                  ? 
_exptl_crystal.size_max                     ? 
_exptl_crystal.size_mid                     ? 
_exptl_crystal.size_min                     ? 
_exptl_crystal.size_rad                     ? 
_exptl_crystal.colour_lustre                ? 
_exptl_crystal.colour_modifier              ? 
_exptl_crystal.colour_primary               ? 
_exptl_crystal.density_meas                 ? 
_exptl_crystal.density_meas_esd             ? 
_exptl_crystal.density_meas_gt              ? 
_exptl_crystal.density_meas_lt              ? 
_exptl_crystal.density_meas_temp            ? 
_exptl_crystal.density_meas_temp_esd        ? 
_exptl_crystal.density_meas_temp_gt         ? 
_exptl_crystal.density_meas_temp_lt         ? 
_exptl_crystal.pdbx_crystal_image_url       ? 
_exptl_crystal.pdbx_crystal_image_format    ? 
_exptl_crystal.pdbx_mosaicity               ? 
_exptl_crystal.pdbx_mosaicity_esd           ? 
_exptl_crystal.pdbx_mosaic_method           ? 
_exptl_crystal.pdbx_mosaic_block_size       ? 
_exptl_crystal.pdbx_mosaic_block_size_esd   ? 
# 
_exptl_crystal_grow.apparatus       ? 
_exptl_crystal_grow.atmosphere      ? 
_exptl_crystal_grow.crystal_id      1 
_exptl_crystal_grow.details         ? 
_exptl_crystal_grow.method          'VAPOR DIFFUSION, HANGING DROP' 
_exptl_crystal_grow.method_ref      ? 
_exptl_crystal_grow.pH              4.0 
_exptl_crystal_grow.pressure        ? 
_exptl_crystal_grow.pressure_esd    ? 
_exptl_crystal_grow.seeding         ? 
_exptl_crystal_grow.seeding_ref     ? 
_exptl_crystal_grow.temp_details    ? 
_exptl_crystal_grow.temp_esd        ? 
_exptl_crystal_grow.time            ? 
_exptl_crystal_grow.pdbx_details    '20% ethylene glycol, 0.1 M sodium acetate buffer at pH 4.0, 0.6 M sodium nitrate' 
_exptl_crystal_grow.pdbx_pH_range   ? 
_exptl_crystal_grow.temp            293 
# 
_diffrn.ambient_environment              ? 
_diffrn.ambient_temp                     100 
_diffrn.ambient_temp_details             ? 
_diffrn.ambient_temp_esd                 ? 
_diffrn.crystal_id                       1 
_diffrn.crystal_support                  ? 
_diffrn.crystal_treatment                ? 
_diffrn.details                          ? 
_diffrn.id                               1 
_diffrn.ambient_pressure                 ? 
_diffrn.ambient_pressure_esd             ? 
_diffrn.ambient_pressure_gt              ? 
_diffrn.ambient_pressure_lt              ? 
_diffrn.ambient_temp_gt                  ? 
_diffrn.ambient_temp_lt                  ? 
_diffrn.pdbx_serial_crystal_experiment   N 
# 
_diffrn_detector.details                      ? 
_diffrn_detector.detector                     PIXEL 
_diffrn_detector.diffrn_id                    1 
_diffrn_detector.type                         'DECTRIS PILATUS 6M' 
_diffrn_detector.area_resol_mean              ? 
_diffrn_detector.dtime                        ? 
_diffrn_detector.pdbx_frames_total            ? 
_diffrn_detector.pdbx_collection_time_total   ? 
_diffrn_detector.pdbx_collection_date         2021-03-04 
_diffrn_detector.pdbx_frequency               ? 
# 
_diffrn_radiation.collimation                      ? 
_diffrn_radiation.diffrn_id                        1 
_diffrn_radiation.filter_edge                      ? 
_diffrn_radiation.inhomogeneity                    ? 
_diffrn_radiation.monochromator                    ? 
_diffrn_radiation.polarisn_norm                    ? 
_diffrn_radiation.polarisn_ratio                   ? 
_diffrn_radiation.probe                            ? 
_diffrn_radiation.type                             ? 
_diffrn_radiation.xray_symbol                      ? 
_diffrn_radiation.wavelength_id                    1 
_diffrn_radiation.pdbx_monochromatic_or_laue_m_l   M 
_diffrn_radiation.pdbx_wavelength_list             ? 
_diffrn_radiation.pdbx_wavelength                  ? 
_diffrn_radiation.pdbx_diffrn_protocol             'SINGLE WAVELENGTH' 
_diffrn_radiation.pdbx_analyzer                    ? 
_diffrn_radiation.pdbx_scattering_type             x-ray 
# 
_diffrn_radiation_wavelength.id           1 
_diffrn_radiation_wavelength.wavelength   1.00 
_diffrn_radiation_wavelength.wt           1.0 
# 
_diffrn_source.current                     ? 
_diffrn_source.details                     ? 
_diffrn_source.diffrn_id                   1 
_diffrn_source.power                       ? 
_diffrn_source.size                        ? 
_diffrn_source.source                      SYNCHROTRON 
_diffrn_source.target                      ? 
_diffrn_source.type                        'ELETTRA BEAMLINE 11.2C' 
_diffrn_source.voltage                     ? 
_diffrn_source.take-off_angle              ? 
_diffrn_source.pdbx_wavelength_list        1.00 
_diffrn_source.pdbx_wavelength             ? 
_diffrn_source.pdbx_synchrotron_beamline   11.2C 
_diffrn_source.pdbx_synchrotron_site       ELETTRA 
# 
_reflns.B_iso_Wilson_estimate                          ? 
_reflns.entry_id                                       8C39 
_reflns.data_reduction_details                         ? 
_reflns.data_reduction_method                          ? 
_reflns.d_resolution_high                              1.20 
_reflns.d_resolution_low                               34.63 
_reflns.details                                        ? 
_reflns.limit_h_max                                    ? 
_reflns.limit_h_min                                    ? 
_reflns.limit_k_max                                    ? 
_reflns.limit_k_min                                    ? 
_reflns.limit_l_max                                    ? 
_reflns.limit_l_min                                    ? 
_reflns.number_all                                     ? 
_reflns.number_obs                                     37300 
_reflns.observed_criterion                             ? 
_reflns.observed_criterion_F_max                       ? 
_reflns.observed_criterion_F_min                       ? 
_reflns.observed_criterion_I_max                       ? 
_reflns.observed_criterion_I_min                       ? 
_reflns.observed_criterion_sigma_F                     ? 
_reflns.observed_criterion_sigma_I                     ? 
_reflns.percent_possible_obs                           100 
_reflns.R_free_details                                 ? 
_reflns.Rmerge_F_all                                   ? 
_reflns.Rmerge_F_obs                                   ? 
_reflns.Friedel_coverage                               ? 
_reflns.number_gt                                      ? 
_reflns.threshold_expression                           ? 
_reflns.pdbx_redundancy                                20 
_reflns.pdbx_netI_over_av_sigmaI                       ? 
_reflns.pdbx_netI_over_sigmaI                          37.7 
_reflns.pdbx_res_netI_over_av_sigmaI_2                 ? 
_reflns.pdbx_res_netI_over_sigmaI_2                    ? 
_reflns.pdbx_chi_squared                               ? 
_reflns.pdbx_scaling_rejects                           ? 
_reflns.pdbx_d_res_high_opt                            ? 
_reflns.pdbx_d_res_low_opt                             ? 
_reflns.pdbx_d_res_opt_method                          ? 
_reflns.phase_calculation_details                      ? 
_reflns.pdbx_Rrim_I_all                                ? 
_reflns.pdbx_Rpim_I_all                                ? 
_reflns.pdbx_d_opt                                     ? 
_reflns.pdbx_number_measured_all                       ? 
_reflns.pdbx_diffrn_id                                 1 
_reflns.pdbx_ordinal                                   1 
_reflns.pdbx_CC_half                                   1.000 
_reflns.pdbx_CC_star                                   ? 
_reflns.pdbx_R_split                                   ? 
_reflns.pdbx_Rmerge_I_obs                              0.036 
_reflns.pdbx_Rmerge_I_all                              ? 
_reflns.pdbx_Rsym_value                                ? 
_reflns.pdbx_CC_split_method                           ? 
_reflns.pdbx_aniso_diffraction_limit_axis_1_ortho[1]   ? 
_reflns.pdbx_aniso_diffraction_limit_axis_1_ortho[2]   ? 
_reflns.pdbx_aniso_diffraction_limit_axis_1_ortho[3]   ? 
_reflns.pdbx_aniso_diffraction_limit_axis_2_ortho[1]   ? 
_reflns.pdbx_aniso_diffraction_limit_axis_2_ortho[2]   ? 
_reflns.pdbx_aniso_diffraction_limit_axis_2_ortho[3]   ? 
_reflns.pdbx_aniso_diffraction_limit_axis_3_ortho[1]   ? 
_reflns.pdbx_aniso_diffraction_limit_axis_3_ortho[2]   ? 
_reflns.pdbx_aniso_diffraction_limit_axis_3_ortho[3]   ? 
_reflns.pdbx_aniso_diffraction_limit_1                 ? 
_reflns.pdbx_aniso_diffraction_limit_2                 ? 
_reflns.pdbx_aniso_diffraction_limit_3                 ? 
_reflns.pdbx_aniso_B_tensor_eigenvector_1_ortho[1]     ? 
_reflns.pdbx_aniso_B_tensor_eigenvector_1_ortho[2]     ? 
_reflns.pdbx_aniso_B_tensor_eigenvector_1_ortho[3]     ? 
_reflns.pdbx_aniso_B_tensor_eigenvector_2_ortho[1]     ? 
_reflns.pdbx_aniso_B_tensor_eigenvector_2_ortho[2]     ? 
_reflns.pdbx_aniso_B_tensor_eigenvector_2_ortho[3]     ? 
_reflns.pdbx_aniso_B_tensor_eigenvector_3_ortho[1]     ? 
_reflns.pdbx_aniso_B_tensor_eigenvector_3_ortho[2]     ? 
_reflns.pdbx_aniso_B_tensor_eigenvector_3_ortho[3]     ? 
_reflns.pdbx_aniso_B_tensor_eigenvalue_1               ? 
_reflns.pdbx_aniso_B_tensor_eigenvalue_2               ? 
_reflns.pdbx_aniso_B_tensor_eigenvalue_3               ? 
_reflns.pdbx_orthogonalization_convention              ? 
_reflns.pdbx_percent_possible_ellipsoidal              ? 
_reflns.pdbx_percent_possible_spherical                ? 
_reflns.pdbx_percent_possible_ellipsoidal_anomalous    ? 
_reflns.pdbx_percent_possible_spherical_anomalous      ? 
_reflns.pdbx_redundancy_anomalous                      ? 
_reflns.pdbx_CC_half_anomalous                         ? 
_reflns.pdbx_absDiff_over_sigma_anomalous              ? 
_reflns.pdbx_percent_possible_anomalous                ? 
_reflns.pdbx_observed_signal_threshold                 ? 
_reflns.pdbx_signal_type                               ? 
_reflns.pdbx_signal_details                            ? 
_reflns.pdbx_signal_software_id                        ? 
# 
_reflns_shell.d_res_high                                    1.20 
_reflns_shell.d_res_low                                     1.21 
_reflns_shell.meanI_over_sigI_all                           ? 
_reflns_shell.meanI_over_sigI_obs                           2.1 
_reflns_shell.number_measured_all                           ? 
_reflns_shell.number_measured_obs                           ? 
_reflns_shell.number_possible                               ? 
_reflns_shell.number_unique_all                             ? 
_reflns_shell.number_unique_obs                             1825 
_reflns_shell.percent_possible_obs                          ? 
_reflns_shell.Rmerge_F_all                                  ? 
_reflns_shell.Rmerge_F_obs                                  ? 
_reflns_shell.meanI_over_sigI_gt                            ? 
_reflns_shell.meanI_over_uI_all                             ? 
_reflns_shell.meanI_over_uI_gt                              ? 
_reflns_shell.number_measured_gt                            ? 
_reflns_shell.number_unique_gt                              ? 
_reflns_shell.percent_possible_gt                           ? 
_reflns_shell.Rmerge_F_gt                                   ? 
_reflns_shell.Rmerge_I_gt                                   ? 
_reflns_shell.pdbx_redundancy                               15 
_reflns_shell.pdbx_chi_squared                              ? 
_reflns_shell.pdbx_netI_over_sigmaI_all                     ? 
_reflns_shell.pdbx_netI_over_sigmaI_obs                     ? 
_reflns_shell.pdbx_Rrim_I_all                               ? 
_reflns_shell.pdbx_Rpim_I_all                               ? 
_reflns_shell.pdbx_rejects                                  ? 
_reflns_shell.pdbx_ordinal                                  1 
_reflns_shell.pdbx_diffrn_id                                1 
_reflns_shell.pdbx_CC_half                                  0.832 
_reflns_shell.pdbx_CC_star                                  ? 
_reflns_shell.pdbx_R_split                                  ? 
_reflns_shell.percent_possible_all                          100 
_reflns_shell.Rmerge_I_all                                  ? 
_reflns_shell.Rmerge_I_obs                                  1.789 
_reflns_shell.pdbx_Rsym_value                               ? 
_reflns_shell.pdbx_percent_possible_ellipsoidal             ? 
_reflns_shell.pdbx_percent_possible_spherical               ? 
_reflns_shell.pdbx_percent_possible_ellipsoidal_anomalous   ? 
_reflns_shell.pdbx_percent_possible_spherical_anomalous     ? 
_reflns_shell.pdbx_redundancy_anomalous                     ? 
_reflns_shell.pdbx_CC_half_anomalous                        ? 
_reflns_shell.pdbx_absDiff_over_sigma_anomalous             ? 
_reflns_shell.pdbx_percent_possible_anomalous               ? 
# 
_refine.aniso_B[1][1]                            0.035 
_refine.aniso_B[1][2]                            -0.000 
_refine.aniso_B[1][3]                            -0.000 
_refine.aniso_B[2][2]                            0.035 
_refine.aniso_B[2][3]                            -0.000 
_refine.aniso_B[3][3]                            -0.070 
_refine.B_iso_max                                ? 
_refine.B_iso_mean                               19.694 
_refine.B_iso_min                                ? 
_refine.correlation_coeff_Fo_to_Fc               0.972 
_refine.correlation_coeff_Fo_to_Fc_free          0.963 
_refine.details                                  'Hydrogens have been added in their riding positions' 
_refine.diff_density_max                         ? 
_refine.diff_density_max_esd                     ? 
_refine.diff_density_min                         ? 
_refine.diff_density_min_esd                     ? 
_refine.diff_density_rms                         ? 
_refine.diff_density_rms_esd                     ? 
_refine.entry_id                                 8C39 
_refine.pdbx_refine_id                           'X-RAY DIFFRACTION' 
_refine.ls_abs_structure_details                 ? 
_refine.ls_abs_structure_Flack                   ? 
_refine.ls_abs_structure_Flack_esd               ? 
_refine.ls_abs_structure_Rogers                  ? 
_refine.ls_abs_structure_Rogers_esd              ? 
_refine.ls_d_res_high                            1.20 
_refine.ls_d_res_low                             34.63 
_refine.ls_extinction_coef                       ? 
_refine.ls_extinction_coef_esd                   ? 
_refine.ls_extinction_expression                 ? 
_refine.ls_extinction_method                     ? 
_refine.ls_goodness_of_fit_all                   ? 
_refine.ls_goodness_of_fit_all_esd               ? 
_refine.ls_goodness_of_fit_obs                   ? 
_refine.ls_goodness_of_fit_obs_esd               ? 
_refine.ls_hydrogen_treatment                    ? 
_refine.ls_matrix_type                           ? 
_refine.ls_number_constraints                    ? 
_refine.ls_number_parameters                     ? 
_refine.ls_number_reflns_all                     ? 
_refine.ls_number_reflns_obs                     35511 
_refine.ls_number_reflns_R_free                  1804 
_refine.ls_number_reflns_R_work                  33707 
_refine.ls_number_restraints                     ? 
_refine.ls_percent_reflns_obs                    97.006 
_refine.ls_percent_reflns_R_free                 5.080 
_refine.ls_R_factor_all                          0.181 
_refine.ls_R_factor_obs                          ? 
_refine.ls_R_factor_R_free                       0.2212 
_refine.ls_R_factor_R_free_error                 ? 
_refine.ls_R_factor_R_free_error_details         ? 
_refine.ls_R_factor_R_work                       0.1791 
_refine.ls_R_Fsqd_factor_obs                     ? 
_refine.ls_R_I_factor_obs                        ? 
_refine.ls_redundancy_reflns_all                 ? 
_refine.ls_redundancy_reflns_obs                 ? 
_refine.ls_restrained_S_all                      ? 
_refine.ls_restrained_S_obs                      ? 
_refine.ls_shift_over_esd_max                    ? 
_refine.ls_shift_over_esd_mean                   ? 
_refine.ls_structure_factor_coef                 ? 
_refine.ls_weighting_details                     ? 
_refine.ls_weighting_scheme                      ? 
_refine.ls_wR_factor_all                         ? 
_refine.ls_wR_factor_obs                         ? 
_refine.ls_wR_factor_R_free                      ? 
_refine.ls_wR_factor_R_work                      ? 
_refine.occupancy_max                            ? 
_refine.occupancy_min                            ? 
_refine.solvent_model_details                    'MASK BULK SOLVENT' 
_refine.solvent_model_param_bsol                 ? 
_refine.solvent_model_param_ksol                 ? 
_refine.pdbx_R_complete                          ? 
_refine.ls_R_factor_gt                           ? 
_refine.ls_goodness_of_fit_gt                    ? 
_refine.ls_goodness_of_fit_ref                   ? 
_refine.ls_shift_over_su_max                     ? 
_refine.ls_shift_over_su_max_lt                  ? 
_refine.ls_shift_over_su_mean                    ? 
_refine.ls_shift_over_su_mean_lt                 ? 
_refine.pdbx_ls_sigma_I                          ? 
_refine.pdbx_ls_sigma_F                          ? 
_refine.pdbx_ls_sigma_Fsqd                       ? 
_refine.pdbx_data_cutoff_high_absF               ? 
_refine.pdbx_data_cutoff_high_rms_absF           ? 
_refine.pdbx_data_cutoff_low_absF                ? 
_refine.pdbx_isotropic_thermal_model             ? 
_refine.pdbx_ls_cross_valid_method               'FREE R-VALUE' 
_refine.pdbx_method_to_determine_struct          'MOLECULAR REPLACEMENT' 
_refine.pdbx_starting_model                      193L 
_refine.pdbx_stereochemistry_target_values       ? 
_refine.pdbx_R_Free_selection_details            ? 
_refine.pdbx_stereochem_target_val_spec_case     ? 
_refine.pdbx_overall_ESU_R                       0.048 
_refine.pdbx_overall_ESU_R_Free                  0.055 
_refine.pdbx_solvent_vdw_probe_radii             1.200 
_refine.pdbx_solvent_ion_probe_radii             0.800 
_refine.pdbx_solvent_shrinkage_radii             0.800 
_refine.pdbx_real_space_R                        ? 
_refine.pdbx_density_correlation                 ? 
_refine.pdbx_pd_number_of_powder_patterns        ? 
_refine.pdbx_pd_number_of_points                 ? 
_refine.pdbx_pd_meas_number_of_points            ? 
_refine.pdbx_pd_proc_ls_prof_R_factor            ? 
_refine.pdbx_pd_proc_ls_prof_wR_factor           ? 
_refine.pdbx_pd_Marquardt_correlation_coeff      ? 
_refine.pdbx_pd_Fsqrd_R_factor                   ? 
_refine.pdbx_pd_ls_matrix_band_width             ? 
_refine.pdbx_overall_phase_error                 ? 
_refine.pdbx_overall_SU_R_free_Cruickshank_DPI   ? 
_refine.pdbx_overall_SU_R_free_Blow_DPI          ? 
_refine.pdbx_overall_SU_R_Blow_DPI               ? 
_refine.pdbx_TLS_residual_ADP_flag               ? 
_refine.pdbx_diffrn_id                           1 
_refine.overall_SU_B                             0.837 
_refine.overall_SU_ML                            0.038 
_refine.overall_SU_R_Cruickshank_DPI             ? 
_refine.overall_SU_R_free                        ? 
_refine.overall_FOM_free_R_set                   ? 
_refine.overall_FOM_work_R_set                   ? 
_refine.pdbx_average_fsc_overall                 ? 
_refine.pdbx_average_fsc_work                    ? 
_refine.pdbx_average_fsc_free                    ? 
# 
_refine_hist.pdbx_refine_id                   'X-RAY DIFFRACTION' 
_refine_hist.cycle_id                         LAST 
_refine_hist.pdbx_number_atoms_protein        1001 
_refine_hist.pdbx_number_atoms_nucleic_acid   0 
_refine_hist.pdbx_number_atoms_ligand         68 
_refine_hist.number_atoms_solvent             176 
_refine_hist.number_atoms_total               1245 
_refine_hist.d_res_high                       1.20 
_refine_hist.d_res_low                        34.63 
# 
loop_
_refine_ls_restr.pdbx_refine_id 
_refine_ls_restr.criterion 
_refine_ls_restr.dev_ideal 
_refine_ls_restr.dev_ideal_target 
_refine_ls_restr.number 
_refine_ls_restr.rejects 
_refine_ls_restr.type 
_refine_ls_restr.weight 
_refine_ls_restr.pdbx_restraint_function 
'X-RAY DIFFRACTION' ? 0.013  0.013  1186 ? r_bond_refined_d               ? ? 
'X-RAY DIFFRACTION' ? 0.001  0.014  1040 ? r_bond_other_d                 ? ? 
'X-RAY DIFFRACTION' ? 1.845  1.650  1601 ? r_angle_refined_deg            ? ? 
'X-RAY DIFFRACTION' ? 1.589  1.602  2378 ? r_angle_other_deg              ? ? 
'X-RAY DIFFRACTION' ? 6.343  5.000  147  ? r_dihedral_angle_1_deg         ? ? 
'X-RAY DIFFRACTION' ? 30.636 20.143 70   ? r_dihedral_angle_2_deg         ? ? 
'X-RAY DIFFRACTION' ? 14.455 15.000 192  ? r_dihedral_angle_3_deg         ? ? 
'X-RAY DIFFRACTION' ? 21.725 15.000 14   ? r_dihedral_angle_4_deg         ? ? 
'X-RAY DIFFRACTION' ? 0.093  0.200  142  ? r_chiral_restr                 ? ? 
'X-RAY DIFFRACTION' ? 0.010  0.020  1429 ? r_gen_planes_refined           ? ? 
'X-RAY DIFFRACTION' ? 0.003  0.020  318  ? r_gen_planes_other             ? ? 
'X-RAY DIFFRACTION' ? 0.241  0.200  281  ? r_nbd_refined                  ? ? 
'X-RAY DIFFRACTION' ? 0.201  0.200  954  ? r_symmetry_nbd_other           ? ? 
'X-RAY DIFFRACTION' ? 0.173  0.200  530  ? r_nbtor_refined                ? ? 
'X-RAY DIFFRACTION' ? 0.087  0.200  481  ? r_symmetry_nbtor_other         ? ? 
'X-RAY DIFFRACTION' ? 0.208  0.200  93   ? r_xyhbond_nbd_refined          ? ? 
'X-RAY DIFFRACTION' ? 0.105  0.200  4    ? r_metal_ion_refined            ? ? 
'X-RAY DIFFRACTION' ? 0.221  0.200  25   ? r_symmetry_nbd_refined         ? ? 
'X-RAY DIFFRACTION' ? 0.264  0.200  52   ? r_nbd_other                    ? ? 
'X-RAY DIFFRACTION' ? 0.166  0.200  43   ? r_symmetry_xyhbond_nbd_refined ? ? 
'X-RAY DIFFRACTION' ? 0.687  0.200  1    ? r_symmetry_metal_ion_refined   ? ? 
'X-RAY DIFFRACTION' ? 1.549  1.706  566  ? r_mcbond_it                    ? ? 
'X-RAY DIFFRACTION' ? 1.527  1.705  566  ? r_mcbond_other                 ? ? 
'X-RAY DIFFRACTION' ? 2.249  2.571  721  ? r_mcangle_it                   ? ? 
'X-RAY DIFFRACTION' ? 2.257  2.575  722  ? r_mcangle_other                ? ? 
'X-RAY DIFFRACTION' ? 2.643  2.102  619  ? r_scbond_it                    ? ? 
'X-RAY DIFFRACTION' ? 2.326  2.013  563  ? r_scbond_other                 ? ? 
'X-RAY DIFFRACTION' ? 3.783  3.027  880  ? r_scangle_it                   ? ? 
'X-RAY DIFFRACTION' ? 3.646  2.915  818  ? r_scangle_other                ? ? 
'X-RAY DIFFRACTION' ? 5.873  22.028 1413 ? r_lrange_it                    ? ? 
'X-RAY DIFFRACTION' ? 5.603  20.949 1356 ? r_lrange_other                 ? ? 
# 
loop_
_refine_ls_shell.pdbx_refine_id 
_refine_ls_shell.d_res_high 
_refine_ls_shell.d_res_low 
_refine_ls_shell.number_reflns_all 
_refine_ls_shell.number_reflns_obs 
_refine_ls_shell.number_reflns_R_free 
_refine_ls_shell.number_reflns_R_work 
_refine_ls_shell.percent_reflns_obs 
_refine_ls_shell.percent_reflns_R_free 
_refine_ls_shell.R_factor_all 
_refine_ls_shell.R_factor_obs 
_refine_ls_shell.R_factor_R_free_error 
_refine_ls_shell.R_factor_R_work 
_refine_ls_shell.redundancy_reflns_all 
_refine_ls_shell.redundancy_reflns_obs 
_refine_ls_shell.wR_factor_all 
_refine_ls_shell.wR_factor_obs 
_refine_ls_shell.wR_factor_R_free 
_refine_ls_shell.wR_factor_R_work 
_refine_ls_shell.pdbx_R_complete 
_refine_ls_shell.pdbx_total_number_of_bins_used 
_refine_ls_shell.pdbx_phase_error 
_refine_ls_shell.pdbx_fsc_work 
_refine_ls_shell.pdbx_fsc_free 
_refine_ls_shell.R_factor_R_free 
'X-RAY DIFFRACTION' 1.231 1.265 . . 119 2135 86.9263  . . . . 0.260 . . . . . . . . . . . 0.307 
'X-RAY DIFFRACTION' 1.265 1.302 . . 113 2267 94.9721  . . . . 0.252 . . . . . . . . . . . 0.298 
'X-RAY DIFFRACTION' 1.302 1.342 . . 126 2310 99.2261  . . . . 0.252 . . . . . . . . . . . 0.288 
'X-RAY DIFFRACTION' 1.342 1.386 . . 119 2265 99.9581  . . . . 0.240 . . . . . . . . . . . 0.290 
'X-RAY DIFFRACTION' 1.386 1.434 . . 117 2186 100.0000 . . . . 0.225 . . . . . . . . . . . 0.307 
'X-RAY DIFFRACTION' 1.434 1.488 . . 97  2129 99.9551  . . . . 0.222 . . . . . . . . . . . 0.263 
'X-RAY DIFFRACTION' 1.488 1.549 . . 110 2050 99.9537  . . . . 0.211 . . . . . . . . . . . 0.248 
'X-RAY DIFFRACTION' 1.549 1.618 . . 110 1942 100.0000 . . . . 0.194 . . . . . . . . . . . 0.250 
'X-RAY DIFFRACTION' 1.618 1.697 . . 111 1865 99.8989  . . . . 0.186 . . . . . . . . . . . 0.211 
'X-RAY DIFFRACTION' 1.697 1.788 . . 102 1785 99.9470  . . . . 0.187 . . . . . . . . . . . 0.228 
'X-RAY DIFFRACTION' 1.788 1.897 . . 86  1715 99.9445  . . . . 0.183 . . . . . . . . . . . 0.257 
'X-RAY DIFFRACTION' 1.897 2.027 . . 83  1594 100.0000 . . . . 0.177 . . . . . . . . . . . 0.206 
'X-RAY DIFFRACTION' 2.027 2.190 . . 71  1508 99.8735  . . . . 0.162 . . . . . . . . . . . 0.225 
'X-RAY DIFFRACTION' 2.190 2.398 . . 71  1401 100.0000 . . . . 0.150 . . . . . . . . . . . 0.181 
'X-RAY DIFFRACTION' 2.398 2.681 . . 63  1262 100.0000 . . . . 0.158 . . . . . . . . . . . 0.171 
'X-RAY DIFFRACTION' 2.681 3.094 . . 63  1131 100.0000 . . . . 0.152 . . . . . . . . . . . 0.194 
'X-RAY DIFFRACTION' 3.094 3.787 . . 50  967  100.0000 . . . . 0.153 . . . . . . . . . . . 0.197 
'X-RAY DIFFRACTION' 3.787 5.342 . . 37  775  100.0000 . . . . 0.148 . . . . . . . . . . . 0.184 
# 
_struct.entry_id                     8C39 
_struct.title                        
'X-ray structure of HEWL upon reaction with a Ruthenium(II)-arene Complexed with Glycosylated Carbene Ligands (5)' 
_struct.pdbx_model_details           ? 
_struct.pdbx_formula_weight          ? 
_struct.pdbx_formula_weight_method   ? 
_struct.pdbx_model_type_details      ? 
_struct.pdbx_CASP_flag               N 
# 
_struct_keywords.entry_id        8C39 
_struct_keywords.text            'ruthenium, carbene, protein binding, HYDROLASE' 
_struct_keywords.pdbx_keywords   HYDROLASE 
# 
loop_
_struct_asym.id 
_struct_asym.pdbx_blank_PDB_chainid_flag 
_struct_asym.pdbx_modified 
_struct_asym.entity_id 
_struct_asym.details 
A N N 1 ? 
B N N 2 ? 
C N N 3 ? 
D N N 3 ? 
E N N 3 ? 
F N N 3 ? 
G N N 3 ? 
H N N 3 ? 
I N N 3 ? 
J N N 3 ? 
K N N 3 ? 
L N N 3 ? 
M N N 4 ? 
N N N 2 ? 
O N N 5 ? 
P N N 6 ? 
# 
_struct_ref.id                         1 
_struct_ref.db_name                    UNP 
_struct_ref.db_code                    LYSC_CHICK 
_struct_ref.pdbx_db_accession          P00698 
_struct_ref.pdbx_db_isoform            ? 
_struct_ref.entity_id                  1 
_struct_ref.pdbx_seq_one_letter_code   
;KVFGRCELAAAMKRHGLDNYRGYSLGNWVCAAKFESNFNTQATNRNTDGSTDYGILQINSRWWCNDGRTPGSRNLCNIPC
SALLSSDITASVNCAKKIVSDGNGMNAWVAWRNRCKGTDVQAWIRGCRL
;
_struct_ref.pdbx_align_begin           19 
# 
_struct_ref_seq.align_id                      1 
_struct_ref_seq.ref_id                        1 
_struct_ref_seq.pdbx_PDB_id_code              8C39 
_struct_ref_seq.pdbx_strand_id                AAA 
_struct_ref_seq.seq_align_beg                 1 
_struct_ref_seq.pdbx_seq_align_beg_ins_code   ? 
_struct_ref_seq.seq_align_end                 129 
_struct_ref_seq.pdbx_seq_align_end_ins_code   ? 
_struct_ref_seq.pdbx_db_accession             P00698 
_struct_ref_seq.db_align_beg                  19 
_struct_ref_seq.pdbx_db_align_beg_ins_code    ? 
_struct_ref_seq.db_align_end                  147 
_struct_ref_seq.pdbx_db_align_end_ins_code    ? 
_struct_ref_seq.pdbx_auth_seq_align_beg       1 
_struct_ref_seq.pdbx_auth_seq_align_end       129 
# 
_pdbx_struct_assembly.id                   1 
_pdbx_struct_assembly.details              author_and_software_defined_assembly 
_pdbx_struct_assembly.method_details       PISA 
_pdbx_struct_assembly.oligomeric_details   monomeric 
_pdbx_struct_assembly.oligomeric_count     1 
# 
loop_
_pdbx_struct_assembly_prop.biol_id 
_pdbx_struct_assembly_prop.type 
_pdbx_struct_assembly_prop.value 
_pdbx_struct_assembly_prop.details 
1 'ABSA (A^2)' 2000 ? 
1 MORE         -19  ? 
1 'SSA (A^2)'  6690 ? 
# 
_pdbx_struct_assembly_gen.assembly_id       1 
_pdbx_struct_assembly_gen.oper_expression   1 
_pdbx_struct_assembly_gen.asym_id_list      A,B,C,D,E,F,G,H,I,J,K,L,M,N,O,P 
# 
_pdbx_struct_assembly_auth_evidence.id                     1 
_pdbx_struct_assembly_auth_evidence.assembly_id            1 
_pdbx_struct_assembly_auth_evidence.experimental_support   none 
_pdbx_struct_assembly_auth_evidence.details                ? 
# 
_pdbx_struct_oper_list.id                   1 
_pdbx_struct_oper_list.type                 'identity operation' 
_pdbx_struct_oper_list.name                 1_555 
_pdbx_struct_oper_list.symmetry_operation   x,y,z 
_pdbx_struct_oper_list.matrix[1][1]         1.0000000000 
_pdbx_struct_oper_list.matrix[1][2]         0.0000000000 
_pdbx_struct_oper_list.matrix[1][3]         0.0000000000 
_pdbx_struct_oper_list.vector[1]            0.0000000000 
_pdbx_struct_oper_list.matrix[2][1]         0.0000000000 
_pdbx_struct_oper_list.matrix[2][2]         1.0000000000 
_pdbx_struct_oper_list.matrix[2][3]         0.0000000000 
_pdbx_struct_oper_list.vector[2]            0.0000000000 
_pdbx_struct_oper_list.matrix[3][1]         0.0000000000 
_pdbx_struct_oper_list.matrix[3][2]         0.0000000000 
_pdbx_struct_oper_list.matrix[3][3]         1.0000000000 
_pdbx_struct_oper_list.vector[3]            0.0000000000 
# 
loop_
_struct_conf.conf_type_id 
_struct_conf.id 
_struct_conf.pdbx_PDB_helix_id 
_struct_conf.beg_label_comp_id 
_struct_conf.beg_label_asym_id 
_struct_conf.beg_label_seq_id 
_struct_conf.pdbx_beg_PDB_ins_code 
_struct_conf.end_label_comp_id 
_struct_conf.end_label_asym_id 
_struct_conf.end_label_seq_id 
_struct_conf.pdbx_end_PDB_ins_code 
_struct_conf.beg_auth_comp_id 
_struct_conf.beg_auth_asym_id 
_struct_conf.beg_auth_seq_id 
_struct_conf.end_auth_comp_id 
_struct_conf.end_auth_asym_id 
_struct_conf.end_auth_seq_id 
_struct_conf.pdbx_PDB_helix_class 
_struct_conf.details 
_struct_conf.pdbx_PDB_helix_length 
HELX_P HELX_P1 AA1 GLY A 4   ? HIS A 15  ? GLY AAA 4   HIS AAA 15  1 ? 12 
HELX_P HELX_P2 AA2 ASN A 19  ? TYR A 23  ? ASN AAA 19  TYR AAA 23  5 ? 5  
HELX_P HELX_P3 AA3 SER A 24  ? ASN A 37  ? SER AAA 24  ASN AAA 37  1 ? 14 
HELX_P HELX_P4 AA4 PRO A 79  ? SER A 85  ? PRO AAA 79  SER AAA 85  5 ? 7  
HELX_P HELX_P5 AA5 ILE A 88  ? SER A 100 ? ILE AAA 88  SER AAA 100 1 ? 13 
HELX_P HELX_P6 AA6 ASN A 103 ? ALA A 107 ? ASN AAA 103 ALA AAA 107 5 ? 5  
HELX_P HELX_P7 AA7 TRP A 108 ? CYS A 115 ? TRP AAA 108 CYS AAA 115 1 ? 8  
HELX_P HELX_P8 AA8 ASP A 119 ? ARG A 125 ? ASP AAA 119 ARG AAA 125 5 ? 7  
# 
_struct_conf_type.id          HELX_P 
_struct_conf_type.criteria    ? 
_struct_conf_type.reference   ? 
# 
loop_
_struct_conn.id 
_struct_conn.conn_type_id 
_struct_conn.pdbx_leaving_atom_flag 
_struct_conn.pdbx_PDB_id 
_struct_conn.ptnr1_label_asym_id 
_struct_conn.ptnr1_label_comp_id 
_struct_conn.ptnr1_label_seq_id 
_struct_conn.ptnr1_label_atom_id 
_struct_conn.pdbx_ptnr1_label_alt_id 
_struct_conn.pdbx_ptnr1_PDB_ins_code 
_struct_conn.pdbx_ptnr1_standard_comp_id 
_struct_conn.ptnr1_symmetry 
_struct_conn.ptnr2_label_asym_id 
_struct_conn.ptnr2_label_comp_id 
_struct_conn.ptnr2_label_seq_id 
_struct_conn.ptnr2_label_atom_id 
_struct_conn.pdbx_ptnr2_label_alt_id 
_struct_conn.pdbx_ptnr2_PDB_ins_code 
_struct_conn.ptnr1_auth_asym_id 
_struct_conn.ptnr1_auth_comp_id 
_struct_conn.ptnr1_auth_seq_id 
_struct_conn.ptnr2_auth_asym_id 
_struct_conn.ptnr2_auth_comp_id 
_struct_conn.ptnr2_auth_seq_id 
_struct_conn.ptnr2_symmetry 
_struct_conn.pdbx_ptnr3_label_atom_id 
_struct_conn.pdbx_ptnr3_label_seq_id 
_struct_conn.pdbx_ptnr3_label_comp_id 
_struct_conn.pdbx_ptnr3_label_asym_id 
_struct_conn.pdbx_ptnr3_label_alt_id 
_struct_conn.pdbx_ptnr3_PDB_ins_code 
_struct_conn.details 
_struct_conn.pdbx_dist_value 
_struct_conn.pdbx_value_order 
_struct_conn.pdbx_role 
disulf1  disulf ? ? A CYS 6   SG  ? ? ? 1_555 A CYS 127 SG ? ? AAA CYS 6   AAA CYS 127 1_555 ? ? ? ? ? ? ? 2.009 ? ? 
disulf2  disulf ? ? A CYS 30  SG  ? ? ? 1_555 A CYS 115 SG ? ? AAA CYS 30  AAA CYS 115 1_555 ? ? ? ? ? ? ? 2.055 ? ? 
disulf3  disulf ? ? A CYS 64  SG  ? ? ? 1_555 A CYS 80  SG ? ? AAA CYS 64  AAA CYS 80  1_555 ? ? ? ? ? ? ? 2.028 ? ? 
disulf4  disulf ? ? A CYS 76  SG  ? ? ? 1_555 A CYS 94  SG ? ? AAA CYS 76  AAA CYS 94  1_555 ? ? ? ? ? ? ? 2.031 ? ? 
metalc1  metalc ? ? A THR 40  OG1 ? ? ? 1_555 N NA  .   NA ? ? AAA THR 40  AAA NA  213 1_555 ? ? ? ? ? ? ? 2.554 ? ? 
metalc2  metalc ? ? A SER 60  O   ? ? ? 1_555 B NA  .   NA ? ? AAA SER 60  AAA NA  201 1_555 ? ? ? ? ? ? ? 2.316 ? ? 
metalc3  metalc ? ? A CYS 64  O   ? ? ? 1_555 B NA  .   NA ? ? AAA CYS 64  AAA NA  201 1_555 ? ? ? ? ? ? ? 2.435 ? ? 
metalc4  metalc ? ? A SER 72  OG  ? ? ? 1_555 B NA  .   NA ? ? AAA SER 72  AAA NA  201 1_555 ? ? ? ? ? ? ? 2.434 ? ? 
metalc5  metalc ? ? A ARG 73  O   ? ? ? 1_555 B NA  .   NA ? ? AAA ARG 73  AAA NA  201 1_555 ? ? ? ? ? ? ? 2.379 ? ? 
metalc6  metalc ? ? A LEU 84  O   ? ? ? 1_555 N NA  .   NA ? ? AAA LEU 84  AAA NA  213 1_555 ? ? ? ? ? ? ? 2.537 ? ? 
metalc7  metalc ? ? A ASP 119 OD2 ? ? ? 1_555 O T8K .   RU ? ? AAA ASP 119 AAA T8K 214 1_555 ? ? ? ? ? ? ? 1.998 ? ? 
metalc8  metalc ? ? B NA  .   NA  ? ? ? 1_555 D NO3 .   O1 ? ? AAA NA  201 AAA NO3 203 1_555 ? ? ? ? ? ? ? 2.766 ? ? 
metalc9  metalc ? ? B NA  .   NA  ? ? ? 1_555 P HOH .   O  ? ? AAA NA  201 AAA HOH 335 1_555 ? ? ? ? ? ? ? 2.366 ? ? 
metalc10 metalc ? ? N NA  .   NA  ? ? ? 1_555 P HOH .   O  ? ? AAA NA  213 AAA HOH 309 1_555 ? ? ? ? ? ? ? 2.231 ? ? 
# 
loop_
_struct_conn_type.id 
_struct_conn_type.criteria 
_struct_conn_type.reference 
disulf ? ? 
metalc ? ? 
# 
loop_
_pdbx_struct_conn_angle.id 
_pdbx_struct_conn_angle.ptnr1_label_atom_id 
_pdbx_struct_conn_angle.ptnr1_label_alt_id 
_pdbx_struct_conn_angle.ptnr1_label_asym_id 
_pdbx_struct_conn_angle.ptnr1_label_comp_id 
_pdbx_struct_conn_angle.ptnr1_label_seq_id 
_pdbx_struct_conn_angle.ptnr1_auth_atom_id 
_pdbx_struct_conn_angle.ptnr1_auth_asym_id 
_pdbx_struct_conn_angle.ptnr1_auth_comp_id 
_pdbx_struct_conn_angle.ptnr1_auth_seq_id 
_pdbx_struct_conn_angle.ptnr1_PDB_ins_code 
_pdbx_struct_conn_angle.ptnr1_symmetry 
_pdbx_struct_conn_angle.ptnr2_label_atom_id 
_pdbx_struct_conn_angle.ptnr2_label_alt_id 
_pdbx_struct_conn_angle.ptnr2_label_asym_id 
_pdbx_struct_conn_angle.ptnr2_label_comp_id 
_pdbx_struct_conn_angle.ptnr2_label_seq_id 
_pdbx_struct_conn_angle.ptnr2_auth_atom_id 
_pdbx_struct_conn_angle.ptnr2_auth_asym_id 
_pdbx_struct_conn_angle.ptnr2_auth_comp_id 
_pdbx_struct_conn_angle.ptnr2_auth_seq_id 
_pdbx_struct_conn_angle.ptnr2_PDB_ins_code 
_pdbx_struct_conn_angle.ptnr2_symmetry 
_pdbx_struct_conn_angle.ptnr3_label_atom_id 
_pdbx_struct_conn_angle.ptnr3_label_alt_id 
_pdbx_struct_conn_angle.ptnr3_label_asym_id 
_pdbx_struct_conn_angle.ptnr3_label_comp_id 
_pdbx_struct_conn_angle.ptnr3_label_seq_id 
_pdbx_struct_conn_angle.ptnr3_auth_atom_id 
_pdbx_struct_conn_angle.ptnr3_auth_asym_id 
_pdbx_struct_conn_angle.ptnr3_auth_comp_id 
_pdbx_struct_conn_angle.ptnr3_auth_seq_id 
_pdbx_struct_conn_angle.ptnr3_PDB_ins_code 
_pdbx_struct_conn_angle.ptnr3_symmetry 
_pdbx_struct_conn_angle.value 
_pdbx_struct_conn_angle.value_esd 
1  OG1 ? A THR 40  ? AAA THR 40  ? 1_555 NA ? N NA  . ? AAA NA  213 ? 1_555 O   ? A LEU 84 ? AAA LEU 84  ? 1_555 76.6  ? 
2  OG1 ? A THR 40  ? AAA THR 40  ? 1_555 NA ? N NA  . ? AAA NA  213 ? 1_555 O   ? P HOH .  ? AAA HOH 309 ? 1_555 116.7 ? 
3  O   ? A LEU 84  ? AAA LEU 84  ? 1_555 NA ? N NA  . ? AAA NA  213 ? 1_555 O   ? P HOH .  ? AAA HOH 309 ? 1_555 160.7 ? 
4  O   ? A SER 60  ? AAA SER 60  ? 1_555 NA ? B NA  . ? AAA NA  201 ? 1_555 O   ? A CYS 64 ? AAA CYS 64  ? 1_555 89.1  ? 
5  O   ? A SER 60  ? AAA SER 60  ? 1_555 NA ? B NA  . ? AAA NA  201 ? 1_555 OG  ? A SER 72 ? AAA SER 72  ? 1_555 86.1  ? 
6  O   ? A CYS 64  ? AAA CYS 64  ? 1_555 NA ? B NA  . ? AAA NA  201 ? 1_555 OG  ? A SER 72 ? AAA SER 72  ? 1_555 161.1 ? 
7  O   ? A SER 60  ? AAA SER 60  ? 1_555 NA ? B NA  . ? AAA NA  201 ? 1_555 O   ? A ARG 73 ? AAA ARG 73  ? 1_555 95.2  ? 
8  O   ? A CYS 64  ? AAA CYS 64  ? 1_555 NA ? B NA  . ? AAA NA  201 ? 1_555 O   ? A ARG 73 ? AAA ARG 73  ? 1_555 97.3  ? 
9  OG  ? A SER 72  ? AAA SER 72  ? 1_555 NA ? B NA  . ? AAA NA  201 ? 1_555 O   ? A ARG 73 ? AAA ARG 73  ? 1_555 101.3 ? 
10 O   ? A SER 60  ? AAA SER 60  ? 1_555 NA ? B NA  . ? AAA NA  201 ? 1_555 O1  ? D NO3 .  ? AAA NO3 203 ? 1_555 103.0 ? 
11 O   ? A CYS 64  ? AAA CYS 64  ? 1_555 NA ? B NA  . ? AAA NA  201 ? 1_555 O1  ? D NO3 .  ? AAA NO3 203 ? 1_555 87.4  ? 
12 OG  ? A SER 72  ? AAA SER 72  ? 1_555 NA ? B NA  . ? AAA NA  201 ? 1_555 O1  ? D NO3 .  ? AAA NO3 203 ? 1_555 75.9  ? 
13 O   ? A ARG 73  ? AAA ARG 73  ? 1_555 NA ? B NA  . ? AAA NA  201 ? 1_555 O1  ? D NO3 .  ? AAA NO3 203 ? 1_555 161.3 ? 
14 O   ? A SER 60  ? AAA SER 60  ? 1_555 NA ? B NA  . ? AAA NA  201 ? 1_555 O   ? P HOH .  ? AAA HOH 335 ? 1_555 172.5 ? 
15 O   ? A CYS 64  ? AAA CYS 64  ? 1_555 NA ? B NA  . ? AAA NA  201 ? 1_555 O   ? P HOH .  ? AAA HOH 335 ? 1_555 98.1  ? 
16 OG  ? A SER 72  ? AAA SER 72  ? 1_555 NA ? B NA  . ? AAA NA  201 ? 1_555 O   ? P HOH .  ? AAA HOH 335 ? 1_555 86.4  ? 
17 O   ? A ARG 73  ? AAA ARG 73  ? 1_555 NA ? B NA  . ? AAA NA  201 ? 1_555 O   ? P HOH .  ? AAA HOH 335 ? 1_555 86.1  ? 
18 O1  ? D NO3 .   ? AAA NO3 203 ? 1_555 NA ? B NA  . ? AAA NA  201 ? 1_555 O   ? P HOH .  ? AAA HOH 335 ? 1_555 75.2  ? 
19 OD2 ? A ASP 119 ? AAA ASP 119 ? 1_555 RU ? O T8K . ? AAA T8K 214 ? 1_555 O6  ? O T8K .  ? AAA T8K 214 ? 1_555 76.9  ? 
20 OD2 ? A ASP 119 ? AAA ASP 119 ? 1_555 RU ? O T8K . ? AAA T8K 214 ? 1_555 O3  ? O T8K .  ? AAA T8K 214 ? 1_555 162.0 ? 
21 O6  ? O T8K .   ? AAA T8K 214 ? 1_555 RU ? O T8K . ? AAA T8K 214 ? 1_555 O3  ? O T8K .  ? AAA T8K 214 ? 1_555 88.5  ? 
22 OD2 ? A ASP 119 ? AAA ASP 119 ? 1_555 RU ? O T8K . ? AAA T8K 214 ? 1_555 O5  ? O T8K .  ? AAA T8K 214 ? 1_555 80.3  ? 
23 O6  ? O T8K .   ? AAA T8K 214 ? 1_555 RU ? O T8K . ? AAA T8K 214 ? 1_555 O5  ? O T8K .  ? AAA T8K 214 ? 1_555 89.9  ? 
24 O3  ? O T8K .   ? AAA T8K 214 ? 1_555 RU ? O T8K . ? AAA T8K 214 ? 1_555 O5  ? O T8K .  ? AAA T8K 214 ? 1_555 89.3  ? 
25 OD2 ? A ASP 119 ? AAA ASP 119 ? 1_555 RU ? O T8K . ? AAA T8K 214 ? 1_555 C29 ? O T8K .  ? AAA T8K 214 ? 1_555 98.6  ? 
26 O6  ? O T8K .   ? AAA T8K 214 ? 1_555 RU ? O T8K . ? AAA T8K 214 ? 1_555 C29 ? O T8K .  ? AAA T8K 214 ? 1_555 89.9  ? 
27 O3  ? O T8K .   ? AAA T8K 214 ? 1_555 RU ? O T8K . ? AAA T8K 214 ? 1_555 C29 ? O T8K .  ? AAA T8K 214 ? 1_555 91.8  ? 
28 O5  ? O T8K .   ? AAA T8K 214 ? 1_555 RU ? O T8K . ? AAA T8K 214 ? 1_555 C29 ? O T8K .  ? AAA T8K 214 ? 1_555 178.8 ? 
29 OD2 ? A ASP 119 ? AAA ASP 119 ? 1_555 RU ? O T8K . ? AAA T8K 214 ? 1_555 O4  ? O T8K .  ? AAA T8K 214 ? 1_555 103.9 ? 
30 O6  ? O T8K .   ? AAA T8K 214 ? 1_555 RU ? O T8K . ? AAA T8K 214 ? 1_555 O4  ? O T8K .  ? AAA T8K 214 ? 1_555 179.1 ? 
31 O3  ? O T8K .   ? AAA T8K 214 ? 1_555 RU ? O T8K . ? AAA T8K 214 ? 1_555 O4  ? O T8K .  ? AAA T8K 214 ? 1_555 90.7  ? 
32 O5  ? O T8K .   ? AAA T8K 214 ? 1_555 RU ? O T8K . ? AAA T8K 214 ? 1_555 O4  ? O T8K .  ? AAA T8K 214 ? 1_555 90.4  ? 
33 C29 ? O T8K .   ? AAA T8K 214 ? 1_555 RU ? O T8K . ? AAA T8K 214 ? 1_555 O4  ? O T8K .  ? AAA T8K 214 ? 1_555 89.8  ? 
# 
loop_
_pdbx_modification_feature.ordinal 
_pdbx_modification_feature.label_comp_id 
_pdbx_modification_feature.label_asym_id 
_pdbx_modification_feature.label_seq_id 
_pdbx_modification_feature.label_alt_id 
_pdbx_modification_feature.modified_residue_label_comp_id 
_pdbx_modification_feature.modified_residue_label_asym_id 
_pdbx_modification_feature.modified_residue_label_seq_id 
_pdbx_modification_feature.modified_residue_label_alt_id 
_pdbx_modification_feature.auth_comp_id 
_pdbx_modification_feature.auth_asym_id 
_pdbx_modification_feature.auth_seq_id 
_pdbx_modification_feature.PDB_ins_code 
_pdbx_modification_feature.symmetry 
_pdbx_modification_feature.modified_residue_auth_comp_id 
_pdbx_modification_feature.modified_residue_auth_asym_id 
_pdbx_modification_feature.modified_residue_auth_seq_id 
_pdbx_modification_feature.modified_residue_PDB_ins_code 
_pdbx_modification_feature.modified_residue_symmetry 
_pdbx_modification_feature.comp_id_linking_atom 
_pdbx_modification_feature.modified_residue_id_linking_atom 
_pdbx_modification_feature.modified_residue_id 
_pdbx_modification_feature.ref_pcm_id 
_pdbx_modification_feature.ref_comp_id 
_pdbx_modification_feature.type 
_pdbx_modification_feature.category 
1 CYS A 6  ? CYS A 127 ? CYS AAA 6  ? 1_555 CYS AAA 127 ? 1_555 SG SG . . . None 'Disulfide bridge' 
2 CYS A 30 ? CYS A 115 ? CYS AAA 30 ? 1_555 CYS AAA 115 ? 1_555 SG SG . . . None 'Disulfide bridge' 
3 CYS A 64 ? CYS A 80  ? CYS AAA 64 ? 1_555 CYS AAA 80  ? 1_555 SG SG . . . None 'Disulfide bridge' 
4 CYS A 76 ? CYS A 94  ? CYS AAA 76 ? 1_555 CYS AAA 94  ? 1_555 SG SG . . . None 'Disulfide bridge' 
# 
_struct_sheet.id               AA1 
_struct_sheet.type             ? 
_struct_sheet.number_strands   3 
_struct_sheet.details          ? 
# 
loop_
_struct_sheet_order.sheet_id 
_struct_sheet_order.range_id_1 
_struct_sheet_order.range_id_2 
_struct_sheet_order.offset 
_struct_sheet_order.sense 
AA1 1 2 ? anti-parallel 
AA1 2 3 ? anti-parallel 
# 
loop_
_struct_sheet_range.sheet_id 
_struct_sheet_range.id 
_struct_sheet_range.beg_label_comp_id 
_struct_sheet_range.beg_label_asym_id 
_struct_sheet_range.beg_label_seq_id 
_struct_sheet_range.pdbx_beg_PDB_ins_code 
_struct_sheet_range.end_label_comp_id 
_struct_sheet_range.end_label_asym_id 
_struct_sheet_range.end_label_seq_id 
_struct_sheet_range.pdbx_end_PDB_ins_code 
_struct_sheet_range.beg_auth_comp_id 
_struct_sheet_range.beg_auth_asym_id 
_struct_sheet_range.beg_auth_seq_id 
_struct_sheet_range.end_auth_comp_id 
_struct_sheet_range.end_auth_asym_id 
_struct_sheet_range.end_auth_seq_id 
AA1 1 THR A 43 ? ARG A 45 ? THR AAA 43 ARG AAA 45 
AA1 2 THR A 51 ? TYR A 53 ? THR AAA 51 TYR AAA 53 
AA1 3 ILE A 58 ? ASN A 59 ? ILE AAA 58 ASN AAA 59 
# 
loop_
_pdbx_struct_sheet_hbond.sheet_id 
_pdbx_struct_sheet_hbond.range_id_1 
_pdbx_struct_sheet_hbond.range_id_2 
_pdbx_struct_sheet_hbond.range_1_label_atom_id 
_pdbx_struct_sheet_hbond.range_1_label_comp_id 
_pdbx_struct_sheet_hbond.range_1_label_asym_id 
_pdbx_struct_sheet_hbond.range_1_label_seq_id 
_pdbx_struct_sheet_hbond.range_1_PDB_ins_code 
_pdbx_struct_sheet_hbond.range_1_auth_atom_id 
_pdbx_struct_sheet_hbond.range_1_auth_comp_id 
_pdbx_struct_sheet_hbond.range_1_auth_asym_id 
_pdbx_struct_sheet_hbond.range_1_auth_seq_id 
_pdbx_struct_sheet_hbond.range_2_label_atom_id 
_pdbx_struct_sheet_hbond.range_2_label_comp_id 
_pdbx_struct_sheet_hbond.range_2_label_asym_id 
_pdbx_struct_sheet_hbond.range_2_label_seq_id 
_pdbx_struct_sheet_hbond.range_2_PDB_ins_code 
_pdbx_struct_sheet_hbond.range_2_auth_atom_id 
_pdbx_struct_sheet_hbond.range_2_auth_comp_id 
_pdbx_struct_sheet_hbond.range_2_auth_asym_id 
_pdbx_struct_sheet_hbond.range_2_auth_seq_id 
AA1 1 2 N ASN A 44 ? N ASN AAA 44 O ASP A 52 ? O ASP AAA 52 
AA1 2 3 N TYR A 53 ? N TYR AAA 53 O ILE A 58 ? O ILE AAA 58 
# 
_pdbx_entry_details.entry_id                   8C39 
_pdbx_entry_details.has_ligand_of_interest     Y 
_pdbx_entry_details.compound_details           ? 
_pdbx_entry_details.source_details             ? 
_pdbx_entry_details.nonpolymer_details         ? 
_pdbx_entry_details.sequence_details           ? 
_pdbx_entry_details.has_protein_modification   Y 
# 
_pdbx_validate_symm_contact.id                1 
_pdbx_validate_symm_contact.PDB_model_num     1 
_pdbx_validate_symm_contact.auth_atom_id_1    O 
_pdbx_validate_symm_contact.auth_asym_id_1    AAA 
_pdbx_validate_symm_contact.auth_comp_id_1    LEU 
_pdbx_validate_symm_contact.auth_seq_id_1     129 
_pdbx_validate_symm_contact.PDB_ins_code_1    ? 
_pdbx_validate_symm_contact.label_alt_id_1    ? 
_pdbx_validate_symm_contact.site_symmetry_1   1_555 
_pdbx_validate_symm_contact.auth_atom_id_2    O 
_pdbx_validate_symm_contact.auth_asym_id_2    AAA 
_pdbx_validate_symm_contact.auth_comp_id_2    LEU 
_pdbx_validate_symm_contact.auth_seq_id_2     129 
_pdbx_validate_symm_contact.PDB_ins_code_2    ? 
_pdbx_validate_symm_contact.label_alt_id_2    ? 
_pdbx_validate_symm_contact.site_symmetry_2   8_554 
_pdbx_validate_symm_contact.dist              1.48 
# 
_pdbx_validate_rmsd_angle.id                         1 
_pdbx_validate_rmsd_angle.PDB_model_num              1 
_pdbx_validate_rmsd_angle.auth_atom_id_1             NE 
_pdbx_validate_rmsd_angle.auth_asym_id_1             AAA 
_pdbx_validate_rmsd_angle.auth_comp_id_1             ARG 
_pdbx_validate_rmsd_angle.auth_seq_id_1              112 
_pdbx_validate_rmsd_angle.PDB_ins_code_1             ? 
_pdbx_validate_rmsd_angle.label_alt_id_1             ? 
_pdbx_validate_rmsd_angle.auth_atom_id_2             CZ 
_pdbx_validate_rmsd_angle.auth_asym_id_2             AAA 
_pdbx_validate_rmsd_angle.auth_comp_id_2             ARG 
_pdbx_validate_rmsd_angle.auth_seq_id_2              112 
_pdbx_validate_rmsd_angle.PDB_ins_code_2             ? 
_pdbx_validate_rmsd_angle.label_alt_id_2             ? 
_pdbx_validate_rmsd_angle.auth_atom_id_3             NH2 
_pdbx_validate_rmsd_angle.auth_asym_id_3             AAA 
_pdbx_validate_rmsd_angle.auth_comp_id_3             ARG 
_pdbx_validate_rmsd_angle.auth_seq_id_3              112 
_pdbx_validate_rmsd_angle.PDB_ins_code_3             ? 
_pdbx_validate_rmsd_angle.label_alt_id_3             ? 
_pdbx_validate_rmsd_angle.angle_value                123.48 
_pdbx_validate_rmsd_angle.angle_target_value         120.30 
_pdbx_validate_rmsd_angle.angle_deviation            3.18 
_pdbx_validate_rmsd_angle.angle_standard_deviation   0.50 
_pdbx_validate_rmsd_angle.linker_flag                N 
# 
_pdbx_validate_torsion.id              1 
_pdbx_validate_torsion.PDB_model_num   1 
_pdbx_validate_torsion.auth_comp_id    ARG 
_pdbx_validate_torsion.auth_asym_id    AAA 
_pdbx_validate_torsion.auth_seq_id     68 
_pdbx_validate_torsion.PDB_ins_code    ? 
_pdbx_validate_torsion.label_alt_id    ? 
_pdbx_validate_torsion.phi             -143.40 
_pdbx_validate_torsion.psi             26.96 
# 
_pdbx_validate_chiral.id              1 
_pdbx_validate_chiral.PDB_model_num   1 
_pdbx_validate_chiral.auth_atom_id    C33 
_pdbx_validate_chiral.label_alt_id    ? 
_pdbx_validate_chiral.auth_asym_id    AAA 
_pdbx_validate_chiral.auth_comp_id    T8K 
_pdbx_validate_chiral.auth_seq_id     214 
_pdbx_validate_chiral.PDB_ins_code    ? 
_pdbx_validate_chiral.details         PLANAR 
_pdbx_validate_chiral.omega           . 
# 
loop_
_pdbx_struct_special_symmetry.id 
_pdbx_struct_special_symmetry.PDB_model_num 
_pdbx_struct_special_symmetry.auth_asym_id 
_pdbx_struct_special_symmetry.auth_comp_id 
_pdbx_struct_special_symmetry.auth_seq_id 
_pdbx_struct_special_symmetry.PDB_ins_code 
_pdbx_struct_special_symmetry.label_asym_id 
_pdbx_struct_special_symmetry.label_comp_id 
_pdbx_struct_special_symmetry.label_seq_id 
1 1 AAA NO3 211 ? L NO3 . 
2 1 AAA NO3 211 ? L NO3 . 
3 1 AAA HOH 328 ? P HOH . 
4 1 AAA HOH 360 ? P HOH . 
5 1 AAA HOH 472 ? P HOH . 
6 1 AAA HOH 474 ? P HOH . 
7 1 AAA HOH 476 ? P HOH . 
# 
_pdbx_distant_solvent_atoms.id                                1 
_pdbx_distant_solvent_atoms.PDB_model_num                     1 
_pdbx_distant_solvent_atoms.auth_atom_id                      O 
_pdbx_distant_solvent_atoms.label_alt_id                      ? 
_pdbx_distant_solvent_atoms.auth_asym_id                      AAA 
_pdbx_distant_solvent_atoms.auth_comp_id                      HOH 
_pdbx_distant_solvent_atoms.auth_seq_id                       476 
_pdbx_distant_solvent_atoms.PDB_ins_code                      ? 
_pdbx_distant_solvent_atoms.neighbor_macromolecule_distance   5.84 
_pdbx_distant_solvent_atoms.neighbor_ligand_distance          . 
# 
loop_
_chem_comp_atom.comp_id 
_chem_comp_atom.atom_id 
_chem_comp_atom.type_symbol 
_chem_comp_atom.pdbx_aromatic_flag 
_chem_comp_atom.pdbx_stereo_config 
_chem_comp_atom.pdbx_ordinal 
ALA N    N  N N 1   
ALA CA   C  N S 2   
ALA C    C  N N 3   
ALA O    O  N N 4   
ALA CB   C  N N 5   
ALA OXT  O  N N 6   
ALA H    H  N N 7   
ALA H2   H  N N 8   
ALA HA   H  N N 9   
ALA HB1  H  N N 10  
ALA HB2  H  N N 11  
ALA HB3  H  N N 12  
ALA HXT  H  N N 13  
ARG N    N  N N 14  
ARG CA   C  N S 15  
ARG C    C  N N 16  
ARG O    O  N N 17  
ARG CB   C  N N 18  
ARG CG   C  N N 19  
ARG CD   C  N N 20  
ARG NE   N  N N 21  
ARG CZ   C  N N 22  
ARG NH1  N  N N 23  
ARG NH2  N  N N 24  
ARG OXT  O  N N 25  
ARG H    H  N N 26  
ARG H2   H  N N 27  
ARG HA   H  N N 28  
ARG HB2  H  N N 29  
ARG HB3  H  N N 30  
ARG HG2  H  N N 31  
ARG HG3  H  N N 32  
ARG HD2  H  N N 33  
ARG HD3  H  N N 34  
ARG HE   H  N N 35  
ARG HH11 H  N N 36  
ARG HH12 H  N N 37  
ARG HH21 H  N N 38  
ARG HH22 H  N N 39  
ARG HXT  H  N N 40  
ASN N    N  N N 41  
ASN CA   C  N S 42  
ASN C    C  N N 43  
ASN O    O  N N 44  
ASN CB   C  N N 45  
ASN CG   C  N N 46  
ASN OD1  O  N N 47  
ASN ND2  N  N N 48  
ASN OXT  O  N N 49  
ASN H    H  N N 50  
ASN H2   H  N N 51  
ASN HA   H  N N 52  
ASN HB2  H  N N 53  
ASN HB3  H  N N 54  
ASN HD21 H  N N 55  
ASN HD22 H  N N 56  
ASN HXT  H  N N 57  
ASP N    N  N N 58  
ASP CA   C  N S 59  
ASP C    C  N N 60  
ASP O    O  N N 61  
ASP CB   C  N N 62  
ASP CG   C  N N 63  
ASP OD1  O  N N 64  
ASP OD2  O  N N 65  
ASP OXT  O  N N 66  
ASP H    H  N N 67  
ASP H2   H  N N 68  
ASP HA   H  N N 69  
ASP HB2  H  N N 70  
ASP HB3  H  N N 71  
ASP HD2  H  N N 72  
ASP HXT  H  N N 73  
CL  CL   CL N N 74  
CYS N    N  N N 75  
CYS CA   C  N R 76  
CYS C    C  N N 77  
CYS O    O  N N 78  
CYS CB   C  N N 79  
CYS SG   S  N N 80  
CYS OXT  O  N N 81  
CYS H    H  N N 82  
CYS H2   H  N N 83  
CYS HA   H  N N 84  
CYS HB2  H  N N 85  
CYS HB3  H  N N 86  
CYS HG   H  N N 87  
CYS HXT  H  N N 88  
GLN N    N  N N 89  
GLN CA   C  N S 90  
GLN C    C  N N 91  
GLN O    O  N N 92  
GLN CB   C  N N 93  
GLN CG   C  N N 94  
GLN CD   C  N N 95  
GLN OE1  O  N N 96  
GLN NE2  N  N N 97  
GLN OXT  O  N N 98  
GLN H    H  N N 99  
GLN H2   H  N N 100 
GLN HA   H  N N 101 
GLN HB2  H  N N 102 
GLN HB3  H  N N 103 
GLN HG2  H  N N 104 
GLN HG3  H  N N 105 
GLN HE21 H  N N 106 
GLN HE22 H  N N 107 
GLN HXT  H  N N 108 
GLU N    N  N N 109 
GLU CA   C  N S 110 
GLU C    C  N N 111 
GLU O    O  N N 112 
GLU CB   C  N N 113 
GLU CG   C  N N 114 
GLU CD   C  N N 115 
GLU OE1  O  N N 116 
GLU OE2  O  N N 117 
GLU OXT  O  N N 118 
GLU H    H  N N 119 
GLU H2   H  N N 120 
GLU HA   H  N N 121 
GLU HB2  H  N N 122 
GLU HB3  H  N N 123 
GLU HG2  H  N N 124 
GLU HG3  H  N N 125 
GLU HE2  H  N N 126 
GLU HXT  H  N N 127 
GLY N    N  N N 128 
GLY CA   C  N N 129 
GLY C    C  N N 130 
GLY O    O  N N 131 
GLY OXT  O  N N 132 
GLY H    H  N N 133 
GLY H2   H  N N 134 
GLY HA2  H  N N 135 
GLY HA3  H  N N 136 
GLY HXT  H  N N 137 
HIS N    N  N N 138 
HIS CA   C  N S 139 
HIS C    C  N N 140 
HIS O    O  N N 141 
HIS CB   C  N N 142 
HIS CG   C  Y N 143 
HIS ND1  N  Y N 144 
HIS CD2  C  Y N 145 
HIS CE1  C  Y N 146 
HIS NE2  N  Y N 147 
HIS OXT  O  N N 148 
HIS H    H  N N 149 
HIS H2   H  N N 150 
HIS HA   H  N N 151 
HIS HB2  H  N N 152 
HIS HB3  H  N N 153 
HIS HD1  H  N N 154 
HIS HD2  H  N N 155 
HIS HE1  H  N N 156 
HIS HE2  H  N N 157 
HIS HXT  H  N N 158 
HOH O    O  N N 159 
HOH H1   H  N N 160 
HOH H2   H  N N 161 
ILE N    N  N N 162 
ILE CA   C  N S 163 
ILE C    C  N N 164 
ILE O    O  N N 165 
ILE CB   C  N S 166 
ILE CG1  C  N N 167 
ILE CG2  C  N N 168 
ILE CD1  C  N N 169 
ILE OXT  O  N N 170 
ILE H    H  N N 171 
ILE H2   H  N N 172 
ILE HA   H  N N 173 
ILE HB   H  N N 174 
ILE HG12 H  N N 175 
ILE HG13 H  N N 176 
ILE HG21 H  N N 177 
ILE HG22 H  N N 178 
ILE HG23 H  N N 179 
ILE HD11 H  N N 180 
ILE HD12 H  N N 181 
ILE HD13 H  N N 182 
ILE HXT  H  N N 183 
LEU N    N  N N 184 
LEU CA   C  N S 185 
LEU C    C  N N 186 
LEU O    O  N N 187 
LEU CB   C  N N 188 
LEU CG   C  N N 189 
LEU CD1  C  N N 190 
LEU CD2  C  N N 191 
LEU OXT  O  N N 192 
LEU H    H  N N 193 
LEU H2   H  N N 194 
LEU HA   H  N N 195 
LEU HB2  H  N N 196 
LEU HB3  H  N N 197 
LEU HG   H  N N 198 
LEU HD11 H  N N 199 
LEU HD12 H  N N 200 
LEU HD13 H  N N 201 
LEU HD21 H  N N 202 
LEU HD22 H  N N 203 
LEU HD23 H  N N 204 
LEU HXT  H  N N 205 
LYS N    N  N N 206 
LYS CA   C  N S 207 
LYS C    C  N N 208 
LYS O    O  N N 209 
LYS CB   C  N N 210 
LYS CG   C  N N 211 
LYS CD   C  N N 212 
LYS CE   C  N N 213 
LYS NZ   N  N N 214 
LYS OXT  O  N N 215 
LYS H    H  N N 216 
LYS H2   H  N N 217 
LYS HA   H  N N 218 
LYS HB2  H  N N 219 
LYS HB3  H  N N 220 
LYS HG2  H  N N 221 
LYS HG3  H  N N 222 
LYS HD2  H  N N 223 
LYS HD3  H  N N 224 
LYS HE2  H  N N 225 
LYS HE3  H  N N 226 
LYS HZ1  H  N N 227 
LYS HZ2  H  N N 228 
LYS HZ3  H  N N 229 
LYS HXT  H  N N 230 
MET N    N  N N 231 
MET CA   C  N S 232 
MET C    C  N N 233 
MET O    O  N N 234 
MET CB   C  N N 235 
MET CG   C  N N 236 
MET SD   S  N N 237 
MET CE   C  N N 238 
MET OXT  O  N N 239 
MET H    H  N N 240 
MET H2   H  N N 241 
MET HA   H  N N 242 
MET HB2  H  N N 243 
MET HB3  H  N N 244 
MET HG2  H  N N 245 
MET HG3  H  N N 246 
MET HE1  H  N N 247 
MET HE2  H  N N 248 
MET HE3  H  N N 249 
MET HXT  H  N N 250 
NA  NA   NA N N 251 
NO3 N    N  N N 252 
NO3 O1   O  N N 253 
NO3 O2   O  N N 254 
NO3 O3   O  N N 255 
PHE N    N  N N 256 
PHE CA   C  N S 257 
PHE C    C  N N 258 
PHE O    O  N N 259 
PHE CB   C  N N 260 
PHE CG   C  Y N 261 
PHE CD1  C  Y N 262 
PHE CD2  C  Y N 263 
PHE CE1  C  Y N 264 
PHE CE2  C  Y N 265 
PHE CZ   C  Y N 266 
PHE OXT  O  N N 267 
PHE H    H  N N 268 
PHE H2   H  N N 269 
PHE HA   H  N N 270 
PHE HB2  H  N N 271 
PHE HB3  H  N N 272 
PHE HD1  H  N N 273 
PHE HD2  H  N N 274 
PHE HE1  H  N N 275 
PHE HE2  H  N N 276 
PHE HZ   H  N N 277 
PHE HXT  H  N N 278 
PRO N    N  N N 279 
PRO CA   C  N S 280 
PRO C    C  N N 281 
PRO O    O  N N 282 
PRO CB   C  N N 283 
PRO CG   C  N N 284 
PRO CD   C  N N 285 
PRO OXT  O  N N 286 
PRO H    H  N N 287 
PRO HA   H  N N 288 
PRO HB2  H  N N 289 
PRO HB3  H  N N 290 
PRO HG2  H  N N 291 
PRO HG3  H  N N 292 
PRO HD2  H  N N 293 
PRO HD3  H  N N 294 
PRO HXT  H  N N 295 
SER N    N  N N 296 
SER CA   C  N S 297 
SER C    C  N N 298 
SER O    O  N N 299 
SER CB   C  N N 300 
SER OG   O  N N 301 
SER OXT  O  N N 302 
SER H    H  N N 303 
SER H2   H  N N 304 
SER HA   H  N N 305 
SER HB2  H  N N 306 
SER HB3  H  N N 307 
SER HG   H  N N 308 
SER HXT  H  N N 309 
T8K O1   O  N N 310 
T8K O2   O  N N 311 
T8K O3   O  N N 312 
T8K N3   N  Y N 313 
T8K O4   O  N N 314 
T8K O5   O  N N 315 
T8K N4   N  Y N 316 
T8K O6   O  N N 317 
T8K RU   RU N N 318 
T8K O11  O  N N 319 
T8K C37  C  N R 320 
T8K C36  C  N S 321 
T8K O13  O  N N 322 
T8K C35  C  N R 323 
T8K O15  O  N N 324 
T8K C34  C  N R 325 
T8K C38  C  N N 326 
T8K O17  O  N N 327 
T8K O10  O  N N 328 
T8K C33  C  N R 329 
T8K C29  C  Y N 330 
T8K C32  C  Y N 331 
T8K C31  C  Y N 332 
T8K C30  C  N N 333 
T8K N    N  N N 334 
T8K H4   H  N N 335 
T8K H5   H  N N 336 
T8K H6   H  N N 337 
T8K H7   H  N N 338 
T8K H8   H  N N 339 
T8K H9   H  N N 340 
T8K H10  H  N N 341 
T8K H11  H  N N 342 
T8K H12  H  N N 343 
T8K H13  H  N N 344 
T8K H14  H  N N 345 
T8K H15  H  N N 346 
T8K H16  H  N N 347 
T8K H17  H  N N 348 
T8K H18  H  N N 349 
T8K H19  H  N N 350 
T8K H2   H  N N 351 
T8K H3   H  N N 352 
T8K H1   H  N N 353 
THR N    N  N N 354 
THR CA   C  N S 355 
THR C    C  N N 356 
THR O    O  N N 357 
THR CB   C  N R 358 
THR OG1  O  N N 359 
THR CG2  C  N N 360 
THR OXT  O  N N 361 
THR H    H  N N 362 
THR H2   H  N N 363 
THR HA   H  N N 364 
THR HB   H  N N 365 
THR HG1  H  N N 366 
THR HG21 H  N N 367 
THR HG22 H  N N 368 
THR HG23 H  N N 369 
THR HXT  H  N N 370 
TRP N    N  N N 371 
TRP CA   C  N S 372 
TRP C    C  N N 373 
TRP O    O  N N 374 
TRP CB   C  N N 375 
TRP CG   C  Y N 376 
TRP CD1  C  Y N 377 
TRP CD2  C  Y N 378 
TRP NE1  N  Y N 379 
TRP CE2  C  Y N 380 
TRP CE3  C  Y N 381 
TRP CZ2  C  Y N 382 
TRP CZ3  C  Y N 383 
TRP CH2  C  Y N 384 
TRP OXT  O  N N 385 
TRP H    H  N N 386 
TRP H2   H  N N 387 
TRP HA   H  N N 388 
TRP HB2  H  N N 389 
TRP HB3  H  N N 390 
TRP HD1  H  N N 391 
TRP HE1  H  N N 392 
TRP HE3  H  N N 393 
TRP HZ2  H  N N 394 
TRP HZ3  H  N N 395 
TRP HH2  H  N N 396 
TRP HXT  H  N N 397 
TYR N    N  N N 398 
TYR CA   C  N S 399 
TYR C    C  N N 400 
TYR O    O  N N 401 
TYR CB   C  N N 402 
TYR CG   C  Y N 403 
TYR CD1  C  Y N 404 
TYR CD2  C  Y N 405 
TYR CE1  C  Y N 406 
TYR CE2  C  Y N 407 
TYR CZ   C  Y N 408 
TYR OH   O  N N 409 
TYR OXT  O  N N 410 
TYR H    H  N N 411 
TYR H2   H  N N 412 
TYR HA   H  N N 413 
TYR HB2  H  N N 414 
TYR HB3  H  N N 415 
TYR HD1  H  N N 416 
TYR HD2  H  N N 417 
TYR HE1  H  N N 418 
TYR HE2  H  N N 419 
TYR HH   H  N N 420 
TYR HXT  H  N N 421 
VAL N    N  N N 422 
VAL CA   C  N S 423 
VAL C    C  N N 424 
VAL O    O  N N 425 
VAL CB   C  N N 426 
VAL CG1  C  N N 427 
VAL CG2  C  N N 428 
VAL OXT  O  N N 429 
VAL H    H  N N 430 
VAL H2   H  N N 431 
VAL HA   H  N N 432 
VAL HB   H  N N 433 
VAL HG11 H  N N 434 
VAL HG12 H  N N 435 
VAL HG13 H  N N 436 
VAL HG21 H  N N 437 
VAL HG22 H  N N 438 
VAL HG23 H  N N 439 
VAL HXT  H  N N 440 
# 
loop_
_chem_comp_bond.comp_id 
_chem_comp_bond.atom_id_1 
_chem_comp_bond.atom_id_2 
_chem_comp_bond.value_order 
_chem_comp_bond.pdbx_aromatic_flag 
_chem_comp_bond.pdbx_stereo_config 
_chem_comp_bond.pdbx_ordinal 
ALA N   CA   sing N N 1   
ALA N   H    sing N N 2   
ALA N   H2   sing N N 3   
ALA CA  C    sing N N 4   
ALA CA  CB   sing N N 5   
ALA CA  HA   sing N N 6   
ALA C   O    doub N N 7   
ALA C   OXT  sing N N 8   
ALA CB  HB1  sing N N 9   
ALA CB  HB2  sing N N 10  
ALA CB  HB3  sing N N 11  
ALA OXT HXT  sing N N 12  
ARG N   CA   sing N N 13  
ARG N   H    sing N N 14  
ARG N   H2   sing N N 15  
ARG CA  C    sing N N 16  
ARG CA  CB   sing N N 17  
ARG CA  HA   sing N N 18  
ARG C   O    doub N N 19  
ARG C   OXT  sing N N 20  
ARG CB  CG   sing N N 21  
ARG CB  HB2  sing N N 22  
ARG CB  HB3  sing N N 23  
ARG CG  CD   sing N N 24  
ARG CG  HG2  sing N N 25  
ARG CG  HG3  sing N N 26  
ARG CD  NE   sing N N 27  
ARG CD  HD2  sing N N 28  
ARG CD  HD3  sing N N 29  
ARG NE  CZ   sing N N 30  
ARG NE  HE   sing N N 31  
ARG CZ  NH1  sing N N 32  
ARG CZ  NH2  doub N N 33  
ARG NH1 HH11 sing N N 34  
ARG NH1 HH12 sing N N 35  
ARG NH2 HH21 sing N N 36  
ARG NH2 HH22 sing N N 37  
ARG OXT HXT  sing N N 38  
ASN N   CA   sing N N 39  
ASN N   H    sing N N 40  
ASN N   H2   sing N N 41  
ASN CA  C    sing N N 42  
ASN CA  CB   sing N N 43  
ASN CA  HA   sing N N 44  
ASN C   O    doub N N 45  
ASN C   OXT  sing N N 46  
ASN CB  CG   sing N N 47  
ASN CB  HB2  sing N N 48  
ASN CB  HB3  sing N N 49  
ASN CG  OD1  doub N N 50  
ASN CG  ND2  sing N N 51  
ASN ND2 HD21 sing N N 52  
ASN ND2 HD22 sing N N 53  
ASN OXT HXT  sing N N 54  
ASP N   CA   sing N N 55  
ASP N   H    sing N N 56  
ASP N   H2   sing N N 57  
ASP CA  C    sing N N 58  
ASP CA  CB   sing N N 59  
ASP CA  HA   sing N N 60  
ASP C   O    doub N N 61  
ASP C   OXT  sing N N 62  
ASP CB  CG   sing N N 63  
ASP CB  HB2  sing N N 64  
ASP CB  HB3  sing N N 65  
ASP CG  OD1  doub N N 66  
ASP CG  OD2  sing N N 67  
ASP OD2 HD2  sing N N 68  
ASP OXT HXT  sing N N 69  
CYS N   CA   sing N N 70  
CYS N   H    sing N N 71  
CYS N   H2   sing N N 72  
CYS CA  C    sing N N 73  
CYS CA  CB   sing N N 74  
CYS CA  HA   sing N N 75  
CYS C   O    doub N N 76  
CYS C   OXT  sing N N 77  
CYS CB  SG   sing N N 78  
CYS CB  HB2  sing N N 79  
CYS CB  HB3  sing N N 80  
CYS SG  HG   sing N N 81  
CYS OXT HXT  sing N N 82  
GLN N   CA   sing N N 83  
GLN N   H    sing N N 84  
GLN N   H2   sing N N 85  
GLN CA  C    sing N N 86  
GLN CA  CB   sing N N 87  
GLN CA  HA   sing N N 88  
GLN C   O    doub N N 89  
GLN C   OXT  sing N N 90  
GLN CB  CG   sing N N 91  
GLN CB  HB2  sing N N 92  
GLN CB  HB3  sing N N 93  
GLN CG  CD   sing N N 94  
GLN CG  HG2  sing N N 95  
GLN CG  HG3  sing N N 96  
GLN CD  OE1  doub N N 97  
GLN CD  NE2  sing N N 98  
GLN NE2 HE21 sing N N 99  
GLN NE2 HE22 sing N N 100 
GLN OXT HXT  sing N N 101 
GLU N   CA   sing N N 102 
GLU N   H    sing N N 103 
GLU N   H2   sing N N 104 
GLU CA  C    sing N N 105 
GLU CA  CB   sing N N 106 
GLU CA  HA   sing N N 107 
GLU C   O    doub N N 108 
GLU C   OXT  sing N N 109 
GLU CB  CG   sing N N 110 
GLU CB  HB2  sing N N 111 
GLU CB  HB3  sing N N 112 
GLU CG  CD   sing N N 113 
GLU CG  HG2  sing N N 114 
GLU CG  HG3  sing N N 115 
GLU CD  OE1  doub N N 116 
GLU CD  OE2  sing N N 117 
GLU OE2 HE2  sing N N 118 
GLU OXT HXT  sing N N 119 
GLY N   CA   sing N N 120 
GLY N   H    sing N N 121 
GLY N   H2   sing N N 122 
GLY CA  C    sing N N 123 
GLY CA  HA2  sing N N 124 
GLY CA  HA3  sing N N 125 
GLY C   O    doub N N 126 
GLY C   OXT  sing N N 127 
GLY OXT HXT  sing N N 128 
HIS N   CA   sing N N 129 
HIS N   H    sing N N 130 
HIS N   H2   sing N N 131 
HIS CA  C    sing N N 132 
HIS CA  CB   sing N N 133 
HIS CA  HA   sing N N 134 
HIS C   O    doub N N 135 
HIS C   OXT  sing N N 136 
HIS CB  CG   sing N N 137 
HIS CB  HB2  sing N N 138 
HIS CB  HB3  sing N N 139 
HIS CG  ND1  sing Y N 140 
HIS CG  CD2  doub Y N 141 
HIS ND1 CE1  doub Y N 142 
HIS ND1 HD1  sing N N 143 
HIS CD2 NE2  sing Y N 144 
HIS CD2 HD2  sing N N 145 
HIS CE1 NE2  sing Y N 146 
HIS CE1 HE1  sing N N 147 
HIS NE2 HE2  sing N N 148 
HIS OXT HXT  sing N N 149 
HOH O   H1   sing N N 150 
HOH O   H2   sing N N 151 
ILE N   CA   sing N N 152 
ILE N   H    sing N N 153 
ILE N   H2   sing N N 154 
ILE CA  C    sing N N 155 
ILE CA  CB   sing N N 156 
ILE CA  HA   sing N N 157 
ILE C   O    doub N N 158 
ILE C   OXT  sing N N 159 
ILE CB  CG1  sing N N 160 
ILE CB  CG2  sing N N 161 
ILE CB  HB   sing N N 162 
ILE CG1 CD1  sing N N 163 
ILE CG1 HG12 sing N N 164 
ILE CG1 HG13 sing N N 165 
ILE CG2 HG21 sing N N 166 
ILE CG2 HG22 sing N N 167 
ILE CG2 HG23 sing N N 168 
ILE CD1 HD11 sing N N 169 
ILE CD1 HD12 sing N N 170 
ILE CD1 HD13 sing N N 171 
ILE OXT HXT  sing N N 172 
LEU N   CA   sing N N 173 
LEU N   H    sing N N 174 
LEU N   H2   sing N N 175 
LEU CA  C    sing N N 176 
LEU CA  CB   sing N N 177 
LEU CA  HA   sing N N 178 
LEU C   O    doub N N 179 
LEU C   OXT  sing N N 180 
LEU CB  CG   sing N N 181 
LEU CB  HB2  sing N N 182 
LEU CB  HB3  sing N N 183 
LEU CG  CD1  sing N N 184 
LEU CG  CD2  sing N N 185 
LEU CG  HG   sing N N 186 
LEU CD1 HD11 sing N N 187 
LEU CD1 HD12 sing N N 188 
LEU CD1 HD13 sing N N 189 
LEU CD2 HD21 sing N N 190 
LEU CD2 HD22 sing N N 191 
LEU CD2 HD23 sing N N 192 
LEU OXT HXT  sing N N 193 
LYS N   CA   sing N N 194 
LYS N   H    sing N N 195 
LYS N   H2   sing N N 196 
LYS CA  C    sing N N 197 
LYS CA  CB   sing N N 198 
LYS CA  HA   sing N N 199 
LYS C   O    doub N N 200 
LYS C   OXT  sing N N 201 
LYS CB  CG   sing N N 202 
LYS CB  HB2  sing N N 203 
LYS CB  HB3  sing N N 204 
LYS CG  CD   sing N N 205 
LYS CG  HG2  sing N N 206 
LYS CG  HG3  sing N N 207 
LYS CD  CE   sing N N 208 
LYS CD  HD2  sing N N 209 
LYS CD  HD3  sing N N 210 
LYS CE  NZ   sing N N 211 
LYS CE  HE2  sing N N 212 
LYS CE  HE3  sing N N 213 
LYS NZ  HZ1  sing N N 214 
LYS NZ  HZ2  sing N N 215 
LYS NZ  HZ3  sing N N 216 
LYS OXT HXT  sing N N 217 
MET N   CA   sing N N 218 
MET N   H    sing N N 219 
MET N   H2   sing N N 220 
MET CA  C    sing N N 221 
MET CA  CB   sing N N 222 
MET CA  HA   sing N N 223 
MET C   O    doub N N 224 
MET C   OXT  sing N N 225 
MET CB  CG   sing N N 226 
MET CB  HB2  sing N N 227 
MET CB  HB3  sing N N 228 
MET CG  SD   sing N N 229 
MET CG  HG2  sing N N 230 
MET CG  HG3  sing N N 231 
MET SD  CE   sing N N 232 
MET CE  HE1  sing N N 233 
MET CE  HE2  sing N N 234 
MET CE  HE3  sing N N 235 
MET OXT HXT  sing N N 236 
NO3 N   O1   doub N N 237 
NO3 N   O2   sing N N 238 
NO3 N   O3   sing N N 239 
PHE N   CA   sing N N 240 
PHE N   H    sing N N 241 
PHE N   H2   sing N N 242 
PHE CA  C    sing N N 243 
PHE CA  CB   sing N N 244 
PHE CA  HA   sing N N 245 
PHE C   O    doub N N 246 
PHE C   OXT  sing N N 247 
PHE CB  CG   sing N N 248 
PHE CB  HB2  sing N N 249 
PHE CB  HB3  sing N N 250 
PHE CG  CD1  doub Y N 251 
PHE CG  CD2  sing Y N 252 
PHE CD1 CE1  sing Y N 253 
PHE CD1 HD1  sing N N 254 
PHE CD2 CE2  doub Y N 255 
PHE CD2 HD2  sing N N 256 
PHE CE1 CZ   doub Y N 257 
PHE CE1 HE1  sing N N 258 
PHE CE2 CZ   sing Y N 259 
PHE CE2 HE2  sing N N 260 
PHE CZ  HZ   sing N N 261 
PHE OXT HXT  sing N N 262 
PRO N   CA   sing N N 263 
PRO N   CD   sing N N 264 
PRO N   H    sing N N 265 
PRO CA  C    sing N N 266 
PRO CA  CB   sing N N 267 
PRO CA  HA   sing N N 268 
PRO C   O    doub N N 269 
PRO C   OXT  sing N N 270 
PRO CB  CG   sing N N 271 
PRO CB  HB2  sing N N 272 
PRO CB  HB3  sing N N 273 
PRO CG  CD   sing N N 274 
PRO CG  HG2  sing N N 275 
PRO CG  HG3  sing N N 276 
PRO CD  HD2  sing N N 277 
PRO CD  HD3  sing N N 278 
PRO OXT HXT  sing N N 279 
SER N   CA   sing N N 280 
SER N   H    sing N N 281 
SER N   H2   sing N N 282 
SER CA  C    sing N N 283 
SER CA  CB   sing N N 284 
SER CA  HA   sing N N 285 
SER C   O    doub N N 286 
SER C   OXT  sing N N 287 
SER CB  OG   sing N N 288 
SER CB  HB2  sing N N 289 
SER CB  HB3  sing N N 290 
SER OG  HG   sing N N 291 
SER OXT HXT  sing N N 292 
T8K O1  N    doub N N 293 
T8K C30 N3   sing N N 294 
T8K O6  RU   sing N N 295 
T8K O3  N    sing N N 296 
T8K O3  RU   sing N N 297 
T8K N   O2   sing N N 298 
T8K O5  RU   sing N N 299 
T8K N3  C31  sing Y N 300 
T8K N3  C29  sing Y N 301 
T8K RU  C29  sing N N 302 
T8K RU  O4   sing N N 303 
T8K C31 C32  doub Y N 304 
T8K C29 N4   doub Y N 305 
T8K C32 N4   sing Y N 306 
T8K N4  C33  sing N N 307 
T8K O11 C37  sing N N 308 
T8K C33 C37  sing N N 309 
T8K C33 O10  sing N N 310 
T8K C37 C36  sing N N 311 
T8K O10 C34  sing N N 312 
T8K C36 O13  sing N N 313 
T8K C36 C35  sing N N 314 
T8K C34 C35  sing N N 315 
T8K C34 C38  sing N N 316 
T8K C35 O15  sing N N 317 
T8K C38 O17  sing N N 318 
T8K O11 H4   sing N N 319 
T8K C37 H5   sing N N 320 
T8K C36 H6   sing N N 321 
T8K O13 H7   sing N N 322 
T8K C35 H8   sing N N 323 
T8K O15 H9   sing N N 324 
T8K C34 H10  sing N N 325 
T8K C38 H11  sing N N 326 
T8K C38 H12  sing N N 327 
T8K O17 H13  sing N N 328 
T8K C33 H14  sing N N 329 
T8K C32 H15  sing N N 330 
T8K C31 H16  sing N N 331 
T8K C30 H17  sing N N 332 
T8K C30 H18  sing N N 333 
T8K C30 H19  sing N N 334 
T8K O5  H2   sing N N 335 
T8K O6  H3   sing N N 336 
T8K O4  H1   sing N N 337 
THR N   CA   sing N N 338 
THR N   H    sing N N 339 
THR N   H2   sing N N 340 
THR CA  C    sing N N 341 
THR CA  CB   sing N N 342 
THR CA  HA   sing N N 343 
THR C   O    doub N N 344 
THR C   OXT  sing N N 345 
THR CB  OG1  sing N N 346 
THR CB  CG2  sing N N 347 
THR CB  HB   sing N N 348 
THR OG1 HG1  sing N N 349 
THR CG2 HG21 sing N N 350 
THR CG2 HG22 sing N N 351 
THR CG2 HG23 sing N N 352 
THR OXT HXT  sing N N 353 
TRP N   CA   sing N N 354 
TRP N   H    sing N N 355 
TRP N   H2   sing N N 356 
TRP CA  C    sing N N 357 
TRP CA  CB   sing N N 358 
TRP CA  HA   sing N N 359 
TRP C   O    doub N N 360 
TRP C   OXT  sing N N 361 
TRP CB  CG   sing N N 362 
TRP CB  HB2  sing N N 363 
TRP CB  HB3  sing N N 364 
TRP CG  CD1  doub Y N 365 
TRP CG  CD2  sing Y N 366 
TRP CD1 NE1  sing Y N 367 
TRP CD1 HD1  sing N N 368 
TRP CD2 CE2  doub Y N 369 
TRP CD2 CE3  sing Y N 370 
TRP NE1 CE2  sing Y N 371 
TRP NE1 HE1  sing N N 372 
TRP CE2 CZ2  sing Y N 373 
TRP CE3 CZ3  doub Y N 374 
TRP CE3 HE3  sing N N 375 
TRP CZ2 CH2  doub Y N 376 
TRP CZ2 HZ2  sing N N 377 
TRP CZ3 CH2  sing Y N 378 
TRP CZ3 HZ3  sing N N 379 
TRP CH2 HH2  sing N N 380 
TRP OXT HXT  sing N N 381 
TYR N   CA   sing N N 382 
TYR N   H    sing N N 383 
TYR N   H2   sing N N 384 
TYR CA  C    sing N N 385 
TYR CA  CB   sing N N 386 
TYR CA  HA   sing N N 387 
TYR C   O    doub N N 388 
TYR C   OXT  sing N N 389 
TYR CB  CG   sing N N 390 
TYR CB  HB2  sing N N 391 
TYR CB  HB3  sing N N 392 
TYR CG  CD1  doub Y N 393 
TYR CG  CD2  sing Y N 394 
TYR CD1 CE1  sing Y N 395 
TYR CD1 HD1  sing N N 396 
TYR CD2 CE2  doub Y N 397 
TYR CD2 HD2  sing N N 398 
TYR CE1 CZ   doub Y N 399 
TYR CE1 HE1  sing N N 400 
TYR CE2 CZ   sing Y N 401 
TYR CE2 HE2  sing N N 402 
TYR CZ  OH   sing N N 403 
TYR OH  HH   sing N N 404 
TYR OXT HXT  sing N N 405 
VAL N   CA   sing N N 406 
VAL N   H    sing N N 407 
VAL N   H2   sing N N 408 
VAL CA  C    sing N N 409 
VAL CA  CB   sing N N 410 
VAL CA  HA   sing N N 411 
VAL C   O    doub N N 412 
VAL C   OXT  sing N N 413 
VAL CB  CG1  sing N N 414 
VAL CB  CG2  sing N N 415 
VAL CB  HB   sing N N 416 
VAL CG1 HG11 sing N N 417 
VAL CG1 HG12 sing N N 418 
VAL CG1 HG13 sing N N 419 
VAL CG2 HG21 sing N N 420 
VAL CG2 HG22 sing N N 421 
VAL CG2 HG23 sing N N 422 
VAL OXT HXT  sing N N 423 
# 
_pdbx_audit_support.funding_organization   'Not funded' 
_pdbx_audit_support.country                ? 
_pdbx_audit_support.grant_number           ? 
_pdbx_audit_support.ordinal                1 
# 
_pdbx_initial_refinement_model.id               1 
_pdbx_initial_refinement_model.entity_id_list   ? 
_pdbx_initial_refinement_model.type             'experimental model' 
_pdbx_initial_refinement_model.source_name      PDB 
_pdbx_initial_refinement_model.accession_code   193L 
_pdbx_initial_refinement_model.details          ? 
# 
_atom_sites.entry_id                    8C39 
_atom_sites.Cartn_transf_matrix[1][1]   ? 
_atom_sites.Cartn_transf_matrix[1][2]   ? 
_atom_sites.Cartn_transf_matrix[1][3]   ? 
_atom_sites.Cartn_transf_matrix[2][1]   ? 
_atom_sites.Cartn_transf_matrix[2][2]   ? 
_atom_sites.Cartn_transf_matrix[2][3]   ? 
_atom_sites.Cartn_transf_matrix[3][1]   ? 
_atom_sites.Cartn_transf_matrix[3][2]   ? 
_atom_sites.Cartn_transf_matrix[3][3]   ? 
_atom_sites.Cartn_transf_vector[1]      ? 
_atom_sites.Cartn_transf_vector[2]      ? 
_atom_sites.Cartn_transf_vector[3]      ? 
_atom_sites.fract_transf_matrix[1][1]   0.00082333 
_atom_sites.fract_transf_matrix[1][2]   0.00593417 
_atom_sites.fract_transf_matrix[1][3]   0.01144137 
_atom_sites.fract_transf_matrix[2][1]   -0.01172197 
_atom_sites.fract_transf_matrix[2][2]   -0.00442180 
_atom_sites.fract_transf_matrix[2][3]   0.00313693 
_atom_sites.fract_transf_matrix[3][1]   0.01094752 
_atom_sites.fract_transf_matrix[3][2]   -0.02162374 
_atom_sites.fract_transf_matrix[3][3]   0.01042755 
_atom_sites.fract_transf_vector[1]      0.017854 
_atom_sites.fract_transf_vector[2]      -0.250713 
_atom_sites.fract_transf_vector[3]      0.014547 
_atom_sites.solution_primary            ? 
_atom_sites.solution_secondary          ? 
_atom_sites.solution_hydrogens          ? 
_atom_sites.special_details             ? 
# 
loop_
_atom_type.symbol 
_atom_type.pdbx_scat_Z 
_atom_type.pdbx_N_electrons 
_atom_type.scat_Cromer_Mann_a1 
_atom_type.scat_Cromer_Mann_b1 
_atom_type.scat_Cromer_Mann_a2 
_atom_type.scat_Cromer_Mann_b2 
_atom_type.scat_Cromer_Mann_a3 
_atom_type.scat_Cromer_Mann_b3 
_atom_type.scat_Cromer_Mann_a4 
_atom_type.scat_Cromer_Mann_b4 
_atom_type.scat_Cromer_Mann_c 
C  6  6  2.310  20.844 1.020  10.208 1.589 0.569  0.865 51.651  0.216   
CL 17 17 11.460 0.010  7.196  1.166  6.255 18.519 1.645 47.778  -9.338  
H  1  1  0.493  10.511 0.323  26.126 0.140 3.142  0.041 57.800  0.003   
N  7  7  12.222 0.006  3.135  9.893  2.014 28.997 1.167 0.583   -11.538 
NA 11 11 4.766  3.285  3.176  8.842  1.268 0.314  1.114 129.424 0.736   
O  8  8  3.049  13.277 2.287  5.701  1.546 0.324  0.867 32.909  0.251   
RU 44 44 19.269 0.809  12.920 8.435  4.864 24.800 1.568 94.293  4.690   
S  16 16 6.905  1.468  5.203  22.215 1.438 0.254  1.586 56.172  1.056   
# 
loop_
_atom_site.group_PDB 
_atom_site.id 
_atom_site.type_symbol 
_atom_site.label_atom_id 
_atom_site.label_alt_id 
_atom_site.label_comp_id 
_atom_site.label_asym_id 
_atom_site.label_entity_id 
_atom_site.label_seq_id 
_atom_site.pdbx_PDB_ins_code 
_atom_site.Cartn_x 
_atom_site.Cartn_y 
_atom_site.Cartn_z 
_atom_site.occupancy 
_atom_site.B_iso_or_equiv 
_atom_site.pdbx_formal_charge 
_atom_site.auth_seq_id 
_atom_site.auth_comp_id 
_atom_site.auth_asym_id 
_atom_site.auth_atom_id 
_atom_site.pdbx_PDB_model_num 
_atom_site.calc_flag 
ATOM   1    N  N   . LYS A 1 1   ? -13.177 2.255   -4.445  1.000 19.053 0 1   LYS AAA N   1 ? 
ATOM   2    C  CA  . LYS A 1 1   ? -13.217 3.691   -4.122  1.000 18.112 0 1   LYS AAA CA  1 ? 
ATOM   3    C  C   . LYS A 1 1   ? -11.954 4.352   -4.654  1.000 17.509 0 1   LYS AAA C   1 ? 
ATOM   4    O  O   . LYS A 1 1   ? -10.849 3.787   -4.426  1.000 16.449 0 1   LYS AAA O   1 ? 
ATOM   5    C  CB  . LYS A 1 1   ? -13.279 3.848   -2.612  1.000 18.248 0 1   LYS AAA CB  1 ? 
ATOM   6    C  CG  . LYS A 1 1   ? -13.183 5.280   -2.128  1.000 20.602 0 1   LYS AAA CG  1 ? 
ATOM   7    C  CD  A LYS A 1 1   ? -13.434 5.443   -0.677  0.450 21.923 0 1   LYS AAA CD  1 ? 
ATOM   8    C  CD  B LYS A 1 1   ? -13.455 5.378   -0.643  0.550 22.706 0 1   LYS AAA CD  1 ? 
ATOM   9    C  CE  A LYS A 1 1   ? -13.218 6.879   -0.268  0.450 22.963 0 1   LYS AAA CE  1 ? 
ATOM   10   C  CE  B LYS A 1 1   ? -13.114 6.719   -0.029  0.550 24.330 0 1   LYS AAA CE  1 ? 
ATOM   11   N  NZ  A LYS A 1 1   ? -13.676 7.108   1.118   0.450 24.142 0 1   LYS AAA NZ  1 ? 
ATOM   12   N  NZ  B LYS A 1 1   ? -14.179 7.727   -0.253  0.550 26.792 0 1   LYS AAA NZ  1 ? 
ATOM   13   N  N   . VAL A 1 2   ? -12.094 5.469   -5.331  1.000 16.945 0 2   VAL AAA N   1 ? 
ATOM   14   C  CA  . VAL A 1 2   ? -10.960 6.283   -5.801  1.000 17.641 0 2   VAL AAA CA  1 ? 
ATOM   15   C  C   . VAL A 1 2   ? -10.843 7.421   -4.789  1.000 17.678 0 2   VAL AAA C   1 ? 
ATOM   16   O  O   . VAL A 1 2   ? -11.732 8.311   -4.737  1.000 19.056 0 2   VAL AAA O   1 ? 
ATOM   17   C  CB  . VAL A 1 2   ? -11.092 6.764   -7.246  1.000 19.214 0 2   VAL AAA CB  1 ? 
ATOM   18   C  CG1 . VAL A 1 2   ? -9.898  7.618   -7.609  1.000 21.689 0 2   VAL AAA CG1 1 ? 
ATOM   19   C  CG2 . VAL A 1 2   ? -11.229 5.599   -8.213  1.000 18.291 0 2   VAL AAA CG2 1 ? 
ATOM   20   N  N   . PHE A 1 3   ? -9.847  7.362   -3.921  1.000 16.003 0 3   PHE AAA N   1 ? 
ATOM   21   C  CA  . PHE A 1 3   ? -9.579  8.401   -2.899  1.000 15.775 0 3   PHE AAA CA  1 ? 
ATOM   22   C  C   . PHE A 1 3   ? -9.077  9.642   -3.603  1.000 15.678 0 3   PHE AAA C   1 ? 
ATOM   23   O  O   . PHE A 1 3   ? -8.351  9.635   -4.554  1.000 17.705 0 3   PHE AAA O   1 ? 
ATOM   24   C  CB  . PHE A 1 3   ? -8.531  7.957   -1.867  1.000 16.140 0 3   PHE AAA CB  1 ? 
ATOM   25   C  CG  . PHE A 1 3   ? -9.029  7.116   -0.752  1.000 16.621 0 3   PHE AAA CG  1 ? 
ATOM   26   C  CD1 . PHE A 1 3   ? -9.300  5.762   -0.938  1.000 17.075 0 3   PHE AAA CD1 1 ? 
ATOM   27   C  CD2 . PHE A 1 3   ? -9.243  7.652   0.521   1.000 16.008 0 3   PHE AAA CD2 1 ? 
ATOM   28   C  CE1 . PHE A 1 3   ? -9.765  4.980   0.097   1.000 18.775 0 3   PHE AAA CE1 1 ? 
ATOM   29   C  CE2 . PHE A 1 3   ? -9.674  6.859   1.564   1.000 16.960 0 3   PHE AAA CE2 1 ? 
ATOM   30   C  CZ  . PHE A 1 3   ? -9.949  5.523   1.358   1.000 18.023 0 3   PHE AAA CZ  1 ? 
ATOM   31   N  N   . GLY A 1 4   ? -9.460  10.786  -3.003  1.000 18.017 0 4   GLY AAA N   1 ? 
ATOM   32   C  CA  . GLY A 1 4   ? -8.705  12.035  -3.224  1.000 18.242 0 4   GLY AAA CA  1 ? 
ATOM   33   C  C   . GLY A 1 4   ? -7.340  11.977  -2.541  1.000 15.790 0 4   GLY AAA C   1 ? 
ATOM   34   O  O   . GLY A 1 4   ? -7.192  11.289  -1.558  1.000 16.146 0 4   GLY AAA O   1 ? 
ATOM   35   N  N   . ARG A 1 5   ? -6.430  12.802  -2.984  1.000 17.821 0 5   ARG AAA N   1 ? 
ATOM   36   C  CA  . ARG A 1 5   ? -5.066  12.808  -2.423  1.000 18.561 0 5   ARG AAA CA  1 ? 
ATOM   37   C  C   . ARG A 1 5   ? -5.092  13.125  -0.928  1.000 17.632 0 5   ARG AAA C   1 ? 
ATOM   38   O  O   . ARG A 1 5   ? -4.590  12.386  -0.122  1.000 15.474 0 5   ARG AAA O   1 ? 
ATOM   39   C  CB  . ARG A 1 5   ? -4.242  13.806  -3.211  1.000 19.415 0 5   ARG AAA CB  1 ? 
ATOM   40   C  CG  . ARG A 1 5   ? -2.863  14.056  -2.633  1.000 19.602 0 5   ARG AAA CG  1 ? 
ATOM   41   C  CD  . ARG A 1 5   ? -2.085  15.029  -3.498  1.000 19.642 0 5   ARG AAA CD  1 ? 
ATOM   42   N  NE  . ARG A 1 5   ? -2.645  16.383  -3.564  1.000 22.008 0 5   ARG AAA NE  1 ? 
ATOM   43   C  CZ  . ARG A 1 5   ? -2.391  17.365  -2.700  1.000 23.711 0 5   ARG AAA CZ  1 ? 
ATOM   44   N  NH1 . ARG A 1 5   ? -1.570  17.188  -1.683  1.000 24.068 0 5   ARG AAA NH1 1 ? 
ATOM   45   N  NH2 . ARG A 1 5   ? -2.967  18.535  -2.876  1.000 25.759 0 5   ARG AAA NH2 1 ? 
ATOM   46   N  N   . CYS A 1 6   ? -5.708  14.242  -0.524  1.000 17.824 0 6   CYS AAA N   1 ? 
ATOM   47   C  CA  . CYS A 1 6   ? -5.750  14.599  0.906   1.000 16.807 0 6   CYS AAA CA  1 ? 
ATOM   48   C  C   . CYS A 1 6   ? -6.646  13.683  1.709   1.000 16.903 0 6   CYS AAA C   1 ? 
ATOM   49   O  O   . CYS A 1 6   ? -6.393  13.470  2.861   1.000 16.996 0 6   CYS AAA O   1 ? 
ATOM   50   C  CB  . CYS A 1 6   ? -6.242  16.025  1.119   1.000 17.731 0 6   CYS AAA CB  1 ? 
ATOM   51   S  SG  . CYS A 1 6   ? -5.045  17.245  0.505   1.000 20.995 0 6   CYS AAA SG  1 ? 
ATOM   52   N  N   . GLU A 1 7   ? -7.711  13.166  1.112   1.000 16.731 0 7   GLU AAA N   1 ? 
ATOM   53   C  CA  . GLU A 1 7   ? -8.569  12.171  1.758   1.000 18.401 0 7   GLU AAA CA  1 ? 
ATOM   54   C  C   . GLU A 1 7   ? -7.709  10.952  2.142   1.000 15.078 0 7   GLU AAA C   1 ? 
ATOM   55   O  O   . GLU A 1 7   ? -7.807  10.442  3.232   1.000 16.552 0 7   GLU AAA O   1 ? 
ATOM   56   C  CB  . GLU A 1 7   ? -9.704  11.774  0.819   1.000 17.868 0 7   GLU AAA CB  1 ? 
ATOM   57   C  CG  . GLU A 1 7   ? -10.714 10.858  1.443   1.000 20.837 0 7   GLU AAA CG  1 ? 
ATOM   58   C  CD  . GLU A 1 7   ? -11.739 10.348  0.443   1.000 22.307 0 7   GLU AAA CD  1 ? 
ATOM   59   O  OE1 . GLU A 1 7   ? -11.534 10.524  -0.800  1.000 23.098 0 7   GLU AAA OE1 1 ? 
ATOM   60   O  OE2 . GLU A 1 7   ? -12.749 9.802   0.938   1.000 26.775 0 7   GLU AAA OE2 1 ? 
ATOM   61   N  N   . LEU A 1 8   ? -6.910  10.450  1.169   1.000 16.084 0 8   LEU AAA N   1 ? 
ATOM   62   C  CA  . LEU A 1 8   ? -6.062  9.267   1.459   1.000 14.984 0 8   LEU AAA CA  1 ? 
ATOM   63   C  C   . LEU A 1 8   ? -4.975  9.634   2.484   1.000 13.714 0 8   LEU AAA C   1 ? 
ATOM   64   O  O   . LEU A 1 8   ? -4.726  8.848   3.375   1.000 14.714 0 8   LEU AAA O   1 ? 
ATOM   65   C  CB  . LEU A 1 8   ? -5.404  8.761   0.173   1.000 14.959 0 8   LEU AAA CB  1 ? 
ATOM   66   C  CG  . LEU A 1 8   ? -4.576  7.503   0.361   1.000 15.076 0 8   LEU AAA CG  1 ? 
ATOM   67   C  CD1 . LEU A 1 8   ? -5.430  6.369   0.842   1.000 15.710 0 8   LEU AAA CD1 1 ? 
ATOM   68   C  CD2 . LEU A 1 8   ? -3.888  7.121   -0.940  1.000 15.860 0 8   LEU AAA CD2 1 ? 
ATOM   69   N  N   . ALA A 1 9   ? -4.403  10.827  2.365   1.000 14.472 0 9   ALA AAA N   1 ? 
ATOM   70   C  CA  . ALA A 1 9   ? -3.370  11.243  3.337   1.000 16.199 0 9   ALA AAA CA  1 ? 
ATOM   71   C  C   . ALA A 1 9   ? -3.952  11.224  4.750   1.000 15.119 0 9   ALA AAA C   1 ? 
ATOM   72   O  O   . ALA A 1 9   ? -3.344  10.717  5.666   1.000 15.419 0 9   ALA AAA O   1 ? 
ATOM   73   C  CB  . ALA A 1 9   ? -2.842  12.582  2.969   1.000 17.210 0 9   ALA AAA CB  1 ? 
ATOM   74   N  N   . ALA A 1 10  ? -5.189  11.709  4.907   1.000 17.117 0 10  ALA AAA N   1 ? 
ATOM   75   C  CA  . ALA A 1 10  ? -5.865  11.748  6.225   1.000 17.088 0 10  ALA AAA CA  1 ? 
ATOM   76   C  C   . ALA A 1 10  ? -6.167  10.337  6.713   1.000 15.603 0 10  ALA AAA C   1 ? 
ATOM   77   O  O   . ALA A 1 10  ? -5.905  10.038  7.896   1.000 18.131 0 10  ALA AAA O   1 ? 
ATOM   78   C  CB  . ALA A 1 10  ? -7.098  12.621  6.142   1.000 18.236 0 10  ALA AAA CB  1 ? 
ATOM   79   N  N   . ALA A 1 11  ? -6.640  9.426   5.842   1.000 15.846 0 11  ALA AAA N   1 ? 
ATOM   80   C  CA  . ALA A 1 11  ? -6.947  8.051   6.265   1.000 16.433 0 11  ALA AAA CA  1 ? 
ATOM   81   C  C   . ALA A 1 11  ? -5.658  7.312   6.681   1.000 15.229 0 11  ALA AAA C   1 ? 
ATOM   82   O  O   . ALA A 1 11  ? -5.604  6.570   7.662   1.000 16.658 0 11  ALA AAA O   1 ? 
ATOM   83   C  CB  . ALA A 1 11  ? -7.667  7.371   5.140   1.000 16.621 0 11  ALA AAA CB  1 ? 
ATOM   84   N  N   . MET A 1 12  ? -4.609  7.522   5.869   1.000 15.736 0 12  MET AAA N   1 ? 
ATOM   85   C  CA  . MET A 1 12  ? -3.297  6.881   6.168   1.000 14.475 0 12  MET AAA CA  1 ? 
ATOM   86   C  C   . MET A 1 12  ? -2.736  7.384   7.503   1.000 14.655 0 12  MET AAA C   1 ? 
ATOM   87   O  O   . MET A 1 12  ? -2.192  6.603   8.293   1.000 15.989 0 12  MET AAA O   1 ? 
ATOM   88   C  CB  . MET A 1 12  ? -2.290  7.119   5.043   1.000 14.146 0 12  MET AAA CB  1 ? 
ATOM   89   C  CG  . MET A 1 12  ? -2.612  6.360   3.756   1.000 13.279 0 12  MET AAA CG  1 ? 
ATOM   90   S  SD  . MET A 1 12  ? -1.379  6.656   2.504   1.000 14.537 0 12  MET AAA SD  1 ? 
ATOM   91   C  CE  . MET A 1 12  ? -1.384  5.126   1.577   1.000 14.759 0 12  MET AAA CE  1 ? 
ATOM   92   N  N   A LYS A 1 13  ? -2.882  8.660   7.773   0.500 15.257 0 13  LYS AAA N   1 ? 
ATOM   93   N  N   B LYS A 1 13  ? -2.813  8.709   7.697   0.500 16.426 0 13  LYS AAA N   1 ? 
ATOM   94   C  CA  A LYS A 1 13  ? -2.432  9.170   9.091   0.500 16.114 0 13  LYS AAA CA  1 ? 
ATOM   95   C  CA  B LYS A 1 13  ? -2.281  9.378   8.924   0.500 18.676 0 13  LYS AAA CA  1 ? 
ATOM   96   C  C   A LYS A 1 13  ? -3.290  8.606   10.234  0.500 15.199 0 13  LYS AAA C   1 ? 
ATOM   97   C  C   B LYS A 1 13  ? -3.061  8.906   10.158  0.500 18.349 0 13  LYS AAA C   1 ? 
ATOM   98   O  O   A LYS A 1 13  ? -2.736  8.118   11.262  0.500 14.936 0 13  LYS AAA O   1 ? 
ATOM   99   O  O   B LYS A 1 13  ? -2.422  8.686   11.205  0.500 20.039 0 13  LYS AAA O   1 ? 
ATOM   100  C  CB  A LYS A 1 13  ? -2.543  10.684  9.053   0.500 15.876 0 13  LYS AAA CB  1 ? 
ATOM   101  C  CB  B LYS A 1 13  ? -2.334  10.905  8.863   0.500 19.411 0 13  LYS AAA CB  1 ? 
ATOM   102  C  CG  A LYS A 1 13  ? -2.118  11.391  10.334  0.500 18.025 0 13  LYS AAA CG  1 ? 
ATOM   103  C  CG  B LYS A 1 13  ? -1.486  11.593  9.940   0.500 20.813 0 13  LYS AAA CG  1 ? 
ATOM   104  C  CD  A LYS A 1 13  ? -2.067  12.879  10.143  0.500 18.823 0 13  LYS AAA CD  1 ? 
ATOM   105  C  CD  B LYS A 1 13  ? -1.254  13.065  9.690   0.500 20.844 0 13  LYS AAA CD  1 ? 
ATOM   106  C  CE  A LYS A 1 13  ? -1.382  13.580  11.297  0.500 20.193 0 13  LYS AAA CE  1 ? 
ATOM   107  C  CE  B LYS A 1 13  ? -0.458  13.742  10.786  0.500 22.427 0 13  LYS AAA CE  1 ? 
ATOM   108  N  NZ  A LYS A 1 13  ? -0.077  12.948  11.611  0.500 22.899 0 13  LYS AAA NZ  1 ? 
ATOM   109  N  NZ  B LYS A 1 13  ? -0.550  15.215  10.677  0.500 24.552 0 13  LYS AAA NZ  1 ? 
ATOM   110  N  N   A ARG A 1 14  ? -4.609  8.640   10.057  0.500 15.194 0 14  ARG AAA N   1 ? 
ATOM   111  N  N   B ARG A 1 14  ? -4.380  8.728   10.039  0.500 18.370 0 14  ARG AAA N   1 ? 
ATOM   112  C  CA  A ARG A 1 14  ? -5.528  8.085   11.085  0.500 16.714 0 14  ARG AAA CA  1 ? 
ATOM   113  C  CA  B ARG A 1 14  ? -5.214  8.217   11.162  0.500 19.291 0 14  ARG AAA CA  1 ? 
ATOM   114  C  C   A ARG A 1 14  ? -5.068  6.679   11.465  0.500 18.155 0 14  ARG AAA C   1 ? 
ATOM   115  C  C   B ARG A 1 14  ? -4.862  6.762   11.494  0.500 20.391 0 14  ARG AAA C   1 ? 
ATOM   116  O  O   A ARG A 1 14  ? -5.191  6.298   12.641  0.500 18.907 0 14  ARG AAA O   1 ? 
ATOM   117  O  O   B ARG A 1 14  ? -4.835  6.446   12.685  0.500 21.246 0 14  ARG AAA O   1 ? 
ATOM   118  C  CB  A ARG A 1 14  ? -6.960  8.038   10.555  0.500 17.426 0 14  ARG AAA CB  1 ? 
ATOM   119  C  CB  B ARG A 1 14  ? -6.700  8.346   10.835  0.500 19.773 0 14  ARG AAA CB  1 ? 
ATOM   120  C  CG  A ARG A 1 14  ? -7.910  7.168   11.361  0.500 19.230 0 14  ARG AAA CG  1 ? 
ATOM   121  C  CG  B ARG A 1 14  ? -7.578  7.636   11.852  0.500 22.103 0 14  ARG AAA CG  1 ? 
ATOM   122  C  CD  A ARG A 1 14  ? -9.313  7.694   11.175  0.500 20.743 0 14  ARG AAA CD  1 ? 
ATOM   123  C  CD  B ARG A 1 14  ? -9.061  7.810   11.613  0.500 23.746 0 14  ARG AAA CD  1 ? 
ATOM   124  N  NE  A ARG A 1 14  ? -9.609  7.908   9.766   0.500 19.082 0 14  ARG AAA NE  1 ? 
ATOM   125  N  NE  B ARG A 1 14  ? -9.490  7.356   10.292  0.500 23.834 0 14  ARG AAA NE  1 ? 
ATOM   126  C  CZ  A ARG A 1 14  ? -10.014 6.944   8.945   0.500 19.149 0 14  ARG AAA CZ  1 ? 
ATOM   127  C  CZ  B ARG A 1 14  ? -9.988  6.160   10.017  0.500 23.047 0 14  ARG AAA CZ  1 ? 
ATOM   128  N  NH1 A ARG A 1 14  ? -10.239 5.733   9.431   0.500 20.930 0 14  ARG AAA NH1 1 ? 
ATOM   129  N  NH1 B ARG A 1 14  ? -10.127 5.246   10.965  0.500 23.181 0 14  ARG AAA NH1 1 ? 
ATOM   130  N  NH2 A ARG A 1 14  ? -10.280 7.227   7.681   0.500 19.291 0 14  ARG AAA NH2 1 ? 
ATOM   131  N  NH2 B ARG A 1 14  ? -10.357 5.897   8.774   0.500 24.292 0 14  ARG AAA NH2 1 ? 
ATOM   132  N  N   . HIS A 1 15  ? -4.568  5.920   10.487  1.000 20.586 0 15  HIS AAA N   1 ? 
ATOM   133  C  CA  . HIS A 1 15  ? -4.229  4.487   10.657  1.000 19.890 0 15  HIS AAA CA  1 ? 
ATOM   134  C  C   . HIS A 1 15  ? -2.753  4.268   11.029  1.000 22.454 0 15  HIS AAA C   1 ? 
ATOM   135  O  O   . HIS A 1 15  ? -2.310  3.081   11.057  1.000 23.380 0 15  HIS AAA O   1 ? 
ATOM   136  C  CB  . HIS A 1 15  ? -4.587  3.750   9.365   1.000 22.021 0 15  HIS AAA CB  1 ? 
ATOM   137  C  CG  . HIS A 1 15  ? -6.006  3.312   9.334   1.000 22.172 0 15  HIS AAA CG  1 ? 
ATOM   138  N  ND1 . HIS A 1 15  ? -6.951  3.886   8.516   1.000 22.706 0 15  HIS AAA ND1 1 ? 
ATOM   139  C  CD2 . HIS A 1 15  ? -6.646  2.390   10.069  1.000 28.128 0 15  HIS AAA CD2 1 ? 
ATOM   140  C  CE1 . HIS A 1 15  ? -8.110  3.286   8.719   1.000 22.793 0 15  HIS AAA CE1 1 ? 
ATOM   141  N  NE2 . HIS A 1 15  ? -7.947  2.388   9.677   1.000 29.585 0 15  HIS AAA NE2 1 ? 
ATOM   142  N  N   . GLY A 1 16  ? -2.012  5.340   11.287  1.000 19.647 0 16  GLY AAA N   1 ? 
ATOM   143  C  CA  . GLY A 1 16  ? -0.669  5.258   11.881  1.000 20.381 0 16  GLY AAA CA  1 ? 
ATOM   144  C  C   . GLY A 1 16  ? 0.443   5.057   10.866  1.000 20.246 0 16  GLY AAA C   1 ? 
ATOM   145  O  O   . GLY A 1 16  ? 1.505   4.560   11.329  1.000 21.418 0 16  GLY AAA O   1 ? 
ATOM   146  N  N   . LEU A 1 17  ? 0.277   5.435   9.584   1.000 19.820 0 17  LEU AAA N   1 ? 
ATOM   147  C  CA  . LEU A 1 17  ? 1.418   5.309   8.631   1.000 18.293 0 17  LEU AAA CA  1 ? 
ATOM   148  C  C   . LEU A 1 17  ? 2.343   6.525   8.658   1.000 18.508 0 17  LEU AAA C   1 ? 
ATOM   149  O  O   . LEU A 1 17  ? 3.511   6.360   8.184   1.000 18.770 0 17  LEU AAA O   1 ? 
ATOM   150  C  CB  . LEU A 1 17  ? 0.931   5.095   7.198   1.000 19.139 0 17  LEU AAA CB  1 ? 
ATOM   151  C  CG  . LEU A 1 17  ? 0.387   3.714   6.870   1.000 18.091 0 17  LEU AAA CG  1 ? 
ATOM   152  C  CD1 . LEU A 1 17  ? -0.069  3.741   5.409   1.000 18.197 0 17  LEU AAA CD1 1 ? 
ATOM   153  C  CD2 . LEU A 1 17  ? 1.418   2.604   7.060   1.000 19.196 0 17  LEU AAA CD2 1 ? 
ATOM   154  N  N   . ASP A 1 18  ? 1.979   7.704   9.174   1.000 18.905 0 18  ASP AAA N   1 ? 
ATOM   155  C  CA  . ASP A 1 18  ? 2.916   8.854   9.122   1.000 19.999 0 18  ASP AAA CA  1 ? 
ATOM   156  C  C   . ASP A 1 18  ? 4.111   8.512   10.032  1.000 22.139 0 18  ASP AAA C   1 ? 
ATOM   157  O  O   . ASP A 1 18  ? 3.940   8.288   11.250  1.000 22.139 0 18  ASP AAA O   1 ? 
ATOM   158  C  CB  . ASP A 1 18  ? 2.265   10.189  9.517   1.000 24.417 0 18  ASP AAA CB  1 ? 
ATOM   159  C  CG  . ASP A 1 18  ? 3.159   11.422  9.441   1.000 28.149 0 18  ASP AAA CG  1 ? 
ATOM   160  O  OD1 . ASP A 1 18  ? 4.207   11.438  8.713   1.000 27.999 0 18  ASP AAA OD1 1 ? 
ATOM   161  O  OD2 . ASP A 1 18  ? 2.756   12.427  10.064  1.000 31.835 0 18  ASP AAA OD2 1 ? 
ATOM   162  N  N   . ASN A 1 19  ? 5.299   8.402   9.453   1.000 19.402 0 19  ASN AAA N   1 ? 
ATOM   163  C  CA  . ASN A 1 19  ? 6.572   8.047   10.135  1.000 20.133 0 19  ASN AAA CA  1 ? 
ATOM   164  C  C   . ASN A 1 19  ? 6.633   6.592   10.541  1.000 18.942 0 19  ASN AAA C   1 ? 
ATOM   165  O  O   . ASN A 1 19  ? 7.509   6.260   11.364  1.000 19.492 0 19  ASN AAA O   1 ? 
ATOM   166  C  CB  . ASN A 1 19  ? 6.848   8.911   11.367  1.000 23.837 0 19  ASN AAA CB  1 ? 
ATOM   167  C  CG  . ASN A 1 19  ? 6.774   10.355  10.958  1.000 28.639 0 19  ASN AAA CG  1 ? 
ATOM   168  O  OD1 . ASN A 1 19  ? 7.425   10.729  9.994   1.000 35.172 0 19  ASN AAA OD1 1 ? 
ATOM   169  N  ND2 . ASN A 1 19  ? 5.938   11.147  11.620  1.000 34.221 0 19  ASN AAA ND2 1 ? 
ATOM   170  N  N   . TYR A 1 20  ? 5.773   5.730   10.022  1.000 17.530 0 20  TYR AAA N   1 ? 
ATOM   171  C  CA  . TYR A 1 20  ? 5.839   4.316   10.362  1.000 18.122 0 20  TYR AAA CA  1 ? 
ATOM   172  C  C   . TYR A 1 20  ? 7.139   3.758   9.767   1.000 18.564 0 20  TYR AAA C   1 ? 
ATOM   173  O  O   . TYR A 1 20  ? 7.434   4.002   8.552   1.000 16.456 0 20  TYR AAA O   1 ? 
ATOM   174  C  CB  . TYR A 1 20  ? 4.596   3.585   9.885   1.000 16.573 0 20  TYR AAA CB  1 ? 
ATOM   175  C  CG  . TYR A 1 20  ? 4.540   2.208   10.431  1.000 18.666 0 20  TYR AAA CG  1 ? 
ATOM   176  C  CD1 . TYR A 1 20  ? 3.957   1.964   11.668  1.000 20.196 0 20  TYR AAA CD1 1 ? 
ATOM   177  C  CD2 . TYR A 1 20  ? 5.152   1.147   9.789   1.000 17.876 0 20  TYR AAA CD2 1 ? 
ATOM   178  C  CE1 . TYR A 1 20  ? 3.998   0.698   12.218  1.000 21.128 0 20  TYR AAA CE1 1 ? 
ATOM   179  C  CE2 . TYR A 1 20  ? 5.185   -0.121  10.331  1.000 19.051 0 20  TYR AAA CE2 1 ? 
ATOM   180  C  CZ  . TYR A 1 20  ? 4.608   -0.358  11.566  1.000 20.298 0 20  TYR AAA CZ  1 ? 
ATOM   181  O  OH  . TYR A 1 20  ? 4.620   -1.631  12.056  1.000 24.620 0 20  TYR AAA OH  1 ? 
ATOM   182  N  N   A ARG A 1 21  ? 7.936   3.102   10.617  0.500 19.876 0 21  ARG AAA N   1 ? 
ATOM   183  N  N   B ARG A 1 21  ? 7.945   3.107   10.613  0.500 19.515 0 21  ARG AAA N   1 ? 
ATOM   184  C  CA  A ARG A 1 21  ? 9.311   2.627   10.304  0.500 21.822 0 21  ARG AAA CA  1 ? 
ATOM   185  C  CA  B ARG A 1 21  ? 9.313   2.624   10.279  0.500 21.149 0 21  ARG AAA CA  1 ? 
ATOM   186  C  C   A ARG A 1 21  ? 10.112  3.774   9.686   0.500 19.144 0 21  ARG AAA C   1 ? 
ATOM   187  C  C   B ARG A 1 21  ? 10.118  3.779   9.678   0.500 18.853 0 21  ARG AAA C   1 ? 
ATOM   188  O  O   A ARG A 1 21  ? 11.026  3.504   8.873   0.500 20.859 0 21  ARG AAA O   1 ? 
ATOM   189  O  O   B ARG A 1 21  ? 11.040  3.527   8.867   0.500 20.613 0 21  ARG AAA O   1 ? 
ATOM   190  C  CB  A ARG A 1 21  ? 9.276   1.397   9.397   0.500 24.628 0 21  ARG AAA CB  1 ? 
ATOM   191  C  CB  B ARG A 1 21  ? 9.258   1.418   9.342   0.500 23.409 0 21  ARG AAA CB  1 ? 
ATOM   192  C  CG  A ARG A 1 21  ? 8.797   0.144   10.109  0.500 28.652 0 21  ARG AAA CG  1 ? 
ATOM   193  C  CG  B ARG A 1 21  ? 8.775   0.148   10.020  0.500 26.707 0 21  ARG AAA CG  1 ? 
ATOM   194  C  CD  A ARG A 1 21  ? 9.617   -0.208  11.333  0.500 31.351 0 21  ARG AAA CD  1 ? 
ATOM   195  C  CD  B ARG A 1 21  ? 9.779   -0.446  10.987  0.500 27.714 0 21  ARG AAA CD  1 ? 
ATOM   196  N  NE  A ARG A 1 21  ? 9.150   -1.475  11.883  0.500 33.975 0 21  ARG AAA NE  1 ? 
ATOM   197  N  NE  B ARG A 1 21  ? 11.020  -0.896  10.379  0.500 30.626 0 21  ARG AAA NE  1 ? 
ATOM   198  C  CZ  A ARG A 1 21  ? 8.256   -1.594  12.855  0.500 35.010 0 21  ARG AAA CZ  1 ? 
ATOM   199  C  CZ  B ARG A 1 21  ? 11.744  -1.915  10.832  0.500 31.252 0 21  ARG AAA CZ  1 ? 
ATOM   200  N  NH1 A ARG A 1 21  ? 7.742   -0.515  13.422  0.500 38.324 0 21  ARG AAA NH1 1 ? 
ATOM   201  N  NH1 B ARG A 1 21  ? 12.877  -2.242  10.239  0.500 32.277 0 21  ARG AAA NH1 1 ? 
ATOM   202  N  NH2 A ARG A 1 21  ? 7.894   -2.794  13.267  0.500 37.410 0 21  ARG AAA NH2 1 ? 
ATOM   203  N  NH2 B ARG A 1 21  ? 11.316  -2.625  11.860  0.500 31.342 0 21  ARG AAA NH2 1 ? 
ATOM   204  N  N   . GLY A 1 22  ? 9.826   5.010   10.085  1.000 18.371 0 22  GLY AAA N   1 ? 
ATOM   205  C  CA  . GLY A 1 22  ? 10.552  6.191   9.647   1.000 17.143 0 22  GLY AAA CA  1 ? 
ATOM   206  C  C   . GLY A 1 22  ? 10.190  6.788   8.278   1.000 17.801 0 22  GLY AAA C   1 ? 
ATOM   207  O  O   . GLY A 1 22  ? 10.817  7.742   7.833   1.000 16.850 0 22  GLY AAA O   1 ? 
ATOM   208  N  N   . TYR A 1 23  ? 9.125   6.302   7.635   1.000 15.077 0 23  TYR AAA N   1 ? 
ATOM   209  C  CA  . TYR A 1 23  ? 8.669   6.835   6.331   1.000 14.718 0 23  TYR AAA CA  1 ? 
ATOM   210  C  C   . TYR A 1 23  ? 7.559   7.860   6.536   1.000 14.788 0 23  TYR AAA C   1 ? 
ATOM   211  O  O   . TYR A 1 23  ? 6.447   7.516   7.009   1.000 14.867 0 23  TYR AAA O   1 ? 
ATOM   212  C  CB  . TYR A 1 23  ? 8.227   5.683   5.443   1.000 13.889 0 23  TYR AAA CB  1 ? 
ATOM   213  C  CG  . TYR A 1 23  ? 9.362   4.777   5.033   1.000 12.943 0 23  TYR AAA CG  1 ? 
ATOM   214  C  CD1 . TYR A 1 23  ? 10.089  5.016   3.887   1.000 12.805 0 23  TYR AAA CD1 1 ? 
ATOM   215  C  CD2 . TYR A 1 23  ? 9.715   3.692   5.806   1.000 13.379 0 23  TYR AAA CD2 1 ? 
ATOM   216  C  CE1 . TYR A 1 23  ? 11.174  4.236   3.523   1.000 12.399 0 23  TYR AAA CE1 1 ? 
ATOM   217  C  CE2 . TYR A 1 23  ? 10.759  2.839   5.443   1.000 12.879 0 23  TYR AAA CE2 1 ? 
ATOM   218  C  CZ  . TYR A 1 23  ? 11.465  3.124   4.290   1.000 12.438 0 23  TYR AAA CZ  1 ? 
ATOM   219  O  OH  . TYR A 1 23  ? 12.486  2.313   3.882   1.000 13.330 0 23  TYR AAA OH  1 ? 
ATOM   220  N  N   . SER A 1 24  ? 7.873   9.072   6.168   1.000 14.941 0 24  SER AAA N   1 ? 
ATOM   221  C  CA  . SER A 1 24  ? 6.883   10.180  6.276   1.000 15.966 0 24  SER AAA CA  1 ? 
ATOM   222  C  C   . SER A 1 24  ? 5.636   9.868   5.464   1.000 15.134 0 24  SER AAA C   1 ? 
ATOM   223  O  O   . SER A 1 24  ? 5.713   9.175   4.422   1.000 15.161 0 24  SER AAA O   1 ? 
ATOM   224  C  CB  . SER A 1 24  ? 7.478   11.478  5.845   1.000 18.522 0 24  SER AAA CB  1 ? 
ATOM   225  O  OG  . SER A 1 24  ? 7.786   11.467  4.469   1.000 19.484 0 24  SER AAA OG  1 ? 
ATOM   226  N  N   . LEU A 1 25  ? 4.538   10.534  5.802   1.000 14.591 0 25  LEU AAA N   1 ? 
ATOM   227  C  CA  . LEU A 1 25  ? 3.225   10.358  5.137   1.000 13.832 0 25  LEU AAA CA  1 ? 
ATOM   228  C  C   . LEU A 1 25  ? 3.373   10.561  3.630   1.000 13.737 0 25  LEU AAA C   1 ? 
ATOM   229  O  O   . LEU A 1 25  ? 2.728   9.814   2.864   1.000 13.350 0 25  LEU AAA O   1 ? 
ATOM   230  C  CB  . LEU A 1 25  ? 2.229   11.327  5.793   1.000 14.577 0 25  LEU AAA CB  1 ? 
ATOM   231  C  CG  . LEU A 1 25  ? 0.791   11.137  5.348   1.000 14.782 0 25  LEU AAA CG  1 ? 
ATOM   232  C  CD1 . LEU A 1 25  ? 0.263   9.774   5.685   1.000 16.717 0 25  LEU AAA CD1 1 ? 
ATOM   233  C  CD2 . LEU A 1 25  ? -0.083  12.186  6.030   1.000 15.719 0 25  LEU AAA CD2 1 ? 
ATOM   234  N  N   . GLY A 1 26  ? 4.109   11.531  3.180   1.000 13.259 0 26  GLY AAA N   1 ? 
ATOM   235  C  CA  . GLY A 1 26  ? 4.208   11.804  1.746   1.000 12.957 0 26  GLY AAA CA  1 ? 
ATOM   236  C  C   . GLY A 1 26  ? 4.764   10.602  0.979   1.000 12.519 0 26  GLY AAA C   1 ? 
ATOM   237  O  O   . GLY A 1 26  ? 4.433   10.409  -0.205  1.000 12.639 0 26  GLY AAA O   1 ? 
ATOM   238  N  N   . ASN A 1 27  ? 5.633   9.818   1.594   1.000 12.370 0 27  ASN AAA N   1 ? 
ATOM   239  C  CA  . ASN A 1 27  ? 6.168   8.610   0.913   1.000 11.752 0 27  ASN AAA CA  1 ? 
ATOM   240  C  C   . ASN A 1 27  ? 4.999   7.635   0.641   1.000 12.221 0 27  ASN AAA C   1 ? 
ATOM   241  O  O   . ASN A 1 27  ? 4.985   7.002   -0.428  1.000 12.084 0 27  ASN AAA O   1 ? 
ATOM   242  C  CB  . ASN A 1 27  ? 7.172   7.893   1.817   1.000 12.182 0 27  ASN AAA CB  1 ? 
ATOM   243  C  CG  . ASN A 1 27  ? 8.538   8.520   1.736   1.000 12.158 0 27  ASN AAA CG  1 ? 
ATOM   244  O  OD1 . ASN A 1 27  ? 9.212   8.436   0.729   1.000 12.933 0 27  ASN AAA OD1 1 ? 
ATOM   245  N  ND2 . ASN A 1 27  ? 8.868   9.298   2.781   1.000 13.914 0 27  ASN AAA ND2 1 ? 
ATOM   246  N  N   . TRP A 1 28  ? 4.116   7.455   1.614   1.000 12.086 0 28  TRP AAA N   1 ? 
ATOM   247  C  CA  . TRP A 1 28  ? 2.983   6.515   1.475   1.000 11.636 0 28  TRP AAA CA  1 ? 
ATOM   248  C  C   . TRP A 1 28  ? 1.981   7.024   0.439   1.000 11.868 0 28  TRP AAA C   1 ? 
ATOM   249  O  O   . TRP A 1 28  ? 1.401   6.207   -0.309  1.000 12.265 0 28  TRP AAA O   1 ? 
ATOM   250  C  CB  . TRP A 1 28  ? 2.324   6.287   2.845   1.000 13.405 0 28  TRP AAA CB  1 ? 
ATOM   251  C  CG  . TRP A 1 28  ? 3.250   5.669   3.823   1.000 12.588 0 28  TRP AAA CG  1 ? 
ATOM   252  C  CD1 . TRP A 1 28  ? 3.884   6.289   4.862   1.000 13.153 0 28  TRP AAA CD1 1 ? 
ATOM   253  C  CD2 . TRP A 1 28  ? 3.582   4.281   3.922   1.000 13.084 0 28  TRP AAA CD2 1 ? 
ATOM   254  N  NE1 . TRP A 1 28  ? 4.631   5.380   5.544   1.000 13.136 0 28  TRP AAA NE1 1 ? 
ATOM   255  C  CE2 . TRP A 1 28  ? 4.483   4.138   4.991   1.000 13.107 0 28  TRP AAA CE2 1 ? 
ATOM   256  C  CE3 . TRP A 1 28  ? 3.253   3.151   3.145   1.000 13.265 0 28  TRP AAA CE3 1 ? 
ATOM   257  C  CZ2 . TRP A 1 28  ? 4.985   2.897   5.355   1.000 14.143 0 28  TRP AAA CZ2 1 ? 
ATOM   258  C  CZ3 . TRP A 1 28  ? 3.776   1.928   3.492   1.000 14.933 0 28  TRP AAA CZ3 1 ? 
ATOM   259  C  CH2 . TRP A 1 28  ? 4.645   1.822   4.575   1.000 15.809 0 28  TRP AAA CH2 1 ? 
ATOM   260  N  N   . VAL A 1 29  ? 1.716   8.325   0.426   1.000 11.952 0 29  VAL AAA N   1 ? 
ATOM   261  C  CA  . VAL A 1 29  ? 0.769   8.881   -0.550  1.000 12.549 0 29  VAL AAA CA  1 ? 
ATOM   262  C  C   . VAL A 1 29  ? 1.364   8.742   -1.954  1.000 12.284 0 29  VAL AAA C   1 ? 
ATOM   263  O  O   . VAL A 1 29  ? 0.631   8.358   -2.903  1.000 12.252 0 29  VAL AAA O   1 ? 
ATOM   264  C  CB  . VAL A 1 29  ? 0.393   10.329  -0.165  1.000 12.413 0 29  VAL AAA CB  1 ? 
ATOM   265  C  CG1 . VAL A 1 29  ? -0.451  10.952  -1.267  1.000 13.333 0 29  VAL AAA CG1 1 ? 
ATOM   266  C  CG2 . VAL A 1 29  ? -0.336  10.393  1.156   1.000 12.552 0 29  VAL AAA CG2 1 ? 
ATOM   267  N  N   . CYS A 1 30  ? 2.646   9.080   -2.122  1.000 11.754 0 30  CYS AAA N   1 ? 
ATOM   268  C  CA  . CYS A 1 30  ? 3.337   8.949   -3.402  1.000 11.291 0 30  CYS AAA CA  1 ? 
ATOM   269  C  C   . CYS A 1 30  ? 3.301   7.472   -3.849  1.000 11.447 0 30  CYS AAA C   1 ? 
ATOM   270  O  O   . CYS A 1 30  ? 2.990   7.185   -5.019  1.000 11.669 0 30  CYS AAA O   1 ? 
ATOM   271  C  CB  . CYS A 1 30  ? 4.764   9.437   -3.239  1.000 11.477 0 30  CYS AAA CB  1 ? 
ATOM   272  S  SG  . CYS A 1 30  ? 5.718   9.428   -4.779  1.000 12.553 0 30  CYS AAA SG  1 ? 
ATOM   273  N  N   . ALA A 1 31  ? 3.554   6.551   -2.963  1.000 11.039 0 31  ALA AAA N   1 ? 
ATOM   274  C  CA  . ALA A 1 31  ? 3.527   5.127   -3.321  1.000 11.847 0 31  ALA AAA CA  1 ? 
ATOM   275  C  C   . ALA A 1 31  ? 2.137   4.780   -3.825  1.000 10.897 0 31  ALA AAA C   1 ? 
ATOM   276  O  O   . ALA A 1 31  ? 1.998   4.078   -4.851  1.000 11.955 0 31  ALA AAA O   1 ? 
ATOM   277  C  CB  . ALA A 1 31  ? 3.942   4.287   -2.166  1.000 12.825 0 31  ALA AAA CB  1 ? 
ATOM   278  N  N   . ALA A 1 32  ? 1.090   5.139   -3.110  1.000 10.971 0 32  ALA AAA N   1 ? 
ATOM   279  C  CA  . ALA A 1 32  ? -0.288  4.798   -3.519  1.000 11.085 0 32  ALA AAA CA  1 ? 
ATOM   280  C  C   . ALA A 1 32  ? -0.595  5.432   -4.853  1.000 11.387 0 32  ALA AAA C   1 ? 
ATOM   281  O  O   . ALA A 1 32  ? -1.274  4.778   -5.663  1.000 12.177 0 32  ALA AAA O   1 ? 
ATOM   282  C  CB  . ALA A 1 32  ? -1.245  5.243   -2.446  1.000 12.372 0 32  ALA AAA CB  1 ? 
ATOM   283  N  N   . LYS A 1 33  ? -0.186  6.658   -5.100  1.000 12.012 0 33  LYS AAA N   1 ? 
ATOM   284  C  CA  . LYS A 1 33  ? -0.468  7.305   -6.364  1.000 12.388 0 33  LYS AAA CA  1 ? 
ATOM   285  C  C   . LYS A 1 33  ? 0.062   6.446   -7.510  1.000 12.621 0 33  LYS AAA C   1 ? 
ATOM   286  O  O   . LYS A 1 33  ? -0.677  6.148   -8.491  1.000 13.209 0 33  LYS AAA O   1 ? 
ATOM   287  C  CB  . LYS A 1 33  ? 0.161   8.706   -6.424  1.000 13.399 0 33  LYS AAA CB  1 ? 
ATOM   288  C  CG  . LYS A 1 33  ? 0.194   9.307   -7.812  1.000 17.500 0 33  LYS AAA CG  1 ? 
ATOM   289  C  CD  . LYS A 1 33  ? -1.171  9.626   -8.300  1.000 21.459 0 33  LYS AAA CD  1 ? 
ATOM   290  C  CE  . LYS A 1 33  ? -1.144  10.215  -9.690  1.000 24.491 0 33  LYS AAA CE  1 ? 
ATOM   291  N  NZ  . LYS A 1 33  ? -2.530  10.604  -10.061 1.000 27.707 0 33  LYS AAA NZ  1 ? 
ATOM   292  N  N   . PHE A 1 34  ? 1.344   6.076   -7.433  1.000 12.143 0 34  PHE AAA N   1 ? 
ATOM   293  C  CA  . PHE A 1 34  ? 1.992   5.386   -8.577  1.000 12.986 0 34  PHE AAA CA  1 ? 
ATOM   294  C  C   . PHE A 1 34  ? 1.720   3.886   -8.552  1.000 12.907 0 34  PHE AAA C   1 ? 
ATOM   295  O  O   . PHE A 1 34  ? 1.812   3.284   -9.606  1.000 16.645 0 34  PHE AAA O   1 ? 
ATOM   296  C  CB  . PHE A 1 34  ? 3.466   5.730   -8.652  1.000 12.896 0 34  PHE AAA CB  1 ? 
ATOM   297  C  CG  . PHE A 1 34  ? 3.677   7.195   -8.934  1.000 12.344 0 34  PHE AAA CG  1 ? 
ATOM   298  C  CD1 . PHE A 1 34  ? 3.145   7.804   -10.044 1.000 12.948 0 34  PHE AAA CD1 1 ? 
ATOM   299  C  CD2 . PHE A 1 34  ? 4.519   7.946   -8.155  1.000 15.858 0 34  PHE AAA CD2 1 ? 
ATOM   300  C  CE1 . PHE A 1 34  ? 3.390   9.141   -10.308 1.000 15.169 0 34  PHE AAA CE1 1 ? 
ATOM   301  C  CE2 . PHE A 1 34  ? 4.755   9.293   -8.408  1.000 17.385 0 34  PHE AAA CE2 1 ? 
ATOM   302  C  CZ  . PHE A 1 34  ? 4.192   9.890   -9.490  1.000 15.620 0 34  PHE AAA CZ  1 ? 
ATOM   303  N  N   . GLU A 1 35  ? 1.264   3.321   -7.487  1.000 12.107 0 35  GLU AAA N   1 ? 
ATOM   304  C  CA  . GLU A 1 35  ? 0.873   1.891   -7.454  1.000 11.678 0 35  GLU AAA CA  1 ? 
ATOM   305  C  C   . GLU A 1 35  ? -0.550  1.729   -7.979  1.000 12.224 0 35  GLU AAA C   1 ? 
ATOM   306  O  O   . GLU A 1 35  ? -0.804  0.746   -8.746  1.000 13.565 0 35  GLU AAA O   1 ? 
ATOM   307  C  CB  . GLU A 1 35  ? 0.979   1.344   -6.042  1.000 13.224 0 35  GLU AAA CB  1 ? 
ATOM   308  C  CG  . GLU A 1 35  ? 2.403   1.135   -5.553  1.000 12.955 0 35  GLU AAA CG  1 ? 
ATOM   309  C  CD  . GLU A 1 35  ? 3.209   0.033   -6.234  1.000 13.467 0 35  GLU AAA CD  1 ? 
ATOM   310  O  OE1 . GLU A 1 35  ? 2.607   -0.641  -7.123  1.000 15.293 0 35  GLU AAA OE1 1 ? 
ATOM   311  O  OE2 . GLU A 1 35  ? 4.439   -0.063  -6.011  1.000 14.301 0 35  GLU AAA OE2 1 ? 
ATOM   312  N  N   . SER A 1 36  ? -1.480  2.550   -7.558  1.000 13.138 0 36  SER AAA N   1 ? 
ATOM   313  C  CA  . SER A 1 36  ? -2.926  2.274   -7.772  1.000 13.053 0 36  SER AAA CA  1 ? 
ATOM   314  C  C   . SER A 1 36  ? -3.675  3.471   -8.339  1.000 14.377 0 36  SER AAA C   1 ? 
ATOM   315  O  O   . SER A 1 36  ? -4.909  3.360   -8.552  1.000 14.638 0 36  SER AAA O   1 ? 
ATOM   316  C  CB  . SER A 1 36  ? -3.600  1.834   -6.555  1.000 12.411 0 36  SER AAA CB  1 ? 
ATOM   317  O  OG  . SER A 1 36  ? -3.613  2.896   -5.593  1.000 13.225 0 36  SER AAA OG  1 ? 
ATOM   318  N  N   . ASN A 1 37  ? -3.039  4.630   -8.447  1.000 14.227 0 37  ASN AAA N   1 ? 
ATOM   319  C  CA  . ASN A 1 37  ? -3.771  5.880   -8.779  1.000 15.316 0 37  ASN AAA CA  1 ? 
ATOM   320  C  C   . ASN A 1 37  ? -4.833  6.127   -7.709  1.000 14.427 0 37  ASN AAA C   1 ? 
ATOM   321  O  O   . ASN A 1 37  ? -5.897  6.680   -8.030  1.000 15.593 0 37  ASN AAA O   1 ? 
ATOM   322  C  CB  . ASN A 1 37  ? -4.370  5.850   -10.187 1.000 17.946 0 37  ASN AAA CB  1 ? 
ATOM   323  C  CG  . ASN A 1 37  ? -4.492  7.243   -10.744 1.000 24.750 0 37  ASN AAA CG  1 ? 
ATOM   324  O  OD1 . ASN A 1 37  ? -3.867  8.167   -10.241 1.000 26.768 0 37  ASN AAA OD1 1 ? 
ATOM   325  N  ND2 . ASN A 1 37  ? -5.332  7.414   -11.752 1.000 30.402 0 37  ASN AAA ND2 1 ? 
ATOM   326  N  N   . PHE A 1 38  ? -4.601  5.768   -6.468  1.000 12.762 0 38  PHE AAA N   1 ? 
ATOM   327  C  CA  . PHE A 1 38  ? -5.493  5.992   -5.324  1.000 12.912 0 38  PHE AAA CA  1 ? 
ATOM   328  C  C   . PHE A 1 38  ? -6.799  5.182   -5.414  1.000 13.070 0 38  PHE AAA C   1 ? 
ATOM   329  O  O   . PHE A 1 38  ? -7.768  5.447   -4.689  1.000 14.001 0 38  PHE AAA O   1 ? 
ATOM   330  C  CB  . PHE A 1 38  ? -5.878  7.470   -5.126  1.000 14.273 0 38  PHE AAA CB  1 ? 
ATOM   331  C  CG  . PHE A 1 38  ? -4.707  8.404   -4.965  1.000 12.979 0 38  PHE AAA CG  1 ? 
ATOM   332  C  CD1 . PHE A 1 38  ? -3.552  8.060   -4.261  1.000 13.753 0 38  PHE AAA CD1 1 ? 
ATOM   333  C  CD2 . PHE A 1 38  ? -4.791  9.684   -5.460  1.000 15.011 0 38  PHE AAA CD2 1 ? 
ATOM   334  C  CE1 . PHE A 1 38  ? -2.530  8.985   -4.037  1.000 13.192 0 38  PHE AAA CE1 1 ? 
ATOM   335  C  CE2 . PHE A 1 38  ? -3.783  10.623  -5.217  1.000 14.136 0 38  PHE AAA CE2 1 ? 
ATOM   336  C  CZ  . PHE A 1 38  ? -2.632  10.263  -4.558  1.000 13.412 0 38  PHE AAA CZ  1 ? 
ATOM   337  N  N   . ASN A 1 39  ? -6.793  4.090   -6.183  1.000 13.449 0 39  ASN AAA N   1 ? 
ATOM   338  C  CA  . ASN A 1 39  ? -7.995  3.253   -6.438  1.000 13.772 0 39  ASN AAA CA  1 ? 
ATOM   339  C  C   . ASN A 1 39  ? -7.913  1.974   -5.606  1.000 13.646 0 39  ASN AAA C   1 ? 
ATOM   340  O  O   . ASN A 1 39  ? -7.031  1.123   -5.888  1.000 13.622 0 39  ASN AAA O   1 ? 
ATOM   341  C  CB  . ASN A 1 39  ? -8.079  2.966   -7.924  1.000 14.797 0 39  ASN AAA CB  1 ? 
ATOM   342  C  CG  . ASN A 1 39  ? -9.295  2.125   -8.298  1.000 14.736 0 39  ASN AAA CG  1 ? 
ATOM   343  O  OD1 . ASN A 1 39  ? -10.156 1.854   -7.475  1.000 14.070 0 39  ASN AAA OD1 1 ? 
ATOM   344  N  ND2 . ASN A 1 39  ? -9.300  1.703   -9.550  1.000 18.231 0 39  ASN AAA ND2 1 ? 
ATOM   345  N  N   . THR A 1 40  ? -8.789  1.815   -4.638  1.000 13.663 0 40  THR AAA N   1 ? 
ATOM   346  C  CA  . THR A 1 40  ? -8.784  0.619   -3.784  1.000 14.375 0 40  THR AAA CA  1 ? 
ATOM   347  C  C   . THR A 1 40  ? -9.057  -0.673  -4.589  1.000 13.375 0 40  THR AAA C   1 ? 
ATOM   348  O  O   . THR A 1 40  ? -8.693  -1.710  -4.109  1.000 14.280 0 40  THR AAA O   1 ? 
ATOM   349  C  CB  . THR A 1 40  ? -9.761  0.690   -2.626  1.000 14.609 0 40  THR AAA CB  1 ? 
ATOM   350  O  OG1 . THR A 1 40  ? -11.097 0.689   -3.157  1.000 16.660 0 40  THR AAA OG1 1 ? 
ATOM   351  C  CG2 . THR A 1 40  ? -9.533  1.900   -1.751  1.000 15.967 0 40  THR AAA CG2 1 ? 
ATOM   352  N  N   . GLN A 1 41  ? -9.678  -0.550  -5.753  1.000 12.960 0 41  GLN AAA N   1 ? 
ATOM   353  C  CA  . GLN A 1 41  ? -10.072 -1.759  -6.540  1.000 13.222 0 41  GLN AAA CA  1 ? 
ATOM   354  C  C   . GLN A 1 41  ? -8.981  -2.184  -7.499  1.000 12.341 0 41  GLN AAA C   1 ? 
ATOM   355  O  O   . GLN A 1 41  ? -9.202  -3.206  -8.144  1.000 14.171 0 41  GLN AAA O   1 ? 
ATOM   356  C  CB  . GLN A 1 41  ? -11.365 -1.529  -7.324  1.000 13.532 0 41  GLN AAA CB  1 ? 
ATOM   357  C  CG  . GLN A 1 41  ? -12.539 -1.233  -6.411  1.000 14.704 0 41  GLN AAA CG  1 ? 
ATOM   358  C  CD  . GLN A 1 41  ? -13.850 -1.366  -7.143  1.000 15.191 0 41  GLN AAA CD  1 ? 
ATOM   359  O  OE1 . GLN A 1 41  ? -14.262 -2.476  -7.523  1.000 17.931 0 41  GLN AAA OE1 1 ? 
ATOM   360  N  NE2 . GLN A 1 41  ? -14.472 -0.266  -7.484  1.000 15.734 0 41  GLN AAA NE2 1 ? 
ATOM   361  N  N   . ALA A 1 42  ? -7.831  -1.517  -7.569  1.000 12.780 0 42  ALA AAA N   1 ? 
ATOM   362  C  CA  . ALA A 1 42  ? -6.776  -1.849  -8.537  1.000 13.384 0 42  ALA AAA CA  1 ? 
ATOM   363  C  C   . ALA A 1 42  ? -6.248  -3.270  -8.332  1.000 12.620 0 42  ALA AAA C   1 ? 
ATOM   364  O  O   . ALA A 1 42  ? -5.941  -3.659  -7.229  1.000 12.814 0 42  ALA AAA O   1 ? 
ATOM   365  C  CB  . ALA A 1 42  ? -5.657  -0.840  -8.409  1.000 13.777 0 42  ALA AAA CB  1 ? 
ATOM   366  N  N   . THR A 1 43  ? -6.133  -4.016  -9.428  1.000 13.146 0 43  THR AAA N   1 ? 
ATOM   367  C  CA  . THR A 1 43  ? -5.513  -5.363  -9.434  1.000 13.444 0 43  THR AAA CA  1 ? 
ATOM   368  C  C   . THR A 1 43  ? -4.616  -5.435  -10.649 1.000 15.770 0 43  THR AAA C   1 ? 
ATOM   369  O  O   . THR A 1 43  ? -5.016  -4.944  -11.724 1.000 16.731 0 43  THR AAA O   1 ? 
ATOM   370  C  CB  . THR A 1 43  ? -6.553  -6.499  -9.486  1.000 15.304 0 43  THR AAA CB  1 ? 
ATOM   371  O  OG1 . THR A 1 43  ? -7.342  -6.446  -10.695 1.000 15.929 0 43  THR AAA OG1 1 ? 
ATOM   372  C  CG2 . THR A 1 43  ? -7.454  -6.509  -8.281  1.000 14.503 0 43  THR AAA CG2 1 ? 
ATOM   373  N  N   . ASN A 1 44  ? -3.461  -6.084  -10.517 1.000 14.259 0 44  ASN AAA N   1 ? 
ATOM   374  C  CA  . ASN A 1 44  ? -2.518  -6.262  -11.625 1.000 14.858 0 44  ASN AAA CA  1 ? 
ATOM   375  C  C   . ASN A 1 44  ? -1.756  -7.568  -11.475 1.000 14.589 0 44  ASN AAA C   1 ? 
ATOM   376  O  O   . ASN A 1 44  ? -1.209  -7.851  -10.415 1.000 14.894 0 44  ASN AAA O   1 ? 
ATOM   377  C  CB  . ASN A 1 44  ? -1.508  -5.111  -11.706 1.000 14.984 0 44  ASN AAA CB  1 ? 
ATOM   378  C  CG  . ASN A 1 44  ? -2.140  -3.773  -12.024 1.000 18.346 0 44  ASN AAA CG  1 ? 
ATOM   379  O  OD1 . ASN A 1 44  ? -2.288  -2.923  -11.134 1.000 21.322 0 44  ASN AAA OD1 1 ? 
ATOM   380  N  ND2 . ASN A 1 44  ? -2.500  -3.597  -13.273 1.000 16.931 0 44  ASN AAA ND2 1 ? 
ATOM   381  N  N   . ARG A 1 45  ? -1.798  -8.348  -12.542 1.000 16.196 0 45  ARG AAA N   1 ? 
ATOM   382  C  CA  . ARG A 1 45  ? -1.129  -9.669  -12.581 1.000 16.765 0 45  ARG AAA CA  1 ? 
ATOM   383  C  C   . ARG A 1 45  ? 0.378   -9.478  -12.712 1.000 16.526 0 45  ARG AAA C   1 ? 
ATOM   384  O  O   . ARG A 1 45  ? 0.809   -8.679  -13.519 1.000 19.166 0 45  ARG AAA O   1 ? 
ATOM   385  C  CB  . ARG A 1 45  ? -1.619  -10.464 -13.800 1.000 19.564 0 45  ARG AAA CB  1 ? 
ATOM   386  C  CG  . ARG A 1 45  ? -1.328  -11.964 -13.776 1.000 22.764 0 45  ARG AAA CG  1 ? 
ATOM   387  C  CD  . ARG A 1 45  ? -2.266  -12.483 -12.714 1.000 27.090 0 45  ARG AAA CD  1 ? 
ATOM   388  N  NE  . ARG A 1 45  ? -2.162  -13.871 -12.295 1.000 29.944 0 45  ARG AAA NE  1 ? 
ATOM   389  C  CZ  . ARG A 1 45  ? -2.918  -14.852 -12.759 1.000 26.767 0 45  ARG AAA CZ  1 ? 
ATOM   390  N  NH1 . ARG A 1 45  ? -3.844  -14.623 -13.673 1.000 26.261 0 45  ARG AAA NH1 1 ? 
ATOM   391  N  NH2 . ARG A 1 45  ? -2.788  -16.041 -12.241 1.000 24.004 0 45  ARG AAA NH2 1 ? 
ATOM   392  N  N   . ASN A 1 46  ? 1.149   -10.240 -11.977 1.000 16.285 0 46  ASN AAA N   1 ? 
ATOM   393  C  CA  . ASN A 1 46  ? 2.623   -10.291 -12.086 1.000 17.910 0 46  ASN AAA CA  1 ? 
ATOM   394  C  C   . ASN A 1 46  ? 3.017   -11.450 -13.011 1.000 18.424 0 46  ASN AAA C   1 ? 
ATOM   395  O  O   . ASN A 1 46  ? 2.253   -12.416 -13.161 1.000 20.009 0 46  ASN AAA O   1 ? 
ATOM   396  C  CB  . ASN A 1 46  ? 3.219   -10.515 -10.708 1.000 17.597 0 46  ASN AAA CB  1 ? 
ATOM   397  C  CG  . ASN A 1 46  ? 2.857   -9.427  -9.723  1.000 16.945 0 46  ASN AAA CG  1 ? 
ATOM   398  O  OD1 . ASN A 1 46  ? 2.528   -9.711  -8.570  1.000 18.150 0 46  ASN AAA OD1 1 ? 
ATOM   399  N  ND2 . ASN A 1 46  ? 2.952   -8.200  -10.163 1.000 17.246 0 46  ASN AAA ND2 1 ? 
ATOM   400  N  N   A THR A 1 47  ? 4.235   -11.392 -13.558 0.700 22.266 0 47  THR AAA N   1 ? 
ATOM   401  N  N   B THR A 1 47  ? 4.220   -11.355 -13.581 0.300 19.968 0 47  THR AAA N   1 ? 
ATOM   402  C  CA  A THR A 1 47  ? 4.743   -12.403 -14.532 0.700 23.704 0 47  THR AAA CA  1 ? 
ATOM   403  C  CA  B THR A 1 47  ? 4.802   -12.361 -14.511 0.300 20.455 0 47  THR AAA CA  1 ? 
ATOM   404  C  C   A THR A 1 47  ? 4.856   -13.773 -13.874 0.700 23.183 0 47  THR AAA C   1 ? 
ATOM   405  C  C   B THR A 1 47  ? 4.745   -13.748 -13.859 0.300 20.695 0 47  THR AAA C   1 ? 
ATOM   406  O  O   A THR A 1 47  ? 4.787   -14.764 -14.615 0.700 26.332 0 47  THR AAA O   1 ? 
ATOM   407  O  O   B THR A 1 47  ? 4.362   -14.713 -14.568 0.300 22.233 0 47  THR AAA O   1 ? 
ATOM   408  C  CB  A THR A 1 47  ? 6.093   -12.029 -15.162 0.700 24.940 0 47  THR AAA CB  1 ? 
ATOM   409  C  CB  B THR A 1 47  ? 6.222   -11.965 -14.934 0.300 20.300 0 47  THR AAA CB  1 ? 
ATOM   410  O  OG1 A THR A 1 47  ? 7.099   -11.853 -14.156 0.700 25.962 0 47  THR AAA OG1 1 ? 
ATOM   411  O  OG1 B THR A 1 47  ? 6.202   -10.631 -15.445 0.300 20.779 0 47  THR AAA OG1 1 ? 
ATOM   412  C  CG2 A THR A 1 47  ? 5.966   -10.796 -16.028 0.700 25.014 0 47  THR AAA CG2 1 ? 
ATOM   413  C  CG2 B THR A 1 47  ? 6.795   -12.894 -15.979 0.300 19.161 0 47  THR AAA CG2 1 ? 
ATOM   414  N  N   . ASP A 1 48  ? 5.056   -13.843 -12.563 1.000 20.658 0 48  ASP AAA N   1 ? 
ATOM   415  C  CA  . ASP A 1 48  ? 5.219   -15.147 -11.866 1.000 20.869 0 48  ASP AAA CA  1 ? 
ATOM   416  C  C   . ASP A 1 48  ? 3.873   -15.806 -11.585 1.000 22.069 0 48  ASP AAA C   1 ? 
ATOM   417  O  O   . ASP A 1 48  ? 3.888   -16.883 -10.959 1.000 25.674 0 48  ASP AAA O   1 ? 
ATOM   418  C  CB  . ASP A 1 48  ? 6.073   -14.987 -10.602 1.000 23.073 0 48  ASP AAA CB  1 ? 
ATOM   419  C  CG  . ASP A 1 48  ? 5.398   -14.220 -9.464  1.000 22.121 0 48  ASP AAA CG  1 ? 
ATOM   420  O  OD1 . ASP A 1 48  ? 4.240   -13.749 -9.669  1.000 24.235 0 48  ASP AAA OD1 1 ? 
ATOM   421  O  OD2 . ASP A 1 48  ? 5.953   -14.180 -8.363  1.000 24.756 0 48  ASP AAA OD2 1 ? 
ATOM   422  N  N   . GLY A 1 49  ? 2.728   -15.189 -11.919 1.000 18.905 0 49  GLY AAA N   1 ? 
ATOM   423  C  CA  . GLY A 1 49  ? 1.421   -15.815 -11.633 1.000 19.011 0 49  GLY AAA CA  1 ? 
ATOM   424  C  C   . GLY A 1 49  ? 0.692   -15.223 -10.430 1.000 17.454 0 49  GLY AAA C   1 ? 
ATOM   425  O  O   . GLY A 1 49  ? -0.527  -15.434 -10.260 1.000 19.744 0 49  GLY AAA O   1 ? 
ATOM   426  N  N   . SER A 1 50  ? 1.415   -14.500 -9.583  1.000 16.330 0 50  SER AAA N   1 ? 
ATOM   427  C  CA  . SER A 1 50  ? 0.840   -13.744 -8.475  1.000 15.619 0 50  SER AAA CA  1 ? 
ATOM   428  C  C   . SER A 1 50  ? 0.099   -12.513 -9.022  1.000 14.151 0 50  SER AAA C   1 ? 
ATOM   429  O  O   . SER A 1 50  ? 0.200   -12.188 -10.174 1.000 14.223 0 50  SER AAA O   1 ? 
ATOM   430  C  CB  . SER A 1 50  ? 1.907   -13.391 -7.515  1.000 15.205 0 50  SER AAA CB  1 ? 
ATOM   431  O  OG  . SER A 1 50  ? 2.818   -12.462 -8.039  1.000 15.525 0 50  SER AAA OG  1 ? 
ATOM   432  N  N   . THR A 1 51  ? -0.634  -11.839 -8.138  1.000 13.827 0 51  THR AAA N   1 ? 
ATOM   433  C  CA  . THR A 1 51  ? -1.368  -10.600 -8.441  1.000 13.563 0 51  THR AAA CA  1 ? 
ATOM   434  C  C   . THR A 1 51  ? -1.089  -9.620  -7.296  1.000 13.034 0 51  THR AAA C   1 ? 
ATOM   435  O  O   . THR A 1 51  ? -1.005  -10.022 -6.163  1.000 12.857 0 51  THR AAA O   1 ? 
ATOM   436  C  CB  . THR A 1 51  ? -2.858  -10.924 -8.624  1.000 13.321 0 51  THR AAA CB  1 ? 
ATOM   437  O  OG1 . THR A 1 51  ? -3.007  -11.892 -9.676  1.000 14.913 0 51  THR AAA OG1 1 ? 
ATOM   438  C  CG2 . THR A 1 51  ? -3.705  -9.714  -8.939  1.000 14.539 0 51  THR AAA CG2 1 ? 
ATOM   439  N  N   . ASP A 1 52  ? -1.100  -8.359  -7.691  1.000 12.737 0 52  ASP AAA N   1 ? 
ATOM   440  C  CA  . ASP A 1 52  ? -1.029  -7.247  -6.719  1.000 12.751 0 52  ASP AAA CA  1 ? 
ATOM   441  C  C   . ASP A 1 52  ? -2.420  -6.631  -6.533  1.000 13.033 0 52  ASP AAA C   1 ? 
ATOM   442  O  O   . ASP A 1 52  ? -3.127  -6.398  -7.514  1.000 13.884 0 52  ASP AAA O   1 ? 
ATOM   443  C  CB  . ASP A 1 52  ? -0.067  -6.170  -7.197  1.000 14.765 0 52  ASP AAA CB  1 ? 
ATOM   444  C  CG  . ASP A 1 52  ? 1.407   -6.559  -7.188  1.000 15.275 0 52  ASP AAA CG  1 ? 
ATOM   445  O  OD1 . ASP A 1 52  ? 1.766   -7.583  -6.613  1.000 14.941 0 52  ASP AAA OD1 1 ? 
ATOM   446  O  OD2 . ASP A 1 52  ? 2.210   -5.677  -7.681  1.000 19.420 0 52  ASP AAA OD2 1 ? 
ATOM   447  N  N   . TYR A 1 53  ? -2.743  -6.341  -5.299  1.000 12.299 0 53  TYR AAA N   1 ? 
ATOM   448  C  CA  . TYR A 1 53  ? -4.115  -5.951  -4.903  1.000 12.786 0 53  TYR AAA CA  1 ? 
ATOM   449  C  C   . TYR A 1 53  ? -4.160  -4.625  -4.149  1.000 13.113 0 53  TYR AAA C   1 ? 
ATOM   450  O  O   . TYR A 1 53  ? -3.455  -4.478  -3.134  1.000 13.236 0 53  TYR AAA O   1 ? 
ATOM   451  C  CB  . TYR A 1 53  ? -4.758  -7.001  -4.000  1.000 12.659 0 53  TYR AAA CB  1 ? 
ATOM   452  C  CG  . TYR A 1 53  ? -4.986  -8.306  -4.711  1.000 12.824 0 53  TYR AAA CG  1 ? 
ATOM   453  C  CD1 . TYR A 1 53  ? -3.988  -9.249  -4.788  1.000 12.790 0 53  TYR AAA CD1 1 ? 
ATOM   454  C  CD2 . TYR A 1 53  ? -6.197  -8.588  -5.347  1.000 12.205 0 53  TYR AAA CD2 1 ? 
ATOM   455  C  CE1 . TYR A 1 53  ? -4.205  -10.449 -5.469  1.000 12.569 0 53  TYR AAA CE1 1 ? 
ATOM   456  C  CE2 . TYR A 1 53  ? -6.424  -9.759  -6.048  1.000 13.678 0 53  TYR AAA CE2 1 ? 
ATOM   457  C  CZ  . TYR A 1 53  ? -5.406  -10.691 -6.141  1.000 12.923 0 53  TYR AAA CZ  1 ? 
ATOM   458  O  OH  . TYR A 1 53  ? -5.606  -11.869 -6.826  1.000 13.412 0 53  TYR AAA OH  1 ? 
ATOM   459  N  N   . GLY A 1 54  ? -5.053  -3.757  -4.548  1.000 12.849 0 54  GLY AAA N   1 ? 
ATOM   460  C  CA  . GLY A 1 54  ? -5.489  -2.614  -3.750  1.000 13.383 0 54  GLY AAA CA  1 ? 
ATOM   461  C  C   . GLY A 1 54  ? -4.613  -1.374  -3.899  1.000 12.262 0 54  GLY AAA C   1 ? 
ATOM   462  O  O   . GLY A 1 54  ? -3.787  -1.253  -4.783  1.000 12.735 0 54  GLY AAA O   1 ? 
ATOM   463  N  N   . ILE A 1 55  ? -4.884  -0.436  -3.000  1.000 14.157 0 55  ILE AAA N   1 ? 
ATOM   464  C  CA  . ILE A 1 55  ? -4.294  0.917   -3.045  1.000 15.780 0 55  ILE AAA CA  1 ? 
ATOM   465  C  C   . ILE A 1 55  ? -2.761  0.871   -2.963  1.000 13.922 0 55  ILE AAA C   1 ? 
ATOM   466  O  O   . ILE A 1 55  ? -2.100  1.736   -3.525  1.000 14.971 0 55  ILE AAA O   1 ? 
ATOM   467  C  CB  . ILE A 1 55  ? -5.015  1.753   -1.970  1.000 19.933 0 55  ILE AAA CB  1 ? 
ATOM   468  C  CG1 . ILE A 1 55  ? -4.845  3.246   -2.277  1.000 24.368 0 55  ILE AAA CG1 1 ? 
ATOM   469  C  CG2 . ILE A 1 55  ? -4.582  1.326   -0.574  1.000 18.954 0 55  ILE AAA CG2 1 ? 
ATOM   470  C  CD1 . ILE A 1 55  ? -6.037  4.104   -1.989  1.000 24.787 0 55  ILE AAA CD1 1 ? 
ATOM   471  N  N   . LEU A 1 56  ? -2.205  -0.140  -2.291  1.000 13.525 0 56  LEU AAA N   1 ? 
ATOM   472  C  CA  . LEU A 1 56  ? -0.737  -0.321  -2.207  1.000 14.557 0 56  LEU AAA CA  1 ? 
ATOM   473  C  C   . LEU A 1 56  ? -0.273  -1.608  -2.913  1.000 13.883 0 56  LEU AAA C   1 ? 
ATOM   474  O  O   . LEU A 1 56  ? 0.900   -1.998  -2.752  1.000 14.794 0 56  LEU AAA O   1 ? 
ATOM   475  C  CB  . LEU A 1 56  ? -0.292  -0.272  -0.745  1.000 15.051 0 56  LEU AAA CB  1 ? 
ATOM   476  C  CG  . LEU A 1 56  ? -0.279  1.132   -0.131  1.000 15.602 0 56  LEU AAA CG  1 ? 
ATOM   477  C  CD1 . LEU A 1 56  ? -0.051  1.028   1.393   1.000 17.558 0 56  LEU AAA CD1 1 ? 
ATOM   478  C  CD2 . LEU A 1 56  ? 0.779   2.030   -0.766  1.000 16.777 0 56  LEU AAA CD2 1 ? 
ATOM   479  N  N   . GLN A 1 57  ? -1.102  -2.184  -3.796  1.000 13.276 0 57  GLN AAA N   1 ? 
ATOM   480  C  CA  . GLN A 1 57  ? -0.627  -3.235  -4.733  1.000 13.338 0 57  GLN AAA CA  1 ? 
ATOM   481  C  C   . GLN A 1 57  ? 0.137   -4.317  -3.950  1.000 12.757 0 57  GLN AAA C   1 ? 
ATOM   482  O  O   . GLN A 1 57  ? 1.256   -4.685  -4.373  1.000 14.313 0 57  GLN AAA O   1 ? 
ATOM   483  C  CB  . GLN A 1 57  ? 0.165   -2.593  -5.860  1.000 13.027 0 57  GLN AAA CB  1 ? 
ATOM   484  C  CG  . GLN A 1 57  ? -0.763  -1.837  -6.792  1.000 13.138 0 57  GLN AAA CG  1 ? 
ATOM   485  C  CD  . GLN A 1 57  ? -1.689  -2.759  -7.550  1.000 12.741 0 57  GLN AAA CD  1 ? 
ATOM   486  O  OE1 . GLN A 1 57  ? -1.287  -3.395  -8.533  1.000 14.144 0 57  GLN AAA OE1 1 ? 
ATOM   487  N  NE2 . GLN A 1 57  ? -2.932  -2.876  -7.108  1.000 12.855 0 57  GLN AAA NE2 1 ? 
ATOM   488  N  N   . ILE A 1 58  ? -0.506  -4.897  -2.969  1.000 12.724 0 58  ILE AAA N   1 ? 
ATOM   489  C  CA  . ILE A 1 58  ? 0.104   -5.940  -2.115  1.000 13.874 0 58  ILE AAA CA  1 ? 
ATOM   490  C  C   . ILE A 1 58  ? 0.025   -7.288  -2.847  1.000 14.156 0 58  ILE AAA C   1 ? 
ATOM   491  O  O   . ILE A 1 58  ? -1.033  -7.683  -3.386  1.000 13.198 0 58  ILE AAA O   1 ? 
ATOM   492  C  CB  . ILE A 1 58  ? -0.593  -5.919  -0.758  1.000 14.939 0 58  ILE AAA CB  1 ? 
ATOM   493  C  CG1 . ILE A 1 58  ? -0.126  -4.659  -0.005  1.000 16.810 0 58  ILE AAA CG1 1 ? 
ATOM   494  C  CG2 . ILE A 1 58  ? -0.279  -7.187  0.021   1.000 15.687 0 58  ILE AAA CG2 1 ? 
ATOM   495  C  CD1 . ILE A 1 58  ? -0.947  -4.374  1.210   1.000 17.419 0 58  ILE AAA CD1 1 ? 
ATOM   496  N  N   . ASN A 1 59  ? 1.150   -7.977  -2.882  1.000 13.580 0 59  ASN AAA N   1 ? 
ATOM   497  C  CA  . ASN A 1 59  ? 1.426   -9.149  -3.742  1.000 15.598 0 59  ASN AAA CA  1 ? 
ATOM   498  C  C   . ASN A 1 59  ? 0.970   -10.450 -3.051  1.000 14.848 0 59  ASN AAA C   1 ? 
ATOM   499  O  O   . ASN A 1 59  ? 1.421   -10.738 -1.944  1.000 16.690 0 59  ASN AAA O   1 ? 
ATOM   500  C  CB  . ASN A 1 59  ? 2.933   -9.114  -4.053  1.000 17.205 0 59  ASN AAA CB  1 ? 
ATOM   501  C  CG  . ASN A 1 59  ? 3.340   -10.074 -5.132  1.000 18.751 0 59  ASN AAA CG  1 ? 
ATOM   502  O  OD1 . ASN A 1 59  ? 2.578   -10.953 -5.445  1.000 21.467 0 59  ASN AAA OD1 1 ? 
ATOM   503  N  ND2 . ASN A 1 59  ? 4.484   -9.864  -5.758  1.000 21.397 0 59  ASN AAA ND2 1 ? 
ATOM   504  N  N   . SER A 1 60  ? 0.109   -11.208 -3.721  1.000 14.721 0 60  SER AAA N   1 ? 
ATOM   505  C  CA  . SER A 1 60  ? -0.339  -12.564 -3.329  1.000 15.066 0 60  SER AAA CA  1 ? 
ATOM   506  C  C   . SER A 1 60  ? 0.855   -13.559 -3.246  1.000 17.028 0 60  SER AAA C   1 ? 
ATOM   507  O  O   . SER A 1 60  ? 0.654   -14.653 -2.663  1.000 18.136 0 60  SER AAA O   1 ? 
ATOM   508  C  CB  . SER A 1 60  ? -1.419  -13.026 -4.270  1.000 14.923 0 60  SER AAA CB  1 ? 
ATOM   509  O  OG  . SER A 1 60  ? -0.886  -13.304 -5.544  1.000 15.066 0 60  SER AAA OG  1 ? 
ATOM   510  N  N   . ARG A 1 61  ? 2.009   -13.257 -3.821  1.000 16.615 0 61  ARG AAA N   1 ? 
ATOM   511  C  CA  . ARG A 1 61  ? 3.217   -14.155 -3.736  1.000 18.919 0 61  ARG AAA CA  1 ? 
ATOM   512  C  C   . ARG A 1 61  ? 3.561   -14.387 -2.262  1.000 20.875 0 61  ARG AAA C   1 ? 
ATOM   513  O  O   . ARG A 1 61  ? 3.989   -15.479 -1.938  1.000 22.057 0 61  ARG AAA O   1 ? 
ATOM   514  C  CB  . ARG A 1 61  ? 4.393   -13.571 -4.537  1.000 20.398 0 61  ARG AAA CB  1 ? 
ATOM   515  C  CG  . ARG A 1 61  ? 5.700   -14.365 -4.454  1.000 23.633 0 61  ARG AAA CG  1 ? 
ATOM   516  C  CD  . ARG A 1 61  ? 5.588   -15.796 -4.919  1.000 26.021 0 61  ARG AAA CD  1 ? 
ATOM   517  N  NE  . ARG A 1 61  ? 5.061   -15.935 -6.272  1.000 31.099 0 61  ARG AAA NE  1 ? 
ATOM   518  C  CZ  . ARG A 1 61  ? 4.477   -17.028 -6.782  1.000 31.002 0 61  ARG AAA CZ  1 ? 
ATOM   519  N  NH1 . ARG A 1 61  ? 4.306   -18.125 -6.058  1.000 33.081 0 61  ARG AAA NH1 1 ? 
ATOM   520  N  NH2 . ARG A 1 61  ? 4.012   -16.997 -8.017  1.000 31.122 0 61  ARG AAA NH2 1 ? 
ATOM   521  N  N   . TRP A 1 62  ? 3.408   -13.388 -1.398  1.000 18.132 0 62  TRP AAA N   1 ? 
ATOM   522  C  CA  . TRP A 1 62  ? 3.822   -13.450 0.023   1.000 19.100 0 62  TRP AAA CA  1 ? 
ATOM   523  C  C   . TRP A 1 62  ? 2.728   -13.109 1.014   1.000 16.552 0 62  TRP AAA C   1 ? 
ATOM   524  O  O   . TRP A 1 62  ? 2.761   -13.605 2.149   1.000 18.605 0 62  TRP AAA O   1 ? 
ATOM   525  C  CB  . TRP A 1 62  ? 5.010   -12.517 0.290   1.000 19.860 0 62  TRP AAA CB  1 ? 
ATOM   526  C  CG  . TRP A 1 62  ? 6.158   -12.711 -0.643  1.000 27.736 0 62  TRP AAA CG  1 ? 
ATOM   527  C  CD1 . TRP A 1 62  ? 6.509   -11.950 -1.721  1.000 30.474 0 62  TRP AAA CD1 1 ? 
ATOM   528  C  CD2 . TRP A 1 62  ? 7.102   -13.782 -0.580  1.000 34.217 0 62  TRP AAA CD2 1 ? 
ATOM   529  N  NE1 . TRP A 1 62  ? 7.620   -12.472 -2.325  1.000 33.844 0 62  TRP AAA NE1 1 ? 
ATOM   530  C  CE2 . TRP A 1 62  ? 8.006   -13.596 -1.646  1.000 34.733 0 62  TRP AAA CE2 1 ? 
ATOM   531  C  CE3 . TRP A 1 62  ? 7.272   -14.866 0.283   1.000 38.424 0 62  TRP AAA CE3 1 ? 
ATOM   532  C  CZ2 . TRP A 1 62  ? 9.066   -14.470 -1.875  1.000 40.761 0 62  TRP AAA CZ2 1 ? 
ATOM   533  C  CZ3 . TRP A 1 62  ? 8.320   -15.732 0.055   1.000 42.003 0 62  TRP AAA CZ3 1 ? 
ATOM   534  C  CH2 . TRP A 1 62  ? 9.198   -15.534 -1.012  1.000 42.558 0 62  TRP AAA CH2 1 ? 
ATOM   535  N  N   . TRP A 1 63  ? 1.788   -12.205 0.690   1.000 16.122 0 63  TRP AAA N   1 ? 
ATOM   536  C  CA  . TRP A 1 63  ? 1.106   -11.454 1.756   1.000 15.746 0 63  TRP AAA CA  1 ? 
ATOM   537  C  C   . TRP A 1 63  ? -0.374  -11.792 1.959   1.000 14.613 0 63  TRP AAA C   1 ? 
ATOM   538  O  O   . TRP A 1 63  ? -0.939  -11.513 2.967   1.000 15.795 0 63  TRP AAA O   1 ? 
ATOM   539  C  CB  . TRP A 1 63  ? 1.227   -9.958  1.482   1.000 15.012 0 63  TRP AAA CB  1 ? 
ATOM   540  C  CG  . TRP A 1 63  ? 2.665   -9.540  1.419   1.000 15.680 0 63  TRP AAA CG  1 ? 
ATOM   541  C  CD1 . TRP A 1 63  ? 3.362   -9.189  0.313   1.000 15.714 0 63  TRP AAA CD1 1 ? 
ATOM   542  C  CD2 . TRP A 1 63  ? 3.644   -9.582  2.481   1.000 16.255 0 63  TRP AAA CD2 1 ? 
ATOM   543  N  NE1 . TRP A 1 63  ? 4.688   -8.963  0.617   1.000 17.670 0 63  TRP AAA NE1 1 ? 
ATOM   544  C  CE2 . TRP A 1 63  ? 4.885   -9.189  1.939   1.000 17.958 0 63  TRP AAA CE2 1 ? 
ATOM   545  C  CE3 . TRP A 1 63  ? 3.576   -9.829  3.849   1.000 18.049 0 63  TRP AAA CE3 1 ? 
ATOM   546  C  CZ2 . TRP A 1 63  ? 6.055   -9.087  2.709   1.000 18.764 0 63  TRP AAA CZ2 1 ? 
ATOM   547  C  CZ3 . TRP A 1 63  ? 4.741   -9.745  4.594   1.000 18.181 0 63  TRP AAA CZ3 1 ? 
ATOM   548  C  CH2 . TRP A 1 63  ? 5.947   -9.390  4.025   1.000 19.627 0 63  TRP AAA CH2 1 ? 
ATOM   549  N  N   . CYS A 1 64  ? -1.037  -12.334 0.935   1.000 15.348 0 64  CYS AAA N   1 ? 
ATOM   550  C  CA  . CYS A 1 64  ? -2.496  -12.620 0.958   1.000 15.433 0 64  CYS AAA CA  1 ? 
ATOM   551  C  C   . CYS A 1 64  ? -2.796  -13.860 0.119   1.000 15.059 0 64  CYS AAA C   1 ? 
ATOM   552  O  O   . CYS A 1 64  ? -2.000  -14.218 -0.693  1.000 15.579 0 64  CYS AAA O   1 ? 
ATOM   553  C  CB  . CYS A 1 64  ? -3.313  -11.411 0.530   1.000 15.823 0 64  CYS AAA CB  1 ? 
ATOM   554  S  SG  . CYS A 1 64  ? -3.071  -10.863 -1.179  1.000 14.868 0 64  CYS AAA SG  1 ? 
ATOM   555  N  N   A ASN A 1 65  ? -3.943  -14.485 0.392   0.500 16.095 0 65  ASN AAA N   1 ? 
ATOM   556  N  N   B ASN A 1 65  ? -3.981  -14.442 0.385   0.500 15.965 0 65  ASN AAA N   1 ? 
ATOM   557  C  CA  A ASN A 1 65  ? -4.378  -15.655 -0.399  0.500 16.442 0 65  ASN AAA CA  1 ? 
ATOM   558  C  CA  B ASN A 1 65  ? -4.524  -15.638 -0.311  0.500 16.506 0 65  ASN AAA CA  1 ? 
ATOM   559  C  C   A ASN A 1 65  ? -5.474  -15.234 -1.386  0.500 15.023 0 65  ASN AAA C   1 ? 
ATOM   560  C  C   B ASN A 1 65  ? -5.532  -15.204 -1.390  0.500 14.478 0 65  ASN AAA C   1 ? 
ATOM   561  O  O   A ASN A 1 65  ? -6.486  -14.748 -0.974  0.500 15.626 0 65  ASN AAA O   1 ? 
ATOM   562  O  O   B ASN A 1 65  ? -6.553  -14.637 -1.040  0.500 16.251 0 65  ASN AAA O   1 ? 
ATOM   563  C  CB  A ASN A 1 65  ? -4.876  -16.799 0.482   0.500 17.353 0 65  ASN AAA CB  1 ? 
ATOM   564  C  CB  B ASN A 1 65  ? -5.182  -16.597 0.693   0.500 16.989 0 65  ASN AAA CB  1 ? 
ATOM   565  C  CG  A ASN A 1 65  ? -5.521  -17.856 -0.370  0.500 18.779 0 65  ASN AAA CG  1 ? 
ATOM   566  C  CG  B ASN A 1 65  ? -5.538  -17.959 0.127   0.500 18.580 0 65  ASN AAA CG  1 ? 
ATOM   567  O  OD1 A ASN A 1 65  ? -4.853  -18.476 -1.177  0.500 20.203 0 65  ASN AAA OD1 1 ? 
ATOM   568  O  OD1 B ASN A 1 65  ? -5.736  -18.920 0.890   0.500 21.754 0 65  ASN AAA OD1 1 ? 
ATOM   569  N  ND2 A ASN A 1 65  ? -6.831  -17.958 -0.290  0.500 22.744 0 65  ASN AAA ND2 1 ? 
ATOM   570  N  ND2 B ASN A 1 65  ? -5.710  -18.058 -1.178  0.500 17.237 0 65  ASN AAA ND2 1 ? 
ATOM   571  N  N   . ASP A 1 66  ? -5.209  -15.478 -2.653  1.000 14.741 0 66  ASP AAA N   1 ? 
ATOM   572  C  CA  . ASP A 1 66  ? -6.199  -15.221 -3.736  1.000 15.148 0 66  ASP AAA CA  1 ? 
ATOM   573  C  C   . ASP A 1 66  ? -6.738  -16.497 -4.390  1.000 16.530 0 66  ASP AAA C   1 ? 
ATOM   574  O  O   . ASP A 1 66  ? -7.455  -16.364 -5.397  1.000 17.239 0 66  ASP AAA O   1 ? 
ATOM   575  C  CB  . ASP A 1 66  ? -5.678  -14.248 -4.798  1.000 14.992 0 66  ASP AAA CB  1 ? 
ATOM   576  C  CG  . ASP A 1 66  ? -4.544  -14.709 -5.665  1.000 15.149 0 66  ASP AAA CG  1 ? 
ATOM   577  O  OD1 . ASP A 1 66  ? -4.109  -15.875 -5.497  1.000 16.144 0 66  ASP AAA OD1 1 ? 
ATOM   578  O  OD2 . ASP A 1 66  ? -4.066  -13.912 -6.468  1.000 14.677 0 66  ASP AAA OD2 1 ? 
ATOM   579  N  N   . GLY A 1 67  ? -6.354  -17.641 -3.866  1.000 17.299 0 67  GLY AAA N   1 ? 
ATOM   580  C  CA  . GLY A 1 67  ? -6.810  -18.949 -4.384  1.000 19.086 0 67  GLY AAA CA  1 ? 
ATOM   581  C  C   . GLY A 1 67  ? -6.166  -19.324 -5.688  1.000 20.426 0 67  GLY AAA C   1 ? 
ATOM   582  O  O   . GLY A 1 67  ? -6.585  -20.398 -6.253  1.000 24.204 0 67  GLY AAA O   1 ? 
ATOM   583  N  N   . ARG A 1 68  ? -5.249  -18.550 -6.263  1.000 19.487 0 68  ARG AAA N   1 ? 
ATOM   584  C  CA  . ARG A 1 68  ? -4.651  -18.940 -7.566  1.000 20.759 0 68  ARG AAA CA  1 ? 
ATOM   585  C  C   . ARG A 1 68  ? -3.168  -18.577 -7.666  1.000 22.101 0 68  ARG AAA C   1 ? 
ATOM   586  O  O   . ARG A 1 68  ? -2.655  -18.437 -8.807  1.000 25.384 0 68  ARG AAA O   1 ? 
ATOM   587  C  CB  . ARG A 1 68  ? -5.413  -18.287 -8.708  1.000 21.014 0 68  ARG AAA CB  1 ? 
ATOM   588  C  CG  . ARG A 1 68  ? -5.450  -16.772 -8.618  1.000 19.705 0 68  ARG AAA CG  1 ? 
ATOM   589  C  CD  . ARG A 1 68  ? -5.913  -16.230 -9.950  1.000 20.928 0 68  ARG AAA CD  1 ? 
ATOM   590  N  NE  . ARG A 1 68  ? -5.351  -14.909 -10.181 1.000 19.697 0 68  ARG AAA NE  1 ? 
ATOM   591  C  CZ  . ARG A 1 68  ? -5.872  -14.014 -11.035 1.000 17.668 0 68  ARG AAA CZ  1 ? 
ATOM   592  N  NH1 . ARG A 1 68  ? -6.924  -14.371 -11.763 1.000 19.379 0 68  ARG AAA NH1 1 ? 
ATOM   593  N  NH2 . ARG A 1 68  ? -5.329  -12.803 -11.190 1.000 18.223 0 68  ARG AAA NH2 1 ? 
ATOM   594  N  N   . THR A 1 69  ? -2.473  -18.505 -6.537  1.000 19.947 0 69  THR AAA N   1 ? 
ATOM   595  C  CA  . THR A 1 69  ? -1.005  -18.287 -6.538  1.000 19.434 0 69  THR AAA CA  1 ? 
ATOM   596  C  C   . THR A 1 69  ? -0.347  -19.471 -5.821  1.000 21.600 0 69  THR AAA C   1 ? 
ATOM   597  O  O   . THR A 1 69  ? -0.158  -19.458 -4.621  1.000 22.176 0 69  THR AAA O   1 ? 
ATOM   598  C  CB  . THR A 1 69  ? -0.653  -16.928 -5.897  1.000 19.436 0 69  THR AAA CB  1 ? 
ATOM   599  O  OG1 . THR A 1 69  ? -1.525  -15.871 -6.346  1.000 17.147 0 69  THR AAA OG1 1 ? 
ATOM   600  C  CG2 . THR A 1 69  ? 0.785   -16.548 -6.174  1.000 20.269 0 69  THR AAA CG2 1 ? 
ATOM   601  N  N   . PRO A 1 70  ? -0.093  -20.586 -6.540  1.000 26.634 0 70  PRO AAA N   1 ? 
ATOM   602  C  CA  . PRO A 1 70  ? 0.501   -21.786 -5.932  1.000 26.952 0 70  PRO AAA CA  1 ? 
ATOM   603  C  C   . PRO A 1 70  ? 1.842   -21.569 -5.244  1.000 30.537 0 70  PRO AAA C   1 ? 
ATOM   604  O  O   . PRO A 1 70  ? 2.637   -20.783 -5.730  1.000 34.904 0 70  PRO AAA O   1 ? 
ATOM   605  C  CB  . PRO A 1 70  ? 0.701   -22.723 -7.131  1.000 31.954 0 70  PRO AAA CB  1 ? 
ATOM   606  C  CG  . PRO A 1 70  ? -0.374  -22.313 -8.089  1.000 29.545 0 70  PRO AAA CG  1 ? 
ATOM   607  C  CD  . PRO A 1 70  ? -0.456  -20.805 -7.944  1.000 26.520 0 70  PRO AAA CD  1 ? 
ATOM   608  N  N   . GLY A 1 71  ? 2.043   -22.265 -4.120  1.000 29.179 0 71  GLY AAA N   1 ? 
ATOM   609  C  CA  . GLY A 1 71  ? 3.318   -22.266 -3.389  1.000 34.175 0 71  GLY AAA CA  1 ? 
ATOM   610  C  C   . GLY A 1 71  ? 3.659   -20.884 -2.875  1.000 35.599 0 71  GLY AAA C   1 ? 
ATOM   611  O  O   . GLY A 1 71  ? 4.856   -20.591 -2.712  1.000 42.503 0 71  GLY AAA O   1 ? 
ATOM   612  N  N   . SER A 1 72  ? 2.641   -20.052 -2.659  1.000 30.517 0 72  SER AAA N   1 ? 
ATOM   613  C  CA  . SER A 1 72  ? 2.792   -18.679 -2.130  1.000 27.931 0 72  SER AAA CA  1 ? 
ATOM   614  C  C   . SER A 1 72  ? 2.531   -18.687 -0.618  1.000 28.613 0 72  SER AAA C   1 ? 
ATOM   615  O  O   . SER A 1 72  ? 2.015   -19.678 -0.074  1.000 30.324 0 72  SER AAA O   1 ? 
ATOM   616  C  CB  . SER A 1 72  ? 1.883   -17.743 -2.883  1.000 24.916 0 72  SER AAA CB  1 ? 
ATOM   617  O  OG  . SER A 1 72  ? 0.557   -17.888 -2.443  1.000 22.170 0 72  SER AAA OG  1 ? 
ATOM   618  N  N   . ARG A 1 73  ? 2.874   -17.601 0.052   1.000 23.758 0 73  ARG AAA N   1 ? 
ATOM   619  C  CA  . ARG A 1 73  ? 2.567   -17.405 1.479   1.000 25.235 0 73  ARG AAA CA  1 ? 
ATOM   620  C  C   . ARG A 1 73  ? 1.378   -16.443 1.609   1.000 22.294 0 73  ARG AAA C   1 ? 
ATOM   621  O  O   . ARG A 1 73  ? 0.991   -15.785 0.597   1.000 22.708 0 73  ARG AAA O   1 ? 
ATOM   622  C  CB  . ARG A 1 73  ? 3.818   -16.857 2.168   1.000 31.124 0 73  ARG AAA CB  1 ? 
ATOM   623  C  CG  . ARG A 1 73  ? 5.080   -17.600 1.743   1.000 36.414 0 73  ARG AAA CG  1 ? 
ATOM   624  C  CD  . ARG A 1 73  ? 5.536   -18.573 2.793   1.000 46.364 0 73  ARG AAA CD  1 ? 
ATOM   625  N  NE  . ARG A 1 73  ? 6.352   -17.880 3.786   1.000 51.996 0 73  ARG AAA NE  1 ? 
ATOM   626  C  CZ  . ARG A 1 73  ? 6.478   -18.253 5.059   1.000 54.566 0 73  ARG AAA CZ  1 ? 
ATOM   627  N  NH1 . ARG A 1 73  ? 5.837   -19.319 5.518   1.000 56.229 0 73  ARG AAA NH1 1 ? 
ATOM   628  N  NH2 . ARG A 1 73  ? 7.242   -17.546 5.873   1.000 55.462 0 73  ARG AAA NH2 1 ? 
ATOM   629  N  N   . ASN A 1 74  ? 0.832   -16.363 2.806   1.000 21.348 0 74  ASN AAA N   1 ? 
ATOM   630  C  CA  . ASN A 1 74  ? -0.293  -15.503 3.228   1.000 20.454 0 74  ASN AAA CA  1 ? 
ATOM   631  C  C   . ASN A 1 74  ? 0.140   -14.858 4.555   1.000 18.643 0 74  ASN AAA C   1 ? 
ATOM   632  O  O   . ASN A 1 74  ? -0.496  -15.101 5.587   1.000 20.248 0 74  ASN AAA O   1 ? 
ATOM   633  C  CB  . ASN A 1 74  ? -1.598  -16.304 3.317   1.000 20.589 0 74  ASN AAA CB  1 ? 
ATOM   634  C  CG  . ASN A 1 74  ? -2.783  -15.469 3.736   1.000 19.508 0 74  ASN AAA CG  1 ? 
ATOM   635  O  OD1 . ASN A 1 74  ? -2.692  -14.244 3.809   1.000 19.551 0 74  ASN AAA OD1 1 ? 
ATOM   636  N  ND2 . ASN A 1 74  ? -3.929  -16.105 3.971   1.000 19.946 0 74  ASN AAA ND2 1 ? 
ATOM   637  N  N   . LEU A 1 75  ? 1.163   -13.999 4.520   1.000 19.565 0 75  LEU AAA N   1 ? 
ATOM   638  C  CA  . LEU A 1 75  ? 1.793   -13.523 5.779   1.000 20.652 0 75  LEU AAA CA  1 ? 
ATOM   639  C  C   . LEU A 1 75  ? 0.901   -12.516 6.496   1.000 21.236 0 75  LEU AAA C   1 ? 
ATOM   640  O  O   . LEU A 1 75  ? 1.049   -12.349 7.717   1.000 22.821 0 75  LEU AAA O   1 ? 
ATOM   641  C  CB  . LEU A 1 75  ? 3.201   -12.999 5.505   1.000 22.440 0 75  LEU AAA CB  1 ? 
ATOM   642  C  CG  . LEU A 1 75  ? 4.187   -14.093 5.105   1.000 24.425 0 75  LEU AAA CG  1 ? 
ATOM   643  C  CD1 . LEU A 1 75  ? 5.506   -13.520 4.623   1.000 24.857 0 75  LEU AAA CD1 1 ? 
ATOM   644  C  CD2 . LEU A 1 75  ? 4.445   -15.056 6.268   1.000 28.009 0 75  LEU AAA CD2 1 ? 
ATOM   645  N  N   . CYS A 1 76  ? -0.054  -11.861 5.804   1.000 18.828 0 76  CYS AAA N   1 ? 
ATOM   646  C  CA  . CYS A 1 76  ? -1.011  -10.941 6.433   1.000 19.231 0 76  CYS AAA CA  1 ? 
ATOM   647  C  C   . CYS A 1 76  ? -2.259  -11.702 6.882   1.000 17.058 0 76  CYS AAA C   1 ? 
ATOM   648  O  O   . CYS A 1 76  ? -3.113  -11.099 7.468   1.000 19.582 0 76  CYS AAA O   1 ? 
ATOM   649  C  CB  . CYS A 1 76  ? -1.313  -9.794  5.472   1.000 16.896 0 76  CYS AAA CB  1 ? 
ATOM   650  S  SG  . CYS A 1 76  ? 0.142   -8.732  5.343   1.000 18.065 0 76  CYS AAA SG  1 ? 
ATOM   651  N  N   . ASN A 1 77  ? -2.293  -12.999 6.602   1.000 19.851 0 77  ASN AAA N   1 ? 
ATOM   652  C  CA  . ASN A 1 77  ? -3.418  -13.879 6.989   1.000 21.617 0 77  ASN AAA CA  1 ? 
ATOM   653  C  C   . ASN A 1 77  ? -4.756  -13.294 6.568   1.000 20.992 0 77  ASN AAA C   1 ? 
ATOM   654  O  O   . ASN A 1 77  ? -5.643  -13.120 7.393   1.000 21.816 0 77  ASN AAA O   1 ? 
ATOM   655  C  CB  . ASN A 1 77  ? -3.325  -14.187 8.484   1.000 23.697 0 77  ASN AAA CB  1 ? 
ATOM   656  C  CG  . ASN A 1 77  ? -2.960  -15.643 8.588   1.000 33.415 0 77  ASN AAA CG  1 ? 
ATOM   657  O  OD1 . ASN A 1 77  ? -1.779  -15.981 8.690   1.000 35.937 0 77  ASN AAA OD1 1 ? 
ATOM   658  N  ND2 . ASN A 1 77  ? -3.953  -16.490 8.344   1.000 36.734 0 77  ASN AAA ND2 1 ? 
ATOM   659  N  N   . ILE A 1 78  ? -4.896  -13.016 5.277   1.000 20.222 0 78  ILE AAA N   1 ? 
ATOM   660  C  CA  . ILE A 1 78  ? -6.139  -12.394 4.756   1.000 20.401 0 78  ILE AAA CA  1 ? 
ATOM   661  C  C   . ILE A 1 78  ? -6.378  -12.902 3.344   1.000 17.743 0 78  ILE AAA C   1 ? 
ATOM   662  O  O   . ILE A 1 78  ? -5.442  -13.131 2.588   1.000 18.700 0 78  ILE AAA O   1 ? 
ATOM   663  C  CB  . ILE A 1 78  ? -6.072  -10.854 4.736   1.000 22.756 0 78  ILE AAA CB  1 ? 
ATOM   664  C  CG1 . ILE A 1 78  ? -4.810  -10.391 4.004   1.000 20.688 0 78  ILE AAA CG1 1 ? 
ATOM   665  C  CG2 . ILE A 1 78  ? -6.200  -10.279 6.138   1.000 27.309 0 78  ILE AAA CG2 1 ? 
ATOM   666  C  CD1 . ILE A 1 78  ? -4.747  -8.902  3.734   1.000 26.249 0 78  ILE AAA CD1 1 ? 
ATOM   667  N  N   . PRO A 1 79  ? -7.659  -12.941 2.903   1.000 18.126 0 79  PRO AAA N   1 ? 
ATOM   668  C  CA  . PRO A 1 79  ? -7.936  -13.056 1.484   1.000 17.544 0 79  PRO AAA CA  1 ? 
ATOM   669  C  C   . PRO A 1 79  ? -7.499  -11.761 0.773   1.000 14.367 0 79  PRO AAA C   1 ? 
ATOM   670  O  O   . PRO A 1 79  ? -7.750  -10.662 1.282   1.000 15.937 0 79  PRO AAA O   1 ? 
ATOM   671  C  CB  . PRO A 1 79  ? -9.432  -13.346 1.428   1.000 17.376 0 79  PRO AAA CB  1 ? 
ATOM   672  C  CG  . PRO A 1 79  ? -9.991  -12.665 2.672   1.000 20.848 0 79  PRO AAA CG  1 ? 
ATOM   673  C  CD  . PRO A 1 79  ? -8.854  -12.635 3.696   1.000 18.619 0 79  PRO AAA CD  1 ? 
ATOM   674  N  N   . CYS A 1 80  ? -6.966  -11.903 -0.431  1.000 14.591 0 80  CYS AAA N   1 ? 
ATOM   675  C  CA  . CYS A 1 80  ? -6.502  -10.709 -1.181  1.000 14.075 0 80  CYS AAA CA  1 ? 
ATOM   676  C  C   . CYS A 1 80  ? -7.671  -9.752  -1.427  1.000 14.025 0 80  CYS AAA C   1 ? 
ATOM   677  O  O   . CYS A 1 80  ? -7.466  -8.537  -1.480  1.000 14.773 0 80  CYS AAA O   1 ? 
ATOM   678  C  CB  . CYS A 1 80  ? -5.843  -11.111 -2.470  1.000 13.827 0 80  CYS AAA CB  1 ? 
ATOM   679  S  SG  . CYS A 1 80  ? -4.319  -12.064 -2.235  1.000 14.554 0 80  CYS AAA SG  1 ? 
ATOM   680  N  N   . SER A 1 81  ? -8.901  -10.271 -1.586  1.000 15.554 0 81  SER AAA N   1 ? 
ATOM   681  C  CA  . SER A 1 81  ? -10.091 -9.422  -1.790  1.000 16.891 0 81  SER AAA CA  1 ? 
ATOM   682  C  C   . SER A 1 81  ? -10.314 -8.440  -0.622  1.000 16.876 0 81  SER AAA C   1 ? 
ATOM   683  O  O   . SER A 1 81  ? -10.836 -7.343  -0.872  1.000 19.200 0 81  SER AAA O   1 ? 
ATOM   684  C  CB  . SER A 1 81  ? -11.340 -10.234 -2.036  1.000 18.388 0 81  SER AAA CB  1 ? 
ATOM   685  O  OG  . SER A 1 81  ? -11.600 -11.009 -0.881  1.000 20.699 0 81  SER AAA OG  1 ? 
ATOM   686  N  N   . ALA A 1 82  ? -9.856  -8.741  0.595   1.000 19.102 0 82  ALA AAA N   1 ? 
ATOM   687  C  CA  . ALA A 1 82  ? -9.899  -7.778  1.738   1.000 20.369 0 82  ALA AAA CA  1 ? 
ATOM   688  C  C   . ALA A 1 82  ? -9.157  -6.493  1.393   1.000 21.366 0 82  ALA AAA C   1 ? 
ATOM   689  O  O   . ALA A 1 82  ? -9.428  -5.399  1.980   1.000 22.316 0 82  ALA AAA O   1 ? 
ATOM   690  C  CB  . ALA A 1 82  ? -9.276  -8.370  2.970   1.000 21.499 0 82  ALA AAA CB  1 ? 
ATOM   691  N  N   . LEU A 1 83  ? -8.163  -6.615  0.532   1.000 18.459 0 83  LEU AAA N   1 ? 
ATOM   692  C  CA  . LEU A 1 83  ? -7.316  -5.452  0.220   1.000 18.751 0 83  LEU AAA CA  1 ? 
ATOM   693  C  C   . LEU A 1 83  ? -7.970  -4.547  -0.822  1.000 17.320 0 83  LEU AAA C   1 ? 
ATOM   694  O  O   . LEU A 1 83  ? -7.344  -3.585  -1.228  1.000 19.318 0 83  LEU AAA O   1 ? 
ATOM   695  C  CB  . LEU A 1 83  ? -5.991  -6.006  -0.276  1.000 19.439 0 83  LEU AAA CB  1 ? 
ATOM   696  C  CG  . LEU A 1 83  ? -5.244  -6.866  0.741   1.000 21.244 0 83  LEU AAA CG  1 ? 
ATOM   697  C  CD1 . LEU A 1 83  ? -3.999  -7.495  0.153   1.000 21.318 0 83  LEU AAA CD1 1 ? 
ATOM   698  C  CD2 . LEU A 1 83  ? -4.890  -6.037  1.985   1.000 24.109 0 83  LEU AAA CD2 1 ? 
ATOM   699  N  N   . LEU A 1 84  ? -9.191  -4.854  -1.297  1.000 17.980 0 84  LEU AAA N   1 ? 
ATOM   700  C  CA  . LEU A 1 84  ? -9.891  -4.054  -2.329  1.000 16.591 0 84  LEU AAA CA  1 ? 
ATOM   701  C  C   . LEU A 1 84  ? -11.007 -3.176  -1.750  1.000 18.788 0 84  LEU AAA C   1 ? 
ATOM   702  O  O   . LEU A 1 84  ? -11.586 -2.368  -2.536  1.000 20.423 0 84  LEU AAA O   1 ? 
ATOM   703  C  CB  . LEU A 1 84  ? -10.424 -4.997  -3.417  1.000 18.007 0 84  LEU AAA CB  1 ? 
ATOM   704  C  CG  . LEU A 1 84  ? -9.354  -5.823  -4.137  1.000 18.076 0 84  LEU AAA CG  1 ? 
ATOM   705  C  CD1 . LEU A 1 84  ? -9.984  -6.716  -5.210  1.000 20.296 0 84  LEU AAA CD1 1 ? 
ATOM   706  C  CD2 . LEU A 1 84  ? -8.258  -4.958  -4.759  1.000 16.513 0 84  LEU AAA CD2 1 ? 
ATOM   707  N  N   A SER A 1 85  ? -11.276 -3.307  -0.454  0.500 18.771 0 85  SER AAA N   1 ? 
ATOM   708  N  N   B SER A 1 85  ? -11.249 -3.282  -0.434  0.500 20.062 0 85  SER AAA N   1 ? 
ATOM   709  C  CA  A SER A 1 85  ? -12.398 -2.642  0.240   0.500 19.585 0 85  SER AAA CA  1 ? 
ATOM   710  C  CA  B SER A 1 85  ? -12.329 -2.605  0.329   0.500 21.860 0 85  SER AAA CA  1 ? 
ATOM   711  C  C   A SER A 1 85  ? -12.248 -1.126  0.125   0.500 19.643 0 85  SER AAA C   1 ? 
ATOM   712  C  C   B SER A 1 85  ? -12.184 -1.086  0.218   0.500 22.647 0 85  SER AAA C   1 ? 
ATOM   713  O  O   A SER A 1 85  ? -11.134 -0.641  -0.163  0.500 19.261 0 85  SER AAA O   1 ? 
ATOM   714  O  O   B SER A 1 85  ? -11.057 -0.577  0.300   0.500 18.924 0 85  SER AAA O   1 ? 
ATOM   715  C  CB  A SER A 1 85  ? -12.404 -3.094  1.656   0.500 20.897 0 85  SER AAA CB  1 ? 
ATOM   716  C  CB  B SER A 1 85  ? -12.298 -3.044  1.769   0.500 23.901 0 85  SER AAA CB  1 ? 
ATOM   717  O  OG  A SER A 1 85  ? -13.303 -2.321  2.410   0.500 21.603 0 85  SER AAA OG  1 ? 
ATOM   718  O  OG  B SER A 1 85  ? -10.966 -3.029  2.277   0.500 27.024 0 85  SER AAA OG  1 ? 
ATOM   719  N  N   A SER A 1 86  ? -13.321 -0.376  0.351   0.500 17.867 0 86  SER AAA N   1 ? 
ATOM   720  N  N   B SER A 1 86  ? -13.302 -0.383  0.048   0.500 21.865 0 86  SER AAA N   1 ? 
ATOM   721  C  CA  A SER A 1 86  ? -13.248 1.093   0.521   0.500 17.635 0 86  SER AAA CA  1 ? 
ATOM   722  C  CA  B SER A 1 86  ? -13.399 1.093   0.126   0.500 22.984 0 86  SER AAA CA  1 ? 
ATOM   723  C  C   A SER A 1 86  ? -12.560 1.407   1.851   0.500 15.948 0 86  SER AAA C   1 ? 
ATOM   724  C  C   B SER A 1 86  ? -12.587 1.584   1.320   0.500 19.924 0 86  SER AAA C   1 ? 
ATOM   725  O  O   A SER A 1 86  ? -12.028 2.509   2.023   0.500 17.886 0 86  SER AAA O   1 ? 
ATOM   726  O  O   B SER A 1 86  ? -11.980 2.672   1.210   0.500 20.362 0 86  SER AAA O   1 ? 
ATOM   727  C  CB  A SER A 1 86  ? -14.622 1.731   0.446   0.500 19.121 0 86  SER AAA CB  1 ? 
ATOM   728  C  CB  B SER A 1 86  ? -14.842 1.528   0.254   0.500 24.821 0 86  SER AAA CB  1 ? 
ATOM   729  O  OG  A SER A 1 86  ? -15.505 1.085   1.337   0.500 20.033 0 86  SER AAA OG  1 ? 
ATOM   730  O  OG  B SER A 1 86  ? -15.601 1.062   -0.845  0.500 30.518 0 86  SER AAA OG  1 ? 
ATOM   731  N  N   A ASP A 1 87  ? -12.574 0.478   2.791   0.500 16.139 0 87  ASP AAA N   1 ? 
ATOM   732  N  N   B ASP A 1 87  ? -12.620 0.813   2.408   0.500 18.672 0 87  ASP AAA N   1 ? 
ATOM   733  C  CA  A ASP A 1 87  ? -11.925 0.653   4.112   0.500 16.650 0 87  ASP AAA CA  1 ? 
ATOM   734  C  CA  B ASP A 1 87  ? -11.903 1.066   3.686   0.500 20.527 0 87  ASP AAA CA  1 ? 
ATOM   735  C  C   A ASP A 1 87  ? -10.465 0.221   3.936   0.500 16.452 0 87  ASP AAA C   1 ? 
ATOM   736  C  C   B ASP A 1 87  ? -10.507 0.448   3.568   0.500 17.880 0 87  ASP AAA C   1 ? 
ATOM   737  O  O   A ASP A 1 87  ? -10.271 -1.005  3.735   0.500 13.861 0 87  ASP AAA O   1 ? 
ATOM   738  O  O   B ASP A 1 87  ? -10.383 -0.665  3.061   0.500 20.840 0 87  ASP AAA O   1 ? 
ATOM   739  C  CB  A ASP A 1 87  ? -12.700 -0.140  5.163   0.500 17.789 0 87  ASP AAA CB  1 ? 
ATOM   740  C  CB  B ASP A 1 87  ? -12.655 0.497   4.888   0.500 21.816 0 87  ASP AAA CB  1 ? 
ATOM   741  C  CG  A ASP A 1 87  ? -12.003 -0.234  6.502   0.500 21.786 0 87  ASP AAA CG  1 ? 
ATOM   742  C  CG  B ASP A 1 87  ? -12.020 0.830   6.226   0.500 23.122 0 87  ASP AAA CG  1 ? 
ATOM   743  O  OD1 A ASP A 1 87  ? -11.053 0.576   6.730   0.500 23.176 0 87  ASP AAA OD1 1 ? 
ATOM   744  O  OD1 B ASP A 1 87  ? -11.108 0.058   6.659   0.500 22.708 0 87  ASP AAA OD1 1 ? 
ATOM   745  O  OD2 A ASP A 1 87  ? -12.367 -1.137  7.289   0.500 28.313 0 87  ASP AAA OD2 1 ? 
ATOM   746  O  OD2 B ASP A 1 87  ? -12.413 1.855   6.824   0.500 28.867 0 87  ASP AAA OD2 1 ? 
ATOM   747  N  N   . ILE A 1 88  ? -9.485  1.144   4.048   1.000 17.862 0 88  ILE AAA N   1 ? 
ATOM   748  C  CA  . ILE A 1 88  ? -8.055  0.782   3.802   1.000 17.748 0 88  ILE AAA CA  1 ? 
ATOM   749  C  C   . ILE A 1 88  ? -7.440  0.086   5.010   1.000 18.499 0 88  ILE AAA C   1 ? 
ATOM   750  O  O   . ILE A 1 88  ? -6.231  -0.190  4.942   1.000 16.403 0 88  ILE AAA O   1 ? 
ATOM   751  C  CB  . ILE A 1 88  ? -7.204  1.990   3.406   1.000 16.935 0 88  ILE AAA CB  1 ? 
ATOM   752  C  CG1 . ILE A 1 88  ? -7.048  3.019   4.518   1.000 17.832 0 88  ILE AAA CG1 1 ? 
ATOM   753  C  CG2 . ILE A 1 88  ? -7.776  2.610   2.154   1.000 18.702 0 88  ILE AAA CG2 1 ? 
ATOM   754  C  CD1 . ILE A 1 88  ? -6.092  4.109   4.189   1.000 19.570 0 88  ILE AAA CD1 1 ? 
ATOM   755  N  N   . THR A 1 89  ? -8.168  -0.205  6.090   1.000 18.372 0 89  THR AAA N   1 ? 
ATOM   756  C  CA  . THR A 1 89  ? -7.584  -0.796  7.304   1.000 18.925 0 89  THR AAA CA  1 ? 
ATOM   757  C  C   . THR A 1 89  ? -6.743  -2.037  6.962   1.000 19.062 0 89  THR AAA C   1 ? 
ATOM   758  O  O   . THR A 1 89  ? -5.579  -2.134  7.423   1.000 18.578 0 89  THR AAA O   1 ? 
ATOM   759  C  CB  . THR A 1 89  ? -8.671  -1.190  8.325   1.000 20.934 0 89  THR AAA CB  1 ? 
ATOM   760  O  OG1 . THR A 1 89  ? -9.337  0.016   8.697   1.000 23.463 0 89  THR AAA OG1 1 ? 
ATOM   761  C  CG2 . THR A 1 89  ? -8.074  -1.846  9.546   1.000 22.340 0 89  THR AAA CG2 1 ? 
ATOM   762  N  N   . ALA A 1 90  ? -7.254  -2.983  6.199   1.000 17.608 0 90  ALA AAA N   1 ? 
ATOM   763  C  CA  . ALA A 1 90  ? -6.529  -4.245  5.930   1.000 17.941 0 90  ALA AAA CA  1 ? 
ATOM   764  C  C   . ALA A 1 90  ? -5.263  -3.934  5.122   1.000 17.630 0 90  ALA AAA C   1 ? 
ATOM   765  O  O   . ALA A 1 90  ? -4.224  -4.551  5.427   1.000 17.427 0 90  ALA AAA O   1 ? 
ATOM   766  C  CB  . ALA A 1 90  ? -7.443  -5.217  5.231   1.000 19.357 0 90  ALA AAA CB  1 ? 
ATOM   767  N  N   . SER A 1 91  ? -5.346  -3.017  4.160   1.000 15.065 0 91  SER AAA N   1 ? 
ATOM   768  C  CA  . SER A 1 91  ? -4.145  -2.666  3.349   1.000 14.333 0 91  SER AAA CA  1 ? 
ATOM   769  C  C   . SER A 1 91  ? -3.090  -2.038  4.258   1.000 14.603 0 91  SER AAA C   1 ? 
ATOM   770  O  O   . SER A 1 91  ? -1.887  -2.355  4.088   1.000 14.785 0 91  SER AAA O   1 ? 
ATOM   771  C  CB  . SER A 1 91  ? -4.489  -1.786  2.201   1.000 14.218 0 91  SER AAA CB  1 ? 
ATOM   772  O  OG  . SER A 1 91  ? -5.111  -2.537  1.159   1.000 15.054 0 91  SER AAA OG  1 ? 
ATOM   773  N  N   . VAL A 1 92  ? -3.496  -1.122  5.126   1.000 14.966 0 92  VAL AAA N   1 ? 
ATOM   774  C  CA  . VAL A 1 92  ? -2.522  -0.458  6.017   1.000 15.047 0 92  VAL AAA CA  1 ? 
ATOM   775  C  C   . VAL A 1 92  ? -1.894  -1.448  6.983   1.000 16.642 0 92  VAL AAA C   1 ? 
ATOM   776  O  O   . VAL A 1 92  ? -0.647  -1.432  7.135   1.000 16.570 0 92  VAL AAA O   1 ? 
ATOM   777  C  CB  . VAL A 1 92  ? -3.203  0.695   6.753   1.000 17.777 0 92  VAL AAA CB  1 ? 
ATOM   778  C  CG1 . VAL A 1 92  ? -2.299  1.220   7.858   1.000 18.982 0 92  VAL AAA CG1 1 ? 
ATOM   779  C  CG2 . VAL A 1 92  ? -3.576  1.785   5.792   1.000 18.142 0 92  VAL AAA CG2 1 ? 
ATOM   780  N  N   . ASN A 1 93  ? -2.697  -2.288  7.628   1.000 17.115 0 93  ASN AAA N   1 ? 
ATOM   781  C  CA  . ASN A 1 93  ? -2.143  -3.281  8.577   1.000 19.525 0 93  ASN AAA CA  1 ? 
ATOM   782  C  C   . ASN A 1 93  ? -1.148  -4.163  7.852   1.000 17.854 0 93  ASN AAA C   1 ? 
ATOM   783  O  O   . ASN A 1 93  ? -0.087  -4.537  8.422   1.000 17.714 0 93  ASN AAA O   1 ? 
ATOM   784  C  CB  . ASN A 1 93  ? -3.257  -4.053  9.276   1.000 23.655 0 93  ASN AAA CB  1 ? 
ATOM   785  C  CG  . ASN A 1 93  ? -3.929  -3.149  10.273  1.000 26.420 0 93  ASN AAA CG  1 ? 
ATOM   786  O  OD1 . ASN A 1 93  ? -3.416  -2.070  10.569  1.000 31.379 0 93  ASN AAA OD1 1 ? 
ATOM   787  N  ND2 . ASN A 1 93  ? -5.087  -3.570  10.755  1.000 28.933 0 93  ASN AAA ND2 1 ? 
ATOM   788  N  N   . CYS A 1 94  ? -1.488  -4.623  6.666   1.000 17.039 0 94  CYS AAA N   1 ? 
ATOM   789  C  CA  . CYS A 1 94  ? -0.577  -5.507  5.927   1.000 15.442 0 94  CYS AAA CA  1 ? 
ATOM   790  C  C   . CYS A 1 94  ? 0.665   -4.715  5.475   1.000 15.069 0 94  CYS AAA C   1 ? 
ATOM   791  O  O   . CYS A 1 94  ? 1.783   -5.238  5.643   1.000 15.373 0 94  CYS AAA O   1 ? 
ATOM   792  C  CB  . CYS A 1 94  ? -1.334  -6.148  4.780   1.000 16.486 0 94  CYS AAA CB  1 ? 
ATOM   793  S  SG  . CYS A 1 94  ? -0.375  -7.392  3.908   1.000 16.822 0 94  CYS AAA SG  1 ? 
ATOM   794  N  N   . ALA A 1 95  ? 0.511   -3.500  4.973   1.000 13.887 0 95  ALA AAA N   1 ? 
ATOM   795  C  CA  . ALA A 1 95  ? 1.660   -2.654  4.575   1.000 13.806 0 95  ALA AAA CA  1 ? 
ATOM   796  C  C   . ALA A 1 95  ? 2.638   -2.456  5.735   1.000 13.429 0 95  ALA AAA C   1 ? 
ATOM   797  O  O   . ALA A 1 95  ? 3.871   -2.464  5.510   1.000 14.275 0 95  ALA AAA O   1 ? 
ATOM   798  C  CB  . ALA A 1 95  ? 1.212   -1.335  4.077   1.000 13.356 0 95  ALA AAA CB  1 ? 
ATOM   799  N  N   . LYS A 1 96  ? 2.127   -2.321  6.960   1.000 14.430 0 96  LYS AAA N   1 ? 
ATOM   800  C  CA  . LYS A 1 96  ? 3.035   -2.192  8.137   1.000 14.574 0 96  LYS AAA CA  1 ? 
ATOM   801  C  C   . LYS A 1 96  ? 3.900   -3.447  8.311   1.000 15.807 0 96  LYS AAA C   1 ? 
ATOM   802  O  O   . LYS A 1 96  ? 5.137   -3.337  8.632   1.000 16.115 0 96  LYS AAA O   1 ? 
ATOM   803  C  CB  . LYS A 1 96  ? 2.247   -1.941  9.420   1.000 16.971 0 96  LYS AAA CB  1 ? 
ATOM   804  C  CG  . LYS A 1 96  ? 1.625   -0.568  9.461   1.000 16.118 0 96  LYS AAA CG  1 ? 
ATOM   805  C  CD  . LYS A 1 96  ? 0.726   -0.397  10.683  1.000 17.474 0 96  LYS AAA CD  1 ? 
ATOM   806  C  CE  . LYS A 1 96  ? 0.230   1.016   10.827  1.000 18.989 0 96  LYS AAA CE  1 ? 
ATOM   807  N  NZ  . LYS A 1 96  ? -0.703  1.129   11.969  1.000 21.847 0 96  LYS AAA NZ  1 ? 
ATOM   808  N  N   A LYS A 1 97  ? 3.369   -4.642  8.078   0.500 15.733 0 97  LYS AAA N   1 ? 
ATOM   809  N  N   B LYS A 1 97  ? 3.346   -4.626  8.094   0.500 16.372 0 97  LYS AAA N   1 ? 
ATOM   810  C  CA  A LYS A 1 97  ? 4.188   -5.880  8.124   0.500 15.856 0 97  LYS AAA CA  1 ? 
ATOM   811  C  CA  B LYS A 1 97  ? 4.158   -5.858  8.144   0.500 16.929 0 97  LYS AAA CA  1 ? 
ATOM   812  C  C   A LYS A 1 97  ? 5.219   -5.894  6.981   0.500 15.618 0 97  LYS AAA C   1 ? 
ATOM   813  C  C   B LYS A 1 97  ? 5.207   -5.823  7.025   0.500 16.172 0 97  LYS AAA C   1 ? 
ATOM   814  O  O   A LYS A 1 97  ? 6.386   -6.356  7.148   0.500 14.393 0 97  LYS AAA O   1 ? 
ATOM   815  O  O   B LYS A 1 97  ? 6.391   -6.109  7.324   0.500 16.444 0 97  LYS AAA O   1 ? 
ATOM   816  C  CB  A LYS A 1 97  ? 3.295   -7.123  8.053   0.500 15.913 0 97  LYS AAA CB  1 ? 
ATOM   817  C  CB  B LYS A 1 97  ? 3.229   -7.072  8.135   0.500 17.851 0 97  LYS AAA CB  1 ? 
ATOM   818  C  CG  A LYS A 1 97  ? 4.037   -8.422  8.334   0.500 18.469 0 97  LYS AAA CG  1 ? 
ATOM   819  C  CG  B LYS A 1 97  ? 2.348   -7.130  9.372   0.500 21.448 0 97  LYS AAA CG  1 ? 
ATOM   820  C  CD  A LYS A 1 97  ? 3.140   -9.647  8.356   0.500 19.889 0 97  LYS AAA CD  1 ? 
ATOM   821  C  CD  B LYS A 1 97  ? 1.991   -8.521  9.827   0.500 24.308 0 97  LYS AAA CD  1 ? 
ATOM   822  C  CE  A LYS A 1 97  ? 2.081   -9.618  9.438   0.500 22.191 0 97  LYS AAA CE  1 ? 
ATOM   823  C  CE  B LYS A 1 97  ? 0.695   -8.553  10.605  0.500 24.167 0 97  LYS AAA CE  1 ? 
ATOM   824  N  NZ  A LYS A 1 97  ? 1.023   -8.641  9.096   0.500 23.719 0 97  LYS AAA NZ  1 ? 
ATOM   825  N  NZ  B LYS A 1 97  ? -0.469  -8.449  9.697   0.500 24.771 0 97  LYS AAA NZ  1 ? 
ATOM   826  N  N   . ILE A 1 98  ? 4.803   -5.501  5.783   1.000 14.046 0 98  ILE AAA N   1 ? 
ATOM   827  C  CA  . ILE A 1 98  ? 5.710   -5.506  4.616   1.000 13.891 0 98  ILE AAA CA  1 ? 
ATOM   828  C  C   . ILE A 1 98  ? 6.897   -4.599  4.915   1.000 13.252 0 98  ILE AAA C   1 ? 
ATOM   829  O  O   . ILE A 1 98  ? 8.065   -5.022  4.723   1.000 14.551 0 98  ILE AAA O   1 ? 
ATOM   830  C  CB  . ILE A 1 98  ? 4.942   -5.108  3.359   1.000 13.771 0 98  ILE AAA CB  1 ? 
ATOM   831  C  CG1 . ILE A 1 98  ? 3.797   -6.092  3.089   1.000 15.070 0 98  ILE AAA CG1 1 ? 
ATOM   832  C  CG2 . ILE A 1 98  ? 5.905   -5.006  2.202   1.000 13.708 0 98  ILE AAA CG2 1 ? 
ATOM   833  C  CD1 . ILE A 1 98  ? 2.896   -5.692  1.950   1.000 16.080 0 98  ILE AAA CD1 1 ? 
ATOM   834  N  N   . VAL A 1 99  ? 6.630   -3.364  5.252   1.000 12.656 0 99  VAL AAA N   1 ? 
ATOM   835  C  CA  . VAL A 1 99  ? 7.706   -2.339  5.384   1.000 13.534 0 99  VAL AAA CA  1 ? 
ATOM   836  C  C   . VAL A 1 99  ? 8.645   -2.676  6.537   1.000 14.527 0 99  VAL AAA C   1 ? 
ATOM   837  O  O   . VAL A 1 99  ? 9.788   -2.178  6.550   1.000 15.060 0 99  VAL AAA O   1 ? 
ATOM   838  C  CB  . VAL A 1 99  ? 7.104   -0.942  5.537   1.000 12.952 0 99  VAL AAA CB  1 ? 
ATOM   839  C  CG1 . VAL A 1 99  ? 6.507   -0.663  6.910   1.000 14.063 0 99  VAL AAA CG1 1 ? 
ATOM   840  C  CG2 . VAL A 1 99  ? 8.109   0.122   5.190   1.000 14.409 0 99  VAL AAA CG2 1 ? 
ATOM   841  N  N   . SER A 1 100 ? 8.203   -3.515  7.465   1.000 16.721 0 100 SER AAA N   1 ? 
ATOM   842  C  CA  . SER A 1 100 ? 8.968   -3.949  8.658   1.000 18.144 0 100 SER AAA CA  1 ? 
ATOM   843  C  C   . SER A 1 100 ? 9.839   -5.151  8.357   1.000 19.118 0 100 SER AAA C   1 ? 
ATOM   844  O  O   . SER A 1 100 ? 10.522  -5.601  9.305   1.000 23.068 0 100 SER AAA O   1 ? 
ATOM   845  C  CB  . SER A 1 100 ? 8.027   -4.298  9.769   1.000 20.072 0 100 SER AAA CB  1 ? 
ATOM   846  O  OG  . SER A 1 100 ? 7.361   -3.176  10.207  1.000 21.325 0 100 SER AAA OG  1 ? 
ATOM   847  N  N   . ASP A 1 101 ? 9.796   -5.727  7.183   1.000 17.331 0 101 ASP AAA N   1 ? 
ATOM   848  C  CA  . ASP A 1 101 ? 10.393  -7.064  6.925   1.000 20.110 0 101 ASP AAA CA  1 ? 
ATOM   849  C  C   . ASP A 1 101 ? 11.894  -6.984  6.606   1.000 21.277 0 101 ASP AAA C   1 ? 
ATOM   850  O  O   . ASP A 1 101 ? 12.454  -8.084  6.349   1.000 22.410 0 101 ASP AAA O   1 ? 
ATOM   851  C  CB  . ASP A 1 101 ? 9.626   -7.827  5.860   1.000 20.690 0 101 ASP AAA CB  1 ? 
ATOM   852  C  CG  . ASP A 1 101 ? 9.887   -7.362  4.462   1.000 22.541 0 101 ASP AAA CG  1 ? 
ATOM   853  O  OD1 . ASP A 1 101 ? 10.777  -6.486  4.262   1.000 23.255 0 101 ASP AAA OD1 1 ? 
ATOM   854  O  OD2 . ASP A 1 101 ? 9.157   -7.859  3.599   1.000 27.103 0 101 ASP AAA OD2 1 ? 
ATOM   855  N  N   . GLY A 1 102 ? 12.492  -5.784  6.633   1.000 21.141 0 102 GLY AAA N   1 ? 
ATOM   856  C  CA  . GLY A 1 102 ? 13.930  -5.575  6.390   1.000 20.783 0 102 GLY AAA CA  1 ? 
ATOM   857  C  C   . GLY A 1 102 ? 14.281  -4.755  5.144   1.000 19.438 0 102 GLY AAA C   1 ? 
ATOM   858  O  O   . GLY A 1 102 ? 15.404  -4.185  5.076   1.000 19.462 0 102 GLY AAA O   1 ? 
ATOM   859  N  N   A ASN A 1 103 ? 13.367  -4.717  4.169   0.500 18.730 0 103 ASN AAA N   1 ? 
ATOM   860  N  N   B ASN A 1 103 ? 13.428  -4.686  4.119   0.500 19.158 0 103 ASN AAA N   1 ? 
ATOM   861  C  CA  A ASN A 1 103 ? 13.539  -4.052  2.850   0.500 17.888 0 103 ASN AAA CA  1 ? 
ATOM   862  C  CA  B ASN A 1 103 ? 13.758  -3.897  2.898   0.500 18.630 0 103 ASN AAA CA  1 ? 
ATOM   863  C  C   A ASN A 1 103 ? 12.943  -2.634  2.860   0.500 14.343 0 103 ASN AAA C   1 ? 
ATOM   864  C  C   B ASN A 1 103 ? 12.971  -2.585  2.862   0.500 14.679 0 103 ASN AAA C   1 ? 
ATOM   865  O  O   A ASN A 1 103 ? 13.164  -1.886  1.898   0.500 14.646 0 103 ASN AAA O   1 ? 
ATOM   866  O  O   B ASN A 1 103 ? 13.141  -1.831  1.897   0.500 14.652 0 103 ASN AAA O   1 ? 
ATOM   867  C  CB  A ASN A 1 103 ? 12.897  -4.886  1.742   0.500 20.608 0 103 ASN AAA CB  1 ? 
ATOM   868  C  CB  B ASN A 1 103 ? 13.572  -4.728  1.634   0.500 22.729 0 103 ASN AAA CB  1 ? 
ATOM   869  C  CG  A ASN A 1 103 ? 13.570  -4.643  0.407   0.500 23.419 0 103 ASN AAA CG  1 ? 
ATOM   870  C  CG  B ASN A 1 103 ? 14.417  -5.983  1.668   0.500 25.052 0 103 ASN AAA CG  1 ? 
ATOM   871  O  OD1 A ASN A 1 103 ? 13.064  -5.032  -0.648  0.500 31.100 0 103 ASN AAA OD1 1 ? 
ATOM   872  O  OD1 B ASN A 1 103 ? 15.630  -5.909  1.851   0.500 30.123 0 103 ASN AAA OD1 1 ? 
ATOM   873  N  ND2 A ASN A 1 103 ? 14.725  -3.998  0.449   0.500 25.501 0 103 ASN AAA ND2 1 ? 
ATOM   874  N  ND2 B ASN A 1 103 ? 13.778  -7.129  1.516   0.500 28.872 0 103 ASN AAA ND2 1 ? 
ATOM   875  N  N   . GLY A 1 104 ? 12.233  -2.274  3.911   1.000 14.173 0 104 GLY AAA N   1 ? 
ATOM   876  C  CA  . GLY A 1 104 ? 11.573  -0.967  3.974   1.000 13.892 0 104 GLY AAA CA  1 ? 
ATOM   877  C  C   . GLY A 1 104 ? 10.640  -0.755  2.794   1.000 12.130 0 104 GLY AAA C   1 ? 
ATOM   878  O  O   . GLY A 1 104 ? 10.030  -1.737  2.307   1.000 13.294 0 104 GLY AAA O   1 ? 
ATOM   879  N  N   . MET A 1 105 ? 10.564  0.451   2.308   1.000 11.904 0 105 MET AAA N   1 ? 
ATOM   880  C  CA  . MET A 1 105 ? 9.617   0.747   1.203   1.000 11.394 0 105 MET AAA CA  1 ? 
ATOM   881  C  C   . MET A 1 105 ? 10.168  0.285   -0.139  1.000 11.710 0 105 MET AAA C   1 ? 
ATOM   882  O  O   . MET A 1 105 ? 9.398   0.353   -1.124  1.000 11.544 0 105 MET AAA O   1 ? 
ATOM   883  C  CB  . MET A 1 105 ? 9.190   2.206   1.183   1.000 11.080 0 105 MET AAA CB  1 ? 
ATOM   884  C  CG  . MET A 1 105 ? 8.241   2.525   2.317   1.000 12.178 0 105 MET AAA CG  1 ? 
ATOM   885  S  SD  . MET A 1 105 ? 7.370   4.097   2.143   1.000 13.093 0 105 MET AAA SD  1 ? 
ATOM   886  C  CE  . MET A 1 105 ? 6.165   3.615   0.913   1.000 12.283 0 105 MET AAA CE  1 ? 
ATOM   887  N  N   . ASN A 1 106 ? 11.394  -0.236  -0.233  1.000 12.819 0 106 ASN AAA N   1 ? 
ATOM   888  C  CA  . ASN A 1 106 ? 11.906  -0.769  -1.513  1.000 13.449 0 106 ASN AAA CA  1 ? 
ATOM   889  C  C   . ASN A 1 106 ? 11.062  -1.964  -1.966  1.000 13.799 0 106 ASN AAA C   1 ? 
ATOM   890  O  O   . ASN A 1 106 ? 11.166  -2.301  -3.169  1.000 15.012 0 106 ASN AAA O   1 ? 
ATOM   891  C  CB  . ASN A 1 106 ? 13.374  -1.174  -1.405  1.000 12.505 0 106 ASN AAA CB  1 ? 
ATOM   892  C  CG  . ASN A 1 106 ? 14.236  0.015   -1.083  1.000 13.185 0 106 ASN AAA CG  1 ? 
ATOM   893  O  OD1 . ASN A 1 106 ? 14.386  0.912   -1.906  1.000 13.587 0 106 ASN AAA OD1 1 ? 
ATOM   894  N  ND2 . ASN A 1 106 ? 14.755  0.068   0.141   1.000 15.834 0 106 ASN AAA ND2 1 ? 
ATOM   895  N  N   . ALA A 1 107 ? 10.262  -2.571  -1.107  1.000 14.198 0 107 ALA AAA N   1 ? 
ATOM   896  C  CA  . ALA A 1 107 ? 9.306   -3.621  -1.522  1.000 16.479 0 107 ALA AAA CA  1 ? 
ATOM   897  C  C   . ALA A 1 107 ? 8.367   -3.106  -2.623  1.000 15.057 0 107 ALA AAA C   1 ? 
ATOM   898  O  O   . ALA A 1 107 ? 7.917   -3.910  -3.501  1.000 16.406 0 107 ALA AAA O   1 ? 
ATOM   899  C  CB  . ALA A 1 107 ? 8.527   -4.122  -0.328  1.000 17.076 0 107 ALA AAA CB  1 ? 
ATOM   900  N  N   . TRP A 1 108 ? 8.018   -1.831  -2.621  1.000 13.643 0 108 TRP AAA N   1 ? 
ATOM   901  C  CA  . TRP A 1 108 ? 7.128   -1.205  -3.614  1.000 13.787 0 108 TRP AAA CA  1 ? 
ATOM   902  C  C   . TRP A 1 108 ? 7.944   -0.645  -4.755  1.000 13.056 0 108 TRP AAA C   1 ? 
ATOM   903  O  O   . TRP A 1 108 ? 8.684   0.367   -4.578  1.000 14.027 0 108 TRP AAA O   1 ? 
ATOM   904  C  CB  . TRP A 1 108 ? 6.283   -0.128  -2.970  1.000 12.798 0 108 TRP AAA CB  1 ? 
ATOM   905  C  CG  . TRP A 1 108 ? 5.221   -0.666  -2.096  1.000 12.338 0 108 TRP AAA CG  1 ? 
ATOM   906  C  CD1 . TRP A 1 108 ? 4.009   -1.147  -2.494  1.000 12.377 0 108 TRP AAA CD1 1 ? 
ATOM   907  C  CD2 . TRP A 1 108 ? 5.271   -0.863  -0.678  1.000 12.062 0 108 TRP AAA CD2 1 ? 
ATOM   908  N  NE1 . TRP A 1 108 ? 3.306   -1.582  -1.419  1.000 13.708 0 108 TRP AAA NE1 1 ? 
ATOM   909  C  CE2 . TRP A 1 108 ? 4.060   -1.465  -0.281  1.000 12.478 0 108 TRP AAA CE2 1 ? 
ATOM   910  C  CE3 . TRP A 1 108 ? 6.255   -0.662  0.293   1.000 12.554 0 108 TRP AAA CE3 1 ? 
ATOM   911  C  CZ2 . TRP A 1 108 ? 3.743   -1.766  1.030   1.000 12.780 0 108 TRP AAA CZ2 1 ? 
ATOM   912  C  CZ3 . TRP A 1 108 ? 5.930   -0.946  1.604   1.000 12.866 0 108 TRP AAA CZ3 1 ? 
ATOM   913  C  CH2 . TRP A 1 108 ? 4.701   -1.510  1.987   1.000 12.536 0 108 TRP AAA CH2 1 ? 
ATOM   914  N  N   . VAL A 1 109 ? 7.890   -1.356  -5.884  1.000 15.609 0 109 VAL AAA N   1 ? 
ATOM   915  C  CA  . VAL A 1 109 ? 8.688   -0.988  -7.086  1.000 16.694 0 109 VAL AAA CA  1 ? 
ATOM   916  C  C   . VAL A 1 109 ? 8.371   0.465   -7.469  1.000 12.433 0 109 VAL AAA C   1 ? 
ATOM   917  O  O   . VAL A 1 109 ? 9.323   1.191   -7.795  1.000 16.356 0 109 VAL AAA O   1 ? 
ATOM   918  C  CB  . VAL A 1 109 ? 8.417   -1.961  -8.253  1.000 19.920 0 109 VAL AAA CB  1 ? 
ATOM   919  C  CG1 . VAL A 1 109 ? 9.183   -1.576  -9.511  1.000 22.241 0 109 VAL AAA CG1 1 ? 
ATOM   920  C  CG2 . VAL A 1 109 ? 8.712   -3.405  -7.867  1.000 22.695 0 109 VAL AAA CG2 1 ? 
ATOM   921  N  N   . ALA A 1 110 ? 7.118   0.857   -7.470  1.000 14.637 0 110 ALA AAA N   1 ? 
ATOM   922  C  CA  . ALA A 1 110 ? 6.769   2.223   -7.922  1.000 15.227 0 110 ALA AAA CA  1 ? 
ATOM   923  C  C   . ALA A 1 110 ? 7.402   3.200   -6.899  1.000 15.568 0 110 ALA AAA C   1 ? 
ATOM   924  O  O   . ALA A 1 110 ? 7.800   4.319   -7.293  1.000 14.458 0 110 ALA AAA O   1 ? 
ATOM   925  C  CB  . ALA A 1 110 ? 5.302   2.393   -8.044  1.000 16.862 0 110 ALA AAA CB  1 ? 
ATOM   926  N  N   . TRP A 1 111 ? 7.485   2.859   -5.599  1.000 13.382 0 111 TRP AAA N   1 ? 
ATOM   927  C  CA  . TRP A 1 111 ? 8.100   3.788   -4.614  1.000 13.031 0 111 TRP AAA CA  1 ? 
ATOM   928  C  C   . TRP A 1 111 ? 9.579   3.949   -4.921  1.000 12.359 0 111 TRP AAA C   1 ? 
ATOM   929  O  O   . TRP A 1 111 ? 10.096  5.079   -5.012  1.000 12.407 0 111 TRP AAA O   1 ? 
ATOM   930  C  CB  . TRP A 1 111 ? 7.881   3.331   -3.178  1.000 11.967 0 111 TRP AAA CB  1 ? 
ATOM   931  C  CG  . TRP A 1 111 ? 8.537   4.262   -2.187  1.000 11.723 0 111 TRP AAA CG  1 ? 
ATOM   932  C  CD1 . TRP A 1 111 ? 8.035   5.452   -1.704  1.000 11.156 0 111 TRP AAA CD1 1 ? 
ATOM   933  C  CD2 . TRP A 1 111 ? 9.869   4.156   -1.668  1.000 12.023 0 111 TRP AAA CD2 1 ? 
ATOM   934  N  NE1 . TRP A 1 111 ? 8.956   6.042   -0.888  1.000 11.479 0 111 TRP AAA NE1 1 ? 
ATOM   935  C  CE2 . TRP A 1 111 ? 10.088  5.289   -0.854  1.000 11.220 0 111 TRP AAA CE2 1 ? 
ATOM   936  C  CE3 . TRP A 1 111 ? 10.868  3.173   -1.774  1.000 12.597 0 111 TRP AAA CE3 1 ? 
ATOM   937  C  CZ2 . TRP A 1 111 ? 11.258  5.451   -0.140  1.000 13.033 0 111 TRP AAA CZ2 1 ? 
ATOM   938  C  CZ3 . TRP A 1 111 ? 12.022  3.356   -1.061  1.000 13.393 0 111 TRP AAA CZ3 1 ? 
ATOM   939  C  CH2 . TRP A 1 111 ? 12.229  4.485   -0.272  1.000 13.838 0 111 TRP AAA CH2 1 ? 
ATOM   940  N  N   . ARG A 1 112 ? 10.280  2.839   -5.118  1.000 13.181 0 112 ARG AAA N   1 ? 
ATOM   941  C  CA  . ARG A 1 112 ? 11.714  2.905   -5.361  1.000 15.227 0 112 ARG AAA CA  1 ? 
ATOM   942  C  C   . ARG A 1 112 ? 12.008  3.738   -6.614  1.000 13.782 0 112 ARG AAA C   1 ? 
ATOM   943  O  O   . ARG A 1 112 ? 12.912  4.559   -6.606  1.000 15.086 0 112 ARG AAA O   1 ? 
ATOM   944  C  CB  . ARG A 1 112 ? 12.213  1.468   -5.507  1.000 18.858 0 112 ARG AAA CB  1 ? 
ATOM   945  C  CG  . ARG A 1 112 ? 13.703  1.262   -5.457  1.000 23.677 0 112 ARG AAA CG  1 ? 
ATOM   946  C  CD  . ARG A 1 112 ? 13.920  -0.267  -5.352  1.000 26.437 0 112 ARG AAA CD  1 ? 
ATOM   947  N  NE  . ARG A 1 112 ? 13.655  -0.966  -6.610  1.000 27.488 0 112 ARG AAA NE  1 ? 
ATOM   948  C  CZ  . ARG A 1 112 ? 12.819  -2.003  -6.852  1.000 28.236 0 112 ARG AAA CZ  1 ? 
ATOM   949  N  NH1 . ARG A 1 112 ? 12.754  -2.478  -8.091  1.000 28.737 0 112 ARG AAA NH1 1 ? 
ATOM   950  N  NH2 . ARG A 1 112 ? 12.109  -2.611  -5.903  1.000 26.891 0 112 ARG AAA NH2 1 ? 
ATOM   951  N  N   . ASN A 1 113 ? 11.232  3.525   -7.657  1.000 13.899 0 113 ASN AAA N   1 ? 
ATOM   952  C  CA  . ASN A 1 113 ? 11.541  4.130   -8.974  1.000 14.597 0 113 ASN AAA CA  1 ? 
ATOM   953  C  C   . ASN A 1 113 ? 10.947  5.522   -9.135  1.000 14.569 0 113 ASN AAA C   1 ? 
ATOM   954  O  O   . ASN A 1 113 ? 11.485  6.246   -10.017 1.000 16.387 0 113 ASN AAA O   1 ? 
ATOM   955  C  CB  . ASN A 1 113 ? 11.069  3.213   -10.099 1.000 15.120 0 113 ASN AAA CB  1 ? 
ATOM   956  C  CG  . ASN A 1 113 ? 11.954  1.998   -10.208 1.000 15.113 0 113 ASN AAA CG  1 ? 
ATOM   957  O  OD1 . ASN A 1 113 ? 13.121  2.066   -9.882  1.000 17.231 0 113 ASN AAA OD1 1 ? 
ATOM   958  N  ND2 . ASN A 1 113 ? 11.421  0.874   -10.650 1.000 16.376 0 113 ASN AAA ND2 1 ? 
ATOM   959  N  N   . ARG A 1 114 ? 9.945   5.901   -8.345  1.000 14.561 0 114 ARG AAA N   1 ? 
ATOM   960  C  CA  . ARG A 1 114 ? 9.213   7.167   -8.633  1.000 14.492 0 114 ARG AAA CA  1 ? 
ATOM   961  C  C   . ARG A 1 114 ? 9.128   8.064   -7.407  1.000 14.354 0 114 ARG AAA C   1 ? 
ATOM   962  O  O   . ARG A 1 114 ? 8.820   9.287   -7.610  1.000 15.431 0 114 ARG AAA O   1 ? 
ATOM   963  C  CB  . ARG A 1 114 ? 7.852   6.854   -9.202  1.000 14.354 0 114 ARG AAA CB  1 ? 
ATOM   964  C  CG  . ARG A 1 114 ? 8.002   5.979   -10.448 1.000 14.444 0 114 ARG AAA CG  1 ? 
ATOM   965  C  CD  . ARG A 1 114 ? 6.701   5.659   -11.075 1.000 15.981 0 114 ARG AAA CD  1 ? 
ATOM   966  N  NE  . ARG A 1 114 ? 6.172   6.783   -11.787 1.000 15.743 0 114 ARG AAA NE  1 ? 
ATOM   967  C  CZ  . ARG A 1 114 ? 5.040   6.729   -12.494 1.000 16.528 0 114 ARG AAA CZ  1 ? 
ATOM   968  N  NH1 . ARG A 1 114 ? 4.382   5.591   -12.539 1.000 16.828 0 114 ARG AAA NH1 1 ? 
ATOM   969  N  NH2 . ARG A 1 114 ? 4.627   7.788   -13.133 1.000 16.471 0 114 ARG AAA NH2 1 ? 
ATOM   970  N  N   . CYS A 1 115 ? 9.378   7.581   -6.215  1.000 12.552 0 115 CYS AAA N   1 ? 
ATOM   971  C  CA  . CYS A 1 115 ? 9.171   8.411   -5.014  1.000 11.583 0 115 CYS AAA CA  1 ? 
ATOM   972  C  C   . CYS A 1 115 ? 10.464  8.566   -4.232  1.000 12.803 0 115 CYS AAA C   1 ? 
ATOM   973  O  O   . CYS A 1 115 ? 10.756  9.680   -3.726  1.000 12.811 0 115 CYS AAA O   1 ? 
ATOM   974  C  CB  . CYS A 1 115 ? 8.125   7.802   -4.078  1.000 11.881 0 115 CYS AAA CB  1 ? 
ATOM   975  S  SG  . CYS A 1 115 ? 6.503   7.531   -4.853  1.000 12.251 0 115 CYS AAA SG  1 ? 
ATOM   976  N  N   . LYS A 1 116 ? 11.233  7.495   -4.090  1.000 12.641 0 116 LYS AAA N   1 ? 
ATOM   977  C  CA  . LYS A 1 116 ? 12.495  7.492   -3.333  1.000 13.433 0 116 LYS AAA CA  1 ? 
ATOM   978  C  C   . LYS A 1 116 ? 13.416  8.607   -3.856  1.000 14.407 0 116 LYS AAA C   1 ? 
ATOM   979  O  O   . LYS A 1 116 ? 13.651  8.714   -5.016  1.000 14.554 0 116 LYS AAA O   1 ? 
ATOM   980  C  CB  . LYS A 1 116 ? 13.116  6.097   -3.441  1.000 13.546 0 116 LYS AAA CB  1 ? 
ATOM   981  C  CG  . LYS A 1 116 ? 14.393  5.900   -2.627  1.000 13.690 0 116 LYS AAA CG  1 ? 
ATOM   982  C  CD  . LYS A 1 116 ? 14.964  4.523   -2.838  1.000 13.975 0 116 LYS AAA CD  1 ? 
ATOM   983  C  CE  . LYS A 1 116 ? 16.082  4.211   -1.876  1.000 14.566 0 116 LYS AAA CE  1 ? 
ATOM   984  N  NZ  . LYS A 1 116 ? 16.627  2.852   -2.055  1.000 14.471 0 116 LYS AAA NZ  1 ? 
ATOM   985  N  N   . GLY A 1 117 ? 13.889  9.428   -2.933  1.000 16.398 0 117 GLY AAA N   1 ? 
ATOM   986  C  CA  . GLY A 1 117 ? 14.851  10.495  -3.267  1.000 18.476 0 117 GLY AAA CA  1 ? 
ATOM   987  C  C   . GLY A 1 117 ? 14.195  11.723  -3.859  1.000 19.922 0 117 GLY AAA C   1 ? 
ATOM   988  O  O   . GLY A 1 117 ? 14.960  12.648  -4.198  1.000 24.648 0 117 GLY AAA O   1 ? 
ATOM   989  N  N   . THR A 1 118 ? 12.865  11.793  -3.913  1.000 16.262 0 118 THR AAA N   1 ? 
ATOM   990  C  CA  . THR A 1 118 ? 12.129  12.980  -4.411  1.000 17.618 0 118 THR AAA CA  1 ? 
ATOM   991  C  C   . THR A 1 118 ? 11.556  13.750  -3.224  1.000 18.480 0 118 THR AAA C   1 ? 
ATOM   992  O  O   . THR A 1 118 ? 11.561  13.283  -2.076  1.000 17.847 0 118 THR AAA O   1 ? 
ATOM   993  C  CB  . THR A 1 118 ? 11.023  12.579  -5.399  1.000 18.150 0 118 THR AAA CB  1 ? 
ATOM   994  O  OG1 . THR A 1 118 ? 9.911   11.996  -4.715  1.000 15.578 0 118 THR AAA OG1 1 ? 
ATOM   995  C  CG2 . THR A 1 118 ? 11.506  11.623  -6.470  1.000 19.111 0 118 THR AAA CG2 1 ? 
ATOM   996  N  N   . ASP A 1 119 ? 11.037  14.945  -3.509  1.000 19.297 0 119 ASP AAA N   1 ? 
ATOM   997  C  CA  . ASP A 1 119 ? 10.393  15.798  -2.492  1.000 21.198 0 119 ASP AAA CA  1 ? 
ATOM   998  C  C   . ASP A 1 119 ? 8.978   15.292  -2.215  1.000 19.663 0 119 ASP AAA C   1 ? 
ATOM   999  O  O   . ASP A 1 119 ? 8.006   15.888  -2.702  1.000 21.406 0 119 ASP AAA O   1 ? 
ATOM   1000 C  CB  . ASP A 1 119 ? 10.380  17.254  -2.938  1.000 24.645 0 119 ASP AAA CB  1 ? 
ATOM   1001 C  CG  . ASP A 1 119 ? 10.044  18.171  -1.787  1.000 27.335 0 119 ASP AAA CG  1 ? 
ATOM   1002 O  OD1 . ASP A 1 119 ? 9.820   17.676  -0.662  1.000 30.124 0 119 ASP AAA OD1 1 ? 
ATOM   1003 O  OD2 . ASP A 1 119 ? 10.089  19.393  -2.009  1.000 31.574 0 119 ASP AAA OD2 1 ? 
ATOM   1004 N  N   . VAL A 1 120 ? 8.840   14.271  -1.384  1.000 19.108 0 120 VAL AAA N   1 ? 
ATOM   1005 C  CA  . VAL A 1 120 ? 7.534   13.572  -1.208  1.000 18.724 0 120 VAL AAA CA  1 ? 
ATOM   1006 C  C   . VAL A 1 120 ? 6.602   14.420  -0.341  1.000 21.280 0 120 VAL AAA C   1 ? 
ATOM   1007 O  O   . VAL A 1 120 ? 5.424   14.168  -0.365  1.000 19.359 0 120 VAL AAA O   1 ? 
ATOM   1008 C  CB  . VAL A 1 120 ? 7.732   12.170  -0.614  1.000 19.023 0 120 VAL AAA CB  1 ? 
ATOM   1009 C  CG1 . VAL A 1 120 ? 8.419   11.219  -1.578  1.000 19.520 0 120 VAL AAA CG1 1 ? 
ATOM   1010 C  CG2 . VAL A 1 120 ? 8.471   12.222  0.703   1.000 20.340 0 120 VAL AAA CG2 1 ? 
ATOM   1011 N  N   . GLN A 1 121 ? 7.122   15.401  0.398   1.000 22.294 0 121 GLN AAA N   1 ? 
ATOM   1012 C  CA  . GLN A 1 121 ? 6.274   16.326  1.188   1.000 23.554 0 121 GLN AAA CA  1 ? 
ATOM   1013 C  C   . GLN A 1 121 ? 5.266   17.018  0.259   1.000 19.310 0 121 GLN AAA C   1 ? 
ATOM   1014 O  O   . GLN A 1 121 ? 4.148   17.328  0.683   1.000 21.140 0 121 GLN AAA O   1 ? 
ATOM   1015 C  CB  . GLN A 1 121 ? 7.109   17.383  1.913   1.000 27.863 0 121 GLN AAA CB  1 ? 
ATOM   1016 C  CG  . GLN A 1 121 ? 6.283   18.224  2.887   1.000 34.070 0 121 GLN AAA CG  1 ? 
ATOM   1017 C  CD  . GLN A 1 121 ? 5.531   19.364  2.232   1.000 42.301 0 121 GLN AAA CD  1 ? 
ATOM   1018 O  OE1 . GLN A 1 121 ? 6.017   20.015  1.302   1.000 50.155 0 121 GLN AAA OE1 1 ? 
ATOM   1019 N  NE2 . GLN A 1 121 ? 4.326   19.629  2.722   1.000 45.290 0 121 GLN AAA NE2 1 ? 
ATOM   1020 N  N   . ALA A 1 122 ? 5.602   17.165  -1.004  1.000 17.702 0 122 ALA AAA N   1 ? 
ATOM   1021 C  CA  . ALA A 1 122 ? 4.679   17.752  -1.987  1.000 19.204 0 122 ALA AAA CA  1 ? 
ATOM   1022 C  C   . ALA A 1 122 ? 3.334   16.988  -2.051  1.000 19.272 0 122 ALA AAA C   1 ? 
ATOM   1023 O  O   . ALA A 1 122 ? 2.280   17.583  -2.394  1.000 19.362 0 122 ALA AAA O   1 ? 
ATOM   1024 C  CB  . ALA A 1 122 ? 5.329   17.821  -3.335  1.000 21.889 0 122 ALA AAA CB  1 ? 
ATOM   1025 N  N   . TRP A 1 123 ? 3.316   15.678  -1.784  1.000 16.877 0 123 TRP AAA N   1 ? 
ATOM   1026 C  CA  . TRP A 1 123 ? 2.086   14.859  -1.873  1.000 16.086 0 123 TRP AAA CA  1 ? 
ATOM   1027 C  C   . TRP A 1 123 ? 1.089   15.216  -0.783  1.000 16.599 0 123 TRP AAA C   1 ? 
ATOM   1028 O  O   . TRP A 1 123 ? -0.061  14.821  -0.941  1.000 18.100 0 123 TRP AAA O   1 ? 
ATOM   1029 C  CB  . TRP A 1 123 ? 2.447   13.372  -1.832  1.000 15.509 0 123 TRP AAA CB  1 ? 
ATOM   1030 C  CG  . TRP A 1 123 ? 3.115   12.987  -3.095  1.000 16.747 0 123 TRP AAA CG  1 ? 
ATOM   1031 C  CD1 . TRP A 1 123 ? 4.459   12.924  -3.304  1.000 17.543 0 123 TRP AAA CD1 1 ? 
ATOM   1032 C  CD2 . TRP A 1 123 ? 2.478   12.811  -4.362  1.000 16.966 0 123 TRP AAA CD2 1 ? 
ATOM   1033 N  NE1 . TRP A 1 123 ? 4.685   12.643  -4.620  1.000 18.338 0 123 TRP AAA NE1 1 ? 
ATOM   1034 C  CE2 . TRP A 1 123 ? 3.515   12.569  -5.291  1.000 16.879 0 123 TRP AAA CE2 1 ? 
ATOM   1035 C  CE3 . TRP A 1 123 ? 1.150   12.803  -4.800  1.000 18.655 0 123 TRP AAA CE3 1 ? 
ATOM   1036 C  CZ2 . TRP A 1 123 ? 3.243   12.318  -6.635  1.000 21.581 0 123 TRP AAA CZ2 1 ? 
ATOM   1037 C  CZ3 . TRP A 1 123 ? 0.885   12.587  -6.140  1.000 21.944 0 123 TRP AAA CZ3 1 ? 
ATOM   1038 C  CH2 . TRP A 1 123 ? 1.935   12.358  -7.042  1.000 20.800 0 123 TRP AAA CH2 1 ? 
ATOM   1039 N  N   . ILE A 1 124 ? 1.519   15.872  0.293   1.000 18.093 0 124 ILE AAA N   1 ? 
ATOM   1040 C  CA  . ILE A 1 124 ? 0.569   16.271  1.366   1.000 18.052 0 124 ILE AAA CA  1 ? 
ATOM   1041 C  C   . ILE A 1 124 ? 0.403   17.796  1.383   1.000 18.458 0 124 ILE AAA C   1 ? 
ATOM   1042 O  O   . ILE A 1 124 ? -0.306  18.266  2.309   1.000 18.917 0 124 ILE AAA O   1 ? 
ATOM   1043 C  CB  . ILE A 1 124 ? 0.975   15.685  2.715   1.000 21.551 0 124 ILE AAA CB  1 ? 
ATOM   1044 C  CG1 . ILE A 1 124 ? 2.331   16.215  3.195   1.000 23.893 0 124 ILE AAA CG1 1 ? 
ATOM   1045 C  CG2 . ILE A 1 124 ? 0.918   14.159  2.605   1.000 20.507 0 124 ILE AAA CG2 1 ? 
ATOM   1046 C  CD1 . ILE A 1 124 ? 2.541   16.094  4.686   1.000 27.948 0 124 ILE AAA CD1 1 ? 
ATOM   1047 N  N   . ARG A 1 125 ? 0.840   18.517  0.363   1.000 18.887 0 125 ARG AAA N   1 ? 
ATOM   1048 C  CA  . ARG A 1 125 ? 0.750   19.996  0.397   1.000 23.174 0 125 ARG AAA CA  1 ? 
ATOM   1049 C  C   . ARG A 1 125 ? -0.726  20.372  0.333   1.000 22.102 0 125 ARG AAA C   1 ? 
ATOM   1050 O  O   . ARG A 1 125 ? -1.498  19.763  -0.413  1.000 24.389 0 125 ARG AAA O   1 ? 
ATOM   1051 C  CB  . ARG A 1 125 ? 1.637   20.569  -0.706  1.000 27.578 0 125 ARG AAA CB  1 ? 
ATOM   1052 C  CG  . ARG A 1 125 ? 1.025   20.670  -2.095  1.000 37.146 0 125 ARG AAA CG  1 ? 
ATOM   1053 C  CD  . ARG A 1 125 ? 1.689   21.824  -2.847  1.000 45.624 0 125 ARG AAA CD  1 ? 
ATOM   1054 N  NE  . ARG A 1 125 ? 3.126   21.935  -2.570  1.000 50.641 0 125 ARG AAA NE  1 ? 
ATOM   1055 C  CZ  . ARG A 1 125 ? 4.117   21.667  -3.424  1.000 53.092 0 125 ARG AAA CZ  1 ? 
ATOM   1056 N  NH1 . ARG A 1 125 ? 5.372   21.804  -3.029  1.000 55.284 0 125 ARG AAA NH1 1 ? 
ATOM   1057 N  NH2 . ARG A 1 125 ? 3.865   21.275  -4.662  1.000 54.617 0 125 ARG AAA NH2 1 ? 
ATOM   1058 N  N   . GLY A 1 126 ? -1.117  21.357  1.151   1.000 21.973 0 126 GLY AAA N   1 ? 
ATOM   1059 C  CA  . GLY A 1 126 ? -2.474  21.892  1.136   1.000 22.066 0 126 GLY AAA CA  1 ? 
ATOM   1060 C  C   . GLY A 1 126 ? -3.453  21.086  1.944   1.000 21.420 0 126 GLY AAA C   1 ? 
ATOM   1061 O  O   . GLY A 1 126 ? -4.525  21.605  2.195   1.000 24.781 0 126 GLY AAA O   1 ? 
ATOM   1062 N  N   . CYS A 1 127 ? -3.151  19.846  2.342   1.000 17.919 0 127 CYS AAA N   1 ? 
ATOM   1063 C  CA  . CYS A 1 127 ? -4.054  18.995  3.136   1.000 18.618 0 127 CYS AAA CA  1 ? 
ATOM   1064 C  C   . CYS A 1 127 ? -4.128  19.470  4.575   1.000 19.168 0 127 CYS AAA C   1 ? 
ATOM   1065 O  O   . CYS A 1 127 ? -3.093  19.800  5.177   1.000 19.248 0 127 CYS AAA O   1 ? 
ATOM   1066 C  CB  . CYS A 1 127 ? -3.599  17.539  3.130   1.000 17.471 0 127 CYS AAA CB  1 ? 
ATOM   1067 S  SG  . CYS A 1 127 ? -3.339  16.840  1.485   1.000 19.272 0 127 CYS AAA SG  1 ? 
ATOM   1068 N  N   A ARG A 1 128 ? -5.308  19.330  5.172   0.500 19.425 0 128 ARG AAA N   1 ? 
ATOM   1069 N  N   B ARG A 1 128 ? -5.354  19.535  5.082   0.500 22.587 0 128 ARG AAA N   1 ? 
ATOM   1070 C  CA  A ARG A 1 128 ? -5.565  19.760  6.563   0.500 22.575 0 128 ARG AAA CA  1 ? 
ATOM   1071 C  CA  B ARG A 1 128 ? -5.623  19.702  6.527   0.500 26.329 0 128 ARG AAA CA  1 ? 
ATOM   1072 C  C   A ARG A 1 128 ? -5.475  18.531  7.474   0.500 26.430 0 128 ARG AAA C   1 ? 
ATOM   1073 C  C   B ARG A 1 128 ? -5.350  18.362  7.191   0.500 28.953 0 128 ARG AAA C   1 ? 
ATOM   1074 O  O   A ARG A 1 128 ? -6.523  17.869  7.715   0.500 31.189 0 128 ARG AAA O   1 ? 
ATOM   1075 O  O   B ARG A 1 128 ? -6.145  17.426  6.926   0.500 31.547 0 128 ARG AAA O   1 ? 
ATOM   1076 C  CB  A ARG A 1 128 ? -6.923  20.455  6.590   0.500 22.742 0 128 ARG AAA CB  1 ? 
ATOM   1077 C  CB  B ARG A 1 128 ? -7.084  20.069  6.776   0.500 28.651 0 128 ARG AAA CB  1 ? 
ATOM   1078 C  CG  A ARG A 1 128 ? -7.171  21.252  7.853   0.500 23.784 0 128 ARG AAA CG  1 ? 
ATOM   1079 C  CG  B ARG A 1 128 ? -7.565  21.258  5.964   0.500 30.943 0 128 ARG AAA CG  1 ? 
ATOM   1080 C  CD  A ARG A 1 128 ? -8.580  21.757  7.699   0.500 25.450 0 128 ARG AAA CD  1 ? 
ATOM   1081 C  CD  B ARG A 1 128 ? -8.155  22.238  6.945   0.500 34.588 0 128 ARG AAA CD  1 ? 
ATOM   1082 N  NE  A ARG A 1 128 ? -9.219  21.519  6.406   0.500 26.149 0 128 ARG AAA NE  1 ? 
ATOM   1083 N  NE  B ARG A 1 128 ? -7.356  22.177  8.165   0.500 39.321 0 128 ARG AAA NE  1 ? 
ATOM   1084 C  CZ  A ARG A 1 128 ? -9.432  22.447  5.481   0.500 25.064 0 128 ARG AAA CZ  1 ? 
ATOM   1085 C  CZ  B ARG A 1 128 ? -6.961  23.231  8.862   0.500 37.727 0 128 ARG AAA CZ  1 ? 
ATOM   1086 N  NH1 A ARG A 1 128 ? -8.958  23.665  5.659   0.500 23.611 0 128 ARG AAA NH1 1 ? 
ATOM   1087 N  NH1 B ARG A 1 128 ? -6.233  23.059  9.953   0.500 36.290 0 128 ARG AAA NH1 1 ? 
ATOM   1088 N  NH2 A ARG A 1 128 ? -10.106 22.151  4.385   0.500 24.420 0 128 ARG AAA NH2 1 ? 
ATOM   1089 N  NH2 B ARG A 1 128 ? -7.290  24.447  8.461   0.500 37.439 0 128 ARG AAA NH2 1 ? 
ATOM   1090 N  N   . LEU A 1 129 ? -4.267  18.252  7.962   1.000 27.506 0 129 LEU AAA N   1 ? 
ATOM   1091 C  CA  . LEU A 1 129 ? -3.882  16.950  8.566   1.000 30.638 0 129 LEU AAA CA  1 ? 
ATOM   1092 C  C   . LEU A 1 129 ? -3.706  17.102  10.073  1.000 36.836 0 129 LEU AAA C   1 ? 
ATOM   1093 O  O   . LEU A 1 129 ? -3.777  16.056  10.747  1.000 40.740 0 129 LEU AAA O   1 ? 
ATOM   1094 C  CB  . LEU A 1 129 ? -2.559  16.506  7.938   1.000 30.894 0 129 LEU AAA CB  1 ? 
ATOM   1095 C  CG  . LEU A 1 129 ? -2.581  15.426  6.854   1.000 34.971 0 129 LEU AAA CG  1 ? 
ATOM   1096 C  CD1 . LEU A 1 129 ? -3.964  15.050  6.355   1.000 37.180 0 129 LEU AAA CD1 1 ? 
ATOM   1097 C  CD2 . LEU A 1 129 ? -1.667  15.836  5.712   1.000 32.185 0 129 LEU AAA CD2 1 ? 
ATOM   1098 O  OXT . LEU A 1 129 ? -3.486  18.224  10.568  1.000 40.485 0 129 LEU AAA OXT 1 ? 
HETATM 1099 NA NA  . NA  B 2 .   ? -0.503  -16.061 -1.233  1.000 19.347 0 201 NA  AAA NA  1 ? 
HETATM 1100 N  N   . NO3 C 3 .   ? -10.334 4.552   5.472   1.000 27.613 0 202 NO3 AAA N   1 ? 
HETATM 1101 O  O1  . NO3 C 3 .   ? -10.463 3.809   4.521   1.000 25.798 0 202 NO3 AAA O1  1 ? 
HETATM 1102 O  O2  . NO3 C 3 .   ? -11.017 5.578   5.538   1.000 34.952 0 202 NO3 AAA O2  1 ? 
HETATM 1103 O  O3  . NO3 C 3 .   ? -9.585  4.251   6.371   1.000 31.344 0 202 NO3 AAA O3  1 ? 
HETATM 1104 N  N   . NO3 D 3 .   ? -2.761  -18.329 -2.920  1.000 26.089 0 203 NO3 AAA N   1 ? 
HETATM 1105 O  O1  . NO3 D 3 .   ? -2.519  -17.061 -2.841  1.000 22.564 0 203 NO3 AAA O1  1 ? 
HETATM 1106 O  O2  . NO3 D 3 .   ? -2.309  -19.130 -2.054  1.000 27.503 0 203 NO3 AAA O2  1 ? 
HETATM 1107 O  O3  . NO3 D 3 .   ? -3.427  -18.795 -3.849  1.000 23.855 0 203 NO3 AAA O3  1 ? 
HETATM 1108 N  N   . NO3 E 3 .   ? -3.210  13.299  -7.741  1.000 41.972 0 204 NO3 AAA N   1 ? 
HETATM 1109 O  O1  . NO3 E 3 .   ? -2.027  13.470  -8.029  1.000 44.493 0 204 NO3 AAA O1  1 ? 
HETATM 1110 O  O2  . NO3 E 3 .   ? -3.731  13.951  -6.829  1.000 40.077 0 204 NO3 AAA O2  1 ? 
HETATM 1111 O  O3  . NO3 E 3 .   ? -3.876  12.482  -8.365  1.000 40.926 0 204 NO3 AAA O3  1 ? 
HETATM 1112 N  N   . NO3 F 3 .   ? 5.728   14.339  4.278   1.000 28.714 0 205 NO3 AAA N   1 ? 
HETATM 1113 O  O1  . NO3 F 3 .   ? 4.925   13.724  4.939   1.000 28.614 0 205 NO3 AAA O1  1 ? 
HETATM 1114 O  O2  . NO3 F 3 .   ? 6.203   13.838  3.303   1.000 33.493 0 205 NO3 AAA O2  1 ? 
HETATM 1115 O  O3  . NO3 F 3 .   ? 6.152   15.452  4.675   1.000 33.004 0 205 NO3 AAA O3  1 ? 
HETATM 1116 N  N   . NO3 G 3 .   ? 7.117   -7.644  -1.383  1.000 34.015 0 206 NO3 AAA N   1 ? 
HETATM 1117 O  O1  . NO3 G 3 .   ? 8.065   -7.244  -2.081  1.000 40.525 0 206 NO3 AAA O1  1 ? 
HETATM 1118 O  O2  . NO3 G 3 .   ? 6.059   -7.956  -1.918  1.000 30.369 0 206 NO3 AAA O2  1 ? 
HETATM 1119 O  O3  . NO3 G 3 .   ? 7.256   -7.741  -0.160  1.000 34.761 0 206 NO3 AAA O3  1 ? 
HETATM 1120 N  N   . NO3 H 3 .   ? -8.569  15.574  -2.003  1.000 28.745 0 207 NO3 AAA N   1 ? 
HETATM 1121 O  O1  . NO3 H 3 .   ? -7.381  16.022  -2.128  1.000 26.518 0 207 NO3 AAA O1  1 ? 
HETATM 1122 O  O2  . NO3 H 3 .   ? -8.903  14.698  -1.184  1.000 22.485 0 207 NO3 AAA O2  1 ? 
HETATM 1123 O  O3  . NO3 H 3 .   ? -9.464  16.044  -2.720  1.000 39.398 0 207 NO3 AAA O3  1 ? 
HETATM 1124 N  N   . NO3 I 3 .   ? 11.414  12.194  2.935   1.000 41.757 0 208 NO3 AAA N   1 ? 
HETATM 1125 O  O1  . NO3 I 3 .   ? 11.383  11.011  2.580   1.000 24.770 0 208 NO3 AAA O1  1 ? 
HETATM 1126 O  O2  . NO3 I 3 .   ? 10.909  12.522  4.012   1.000 40.736 0 208 NO3 AAA O2  1 ? 
HETATM 1127 O  O3  . NO3 I 3 .   ? 11.965  13.043  2.220   1.000 39.093 0 208 NO3 AAA O3  1 ? 
HETATM 1128 N  N   . NO3 J 3 .   ? 14.086  7.596   0.829   0.500 12.192 0 209 NO3 AAA N   1 ? 
HETATM 1129 O  O1  . NO3 J 3 .   ? 14.704  6.620   0.880   0.500 22.867 0 209 NO3 AAA O1  1 ? 
HETATM 1130 O  O2  . NO3 J 3 .   ? 13.063  7.720   1.462   0.500 25.383 0 209 NO3 AAA O2  1 ? 
HETATM 1131 O  O3  . NO3 J 3 .   ? 14.451  8.555   0.113   0.500 22.446 0 209 NO3 AAA O3  1 ? 
HETATM 1132 N  N   A NO3 K 3 .   ? 12.454  -1.946  7.668   0.500 18.131 0 210 NO3 AAA N   1 ? 
HETATM 1133 O  O1  A NO3 K 3 .   ? 12.178  -0.811  7.989   0.500 20.894 0 210 NO3 AAA O1  1 ? 
HETATM 1134 O  O2  A NO3 K 3 .   ? 12.216  -2.864  8.434   0.500 21.145 0 210 NO3 AAA O2  1 ? 
HETATM 1135 O  O3  A NO3 K 3 .   ? 12.970  -2.180  6.590   0.500 22.354 0 210 NO3 AAA O3  1 ? 
HETATM 1136 N  N   . NO3 L 3 .   ? -9.952  10.762  7.422   0.500 39.774 0 211 NO3 AAA N   1 ? 
HETATM 1137 O  O1  . NO3 L 3 .   ? -9.940  11.976  7.300   0.500 37.374 0 211 NO3 AAA O1  1 ? 
HETATM 1138 O  O2  . NO3 L 3 .   ? -10.800 10.087  6.850   0.500 48.329 0 211 NO3 AAA O2  1 ? 
HETATM 1139 O  O3  . NO3 L 3 .   ? -9.117  10.198  8.128   0.500 36.967 0 211 NO3 AAA O3  1 ? 
HETATM 1140 CL CL  . CL  M 4 .   ? 13.651  0.955   6.086   0.500 23.138 0 212 CL  AAA CL  1 ? 
HETATM 1141 NA NA  . NA  N 2 .   ? -13.298 -0.608  -3.178  1.000 51.284 0 213 NA  AAA NA  1 ? 
HETATM 1142 O  O1  . T8K O 5 .   ? 9.646   24.378  1.872   0.400 26.783 0 214 T8K AAA O1  1 ? 
HETATM 1143 O  O2  . T8K O 5 .   ? 10.957  22.488  2.192   0.400 28.137 0 214 T8K AAA O2  1 ? 
HETATM 1144 O  O3  . T8K O 5 .   ? 9.630   22.633  0.277   0.400 24.409 0 214 T8K AAA O3  1 ? 
HETATM 1145 N  N3  . T8K O 5 .   ? 12.542  22.419  -0.688  0.400 29.276 0 214 T8K AAA N3  1 ? 
HETATM 1146 O  O4  . T8K O 5 .   ? 9.999   19.824  1.236   0.400 25.318 0 214 T8K AAA O4  1 ? 
HETATM 1147 O  O5  . T8K O 5 .   ? 7.931   20.530  -0.905  0.400 24.529 0 214 T8K AAA O5  1 ? 
HETATM 1148 N  N4  . T8K O 5 .   ? 13.166  20.339  -0.275  0.400 29.145 0 214 T8K AAA N4  1 ? 
HETATM 1149 O  O6  . T8K O 5 .   ? 10.089  21.824  -2.349  0.400 23.538 0 214 T8K AAA O6  1 ? 
HETATM 1150 RU RU  . T8K O 5 .   ? 10.043  20.862  -0.656  0.400 22.217 0 214 T8K AAA RU  1 ? 
HETATM 1151 O  O11 . T8K O 5 .   ? 13.805  18.740  -2.276  0.400 30.904 0 214 T8K AAA O11 1 ? 
HETATM 1152 C  C37 . T8K O 5 .   ? 13.894  18.142  -1.083  0.400 30.922 0 214 T8K AAA C37 1 ? 
HETATM 1153 C  C36 . T8K O 5 .   ? 13.459  16.605  -1.293  0.400 31.354 0 214 T8K AAA C36 1 ? 
HETATM 1154 O  O13 . T8K O 5 .   ? 14.283  15.664  -2.194  0.400 30.616 0 214 T8K AAA O13 1 ? 
HETATM 1155 C  C35 . T8K O 5 .   ? 13.696  16.029  -0.008  0.400 31.656 0 214 T8K AAA C35 1 ? 
HETATM 1156 O  O15 . T8K O 5 .   ? 15.019  15.490  0.052   0.400 32.494 0 214 T8K AAA O15 1 ? 
HETATM 1157 C  C34 . T8K O 5 .   ? 13.595  17.049  1.075   0.400 33.226 0 214 T8K AAA C34 1 ? 
HETATM 1158 C  C38 . T8K O 5 .   ? 14.724  16.554  1.933   0.400 34.615 0 214 T8K AAA C38 1 ? 
HETATM 1159 O  O17 . T8K O 5 .   ? 14.372  15.299  2.424   0.400 34.270 0 214 T8K AAA O17 1 ? 
HETATM 1160 O  O10 . T8K O 5 .   ? 13.340  18.546  1.192   0.400 34.795 0 214 T8K AAA O10 1 ? 
HETATM 1161 C  C33 . T8K O 5 .   ? 13.382  19.056  -0.036  0.400 31.040 0 214 T8K AAA C33 1 ? 
HETATM 1162 C  C29 . T8K O 5 .   ? 12.112  21.153  -0.441  0.400 25.660 0 214 T8K AAA C29 1 ? 
HETATM 1163 C  C32 . T8K O 5 .   ? 14.275  21.063  -0.384  0.400 29.936 0 214 T8K AAA C32 1 ? 
HETATM 1164 C  C31 . T8K O 5 .   ? 13.916  22.298  -0.627  0.400 29.673 0 214 T8K AAA C31 1 ? 
HETATM 1165 C  C30 . T8K O 5 .   ? 11.901  23.572  -0.924  0.400 30.362 0 214 T8K AAA C30 1 ? 
HETATM 1166 N  N   . T8K O 5 .   ? 10.033  23.232  1.471   0.400 27.456 0 214 T8K AAA N   1 ? 
HETATM 1167 O  O   . HOH P 6 .   ? 6.801   12.793  9.376   1.000 41.763 0 301 HOH AAA O   1 ? 
HETATM 1168 O  O   . HOH P 6 .   ? 11.874  9.018   0.062   1.000 23.553 0 302 HOH AAA O   1 ? 
HETATM 1169 O  O   . HOH P 6 .   ? -10.171 9.902   4.683   1.000 34.633 0 303 HOH AAA O   1 ? 
HETATM 1170 O  O   . HOH P 6 .   ? 16.623  8.039   -0.616  1.000 20.194 0 304 HOH AAA O   1 ? 
HETATM 1171 O  O   . HOH P 6 .   ? 8.489   14.132  3.823   1.000 34.570 0 305 HOH AAA O   1 ? 
HETATM 1172 O  O   A HOH P 6 .   ? -7.467  -1.265  -1.696  0.500 14.276 0 306 HOH AAA O   1 ? 
HETATM 1173 O  O   B HOH P 6 .   ? -6.645  -0.968  -0.918  0.500 14.894 0 306 HOH AAA O   1 ? 
HETATM 1174 O  O   . HOH P 6 .   ? 9.594   -6.939  1.447   1.000 25.608 0 307 HOH AAA O   1 ? 
HETATM 1175 O  O   . HOH P 6 .   ? -4.482  0.081   10.804  1.000 46.848 0 308 HOH AAA O   1 ? 
HETATM 1176 O  O   . HOH P 6 .   ? -15.173 0.601   -3.190  1.000 27.460 0 309 HOH AAA O   1 ? 
HETATM 1177 O  O   . HOH P 6 .   ? 5.743   -1.579  -7.402  1.000 28.311 0 310 HOH AAA O   1 ? 
HETATM 1178 O  O   . HOH P 6 .   ? -4.570  21.262  9.647   1.000 50.782 0 311 HOH AAA O   1 ? 
HETATM 1179 O  O   . HOH P 6 .   ? -2.320  -0.892  12.450  1.000 44.442 0 312 HOH AAA O   1 ? 
HETATM 1180 O  O   . HOH P 6 .   ? 8.920   -10.179 -14.319 1.000 52.762 0 313 HOH AAA O   1 ? 
HETATM 1181 O  O   . HOH P 6 .   ? 14.845  0.218   -8.495  1.000 28.898 0 314 HOH AAA O   1 ? 
HETATM 1182 O  O   . HOH P 6 .   ? -2.474  -8.157  8.174   1.000 33.499 0 315 HOH AAA O   1 ? 
HETATM 1183 O  O   . HOH P 6 .   ? -11.442 -3.435  7.831   1.000 45.247 0 316 HOH AAA O   1 ? 
HETATM 1184 O  O   . HOH P 6 .   ? 8.467   -14.665 -8.138  1.000 34.127 0 317 HOH AAA O   1 ? 
HETATM 1185 O  O   . HOH P 6 .   ? 4.608   -6.600  -7.865  1.000 29.723 0 318 HOH AAA O   1 ? 
HETATM 1186 O  O   . HOH P 6 .   ? 4.553   3.180   -11.613 1.000 28.162 0 319 HOH AAA O   1 ? 
HETATM 1187 O  O   . HOH P 6 .   ? -6.541  -2.646  12.690  1.000 47.052 0 320 HOH AAA O   1 ? 
HETATM 1188 O  O   . HOH P 6 .   ? 6.497   -22.604 -2.776  1.000 52.951 0 321 HOH AAA O   1 ? 
HETATM 1189 O  O   . HOH P 6 .   ? -6.814  -5.265  9.809   1.000 43.348 0 322 HOH AAA O   1 ? 
HETATM 1190 O  O   . HOH P 6 .   ? -5.404  11.004  -9.871  1.000 48.314 0 323 HOH AAA O   1 ? 
HETATM 1191 O  O   . HOH P 6 .   ? -10.058 -3.009  5.389   1.000 22.246 0 324 HOH AAA O   1 ? 
HETATM 1192 O  O   . HOH P 6 .   ? -12.990 4.697   3.075   1.000 31.165 0 325 HOH AAA O   1 ? 
HETATM 1193 O  O   . HOH P 6 .   ? 3.533   -2.783  -8.325  1.000 20.955 0 326 HOH AAA O   1 ? 
HETATM 1194 O  O   . HOH P 6 .   ? 0.190   8.371   11.315  1.000 20.826 0 327 HOH AAA O   1 ? 
HETATM 1195 O  O   . HOH P 6 .   ? 0.210   -23.787 -2.994  0.500 43.912 0 328 HOH AAA O   1 ? 
HETATM 1196 O  O   . HOH P 6 .   ? -13.464 -12.857 -1.158  1.000 27.035 0 329 HOH AAA O   1 ? 
HETATM 1197 O  O   . HOH P 6 .   ? 17.194  12.551  -5.601  1.000 33.816 0 330 HOH AAA O   1 ? 
HETATM 1198 O  O   . HOH P 6 .   ? -17.740 -0.430  -1.261  1.000 46.573 0 331 HOH AAA O   1 ? 
HETATM 1199 O  O   . HOH P 6 .   ? -8.462  -0.711  0.811   1.000 20.889 0 332 HOH AAA O   1 ? 
HETATM 1200 O  O   . HOH P 6 .   ? 15.290  3.416   -9.167  1.000 35.065 0 333 HOH AAA O   1 ? 
HETATM 1201 O  O   . HOH P 6 .   ? 0.329   -5.019  11.002  1.000 33.108 0 334 HOH AAA O   1 ? 
HETATM 1202 O  O   . HOH P 6 .   ? -1.545  -17.732 0.077   1.000 23.487 0 335 HOH AAA O   1 ? 
HETATM 1203 O  O   . HOH P 6 .   ? -3.720  -5.155  -15.064 1.000 30.914 0 336 HOH AAA O   1 ? 
HETATM 1204 O  O   . HOH P 6 .   ? 15.376  5.418   -7.179  1.000 35.530 0 337 HOH AAA O   1 ? 
HETATM 1205 O  O   . HOH P 6 .   ? -0.340  19.393  4.738   1.000 26.739 0 338 HOH AAA O   1 ? 
HETATM 1206 O  O   . HOH P 6 .   ? 3.143   -1.881  14.278  1.000 40.290 0 339 HOH AAA O   1 ? 
HETATM 1207 O  O   . HOH P 6 .   ? 7.473   -8.063  8.917   1.000 28.837 0 340 HOH AAA O   1 ? 
HETATM 1208 O  O   A HOH P 6 .   ? 3.494   -3.692  -5.490  0.500 18.047 0 341 HOH AAA O   1 ? 
HETATM 1209 O  O   B HOH P 6 .   ? 4.054   -4.491  -4.033  0.500 21.623 0 341 HOH AAA O   1 ? 
HETATM 1210 O  O   . HOH P 6 .   ? 1.065   15.162  8.520   1.000 43.537 0 342 HOH AAA O   1 ? 
HETATM 1211 O  O   . HOH P 6 .   ? -2.776  -14.436 -8.813  1.000 16.224 0 343 HOH AAA O   1 ? 
HETATM 1212 O  O   . HOH P 6 .   ? -8.848  -4.209  -10.722 1.000 14.283 0 344 HOH AAA O   1 ? 
HETATM 1213 O  O   . HOH P 6 .   ? 9.884   -4.506  2.654   1.000 24.302 0 345 HOH AAA O   1 ? 
HETATM 1214 O  O   . HOH P 6 .   ? -11.059 3.047   8.852   1.000 36.685 0 346 HOH AAA O   1 ? 
HETATM 1215 O  O   . HOH P 6 .   ? -0.241  -21.178 -2.515  1.000 66.701 0 347 HOH AAA O   1 ? 
HETATM 1216 O  O   . HOH P 6 .   ? 5.699   -18.891 -10.616 1.000 34.165 0 348 HOH AAA O   1 ? 
HETATM 1217 O  O   . HOH P 6 .   ? 0.724   0.992   14.297  1.000 40.282 0 349 HOH AAA O   1 ? 
HETATM 1218 O  O   . HOH P 6 .   ? 2.898   0.957   -10.544 1.000 23.196 0 350 HOH AAA O   1 ? 
HETATM 1219 O  O   . HOH P 6 .   ? 2.228   4.271   13.964  1.000 34.738 0 351 HOH AAA O   1 ? 
HETATM 1220 O  O   . HOH P 6 .   ? -12.565 8.956   3.546   1.000 37.059 0 352 HOH AAA O   1 ? 
HETATM 1221 O  O   . HOH P 6 .   ? -12.922 2.206   -7.185  1.000 17.012 0 353 HOH AAA O   1 ? 
HETATM 1222 O  O   . HOH P 6 .   ? 7.460   12.987  -5.494  1.000 21.199 0 354 HOH AAA O   1 ? 
HETATM 1223 O  O   . HOH P 6 .   ? 14.461  -4.485  9.936   1.000 52.340 0 355 HOH AAA O   1 ? 
HETATM 1224 O  O   . HOH P 6 .   ? 5.986   -11.487 -7.740  1.000 31.054 0 356 HOH AAA O   1 ? 
HETATM 1225 O  O   . HOH P 6 .   ? 7.574   15.722  -5.427  1.000 28.490 0 357 HOH AAA O   1 ? 
HETATM 1226 O  O   . HOH P 6 .   ? 12.962  -6.666  10.079  1.000 45.798 0 358 HOH AAA O   1 ? 
HETATM 1227 O  O   . HOH P 6 .   ? -7.957  10.815  -7.034  1.000 20.972 0 359 HOH AAA O   1 ? 
HETATM 1228 O  O   . HOH P 6 .   ? -6.289  -8.446  -12.307 0.500 19.458 0 360 HOH AAA O   1 ? 
HETATM 1229 O  O   . HOH P 6 .   ? 1.282   -3.392  -9.589  1.000 19.195 0 361 HOH AAA O   1 ? 
HETATM 1230 O  O   . HOH P 6 .   ? 1.778   -5.840  -11.045 1.000 26.462 0 362 HOH AAA O   1 ? 
HETATM 1231 O  O   . HOH P 6 .   ? -0.820  -18.488 -10.895 1.000 37.769 0 363 HOH AAA O   1 ? 
HETATM 1232 O  O   . HOH P 6 .   ? -4.430  -6.952  6.816   1.000 25.151 0 364 HOH AAA O   1 ? 
HETATM 1233 O  O   . HOH P 6 .   ? -6.378  16.033  4.528   1.000 29.186 0 365 HOH AAA O   1 ? 
HETATM 1234 O  O   . HOH P 6 .   ? 15.322  10.134  -6.737  1.000 29.560 0 366 HOH AAA O   1 ? 
HETATM 1235 O  O   . HOH P 6 .   ? 12.805  11.633  -0.200  1.000 25.111 0 367 HOH AAA O   1 ? 
HETATM 1236 O  O   . HOH P 6 .   ? -10.920 -5.427  4.339   1.000 26.360 0 368 HOH AAA O   1 ? 
HETATM 1237 O  O   . HOH P 6 .   ? -11.908 13.286  -1.027  1.000 66.988 0 369 HOH AAA O   1 ? 
HETATM 1238 O  O   . HOH P 6 .   ? -13.293 9.385   -2.656  1.000 34.619 0 370 HOH AAA O   1 ? 
HETATM 1239 O  O   . HOH P 6 .   ? -5.864  -11.588 9.729   1.000 45.434 0 371 HOH AAA O   1 ? 
HETATM 1240 O  O   . HOH P 6 .   ? -6.799  9.202   -8.881  1.000 24.240 0 372 HOH AAA O   1 ? 
HETATM 1241 O  O   . HOH P 6 .   ? 12.647  9.434   9.145   1.000 27.216 0 373 HOH AAA O   1 ? 
HETATM 1242 O  O   . HOH P 6 .   ? 1.838   -17.929 4.922   1.000 36.194 0 374 HOH AAA O   1 ? 
HETATM 1243 O  O   . HOH P 6 .   ? -15.919 2.018   -5.048  1.000 44.816 0 375 HOH AAA O   1 ? 
HETATM 1244 O  O   . HOH P 6 .   ? 4.793   10.705  14.160  1.000 44.839 0 376 HOH AAA O   1 ? 
HETATM 1245 O  O   . HOH P 6 .   ? 6.296   -3.679  -6.069  1.000 25.722 0 377 HOH AAA O   1 ? 
HETATM 1246 O  O   . HOH P 6 .   ? -12.396 10.107  -6.817  1.000 44.285 0 378 HOH AAA O   1 ? 
HETATM 1247 O  O   . HOH P 6 .   ? -0.232  -19.710 1.671   1.000 43.469 0 379 HOH AAA O   1 ? 
HETATM 1248 O  O   . HOH P 6 .   ? -2.543  -0.013  -10.872 1.000 31.571 0 380 HOH AAA O   1 ? 
HETATM 1249 O  O   . HOH P 6 .   ? -13.438 -6.276  -1.338  1.000 27.866 0 381 HOH AAA O   1 ? 
HETATM 1250 O  O   . HOH P 6 .   ? 12.771  7.561   -7.474  1.000 18.944 0 382 HOH AAA O   1 ? 
HETATM 1251 O  O   . HOH P 6 .   ? -3.271  -2.563  -1.023  1.000 14.130 0 383 HOH AAA O   1 ? 
HETATM 1252 O  O   . HOH P 6 .   ? 17.887  3.346   -4.574  1.000 23.969 0 384 HOH AAA O   1 ? 
HETATM 1253 O  O   . HOH P 6 .   ? -9.293  -16.892 0.721   1.000 40.979 0 385 HOH AAA O   1 ? 
HETATM 1254 O  O   . HOH P 6 .   ? 11.623  16.086  -6.074  1.000 25.406 0 386 HOH AAA O   1 ? 
HETATM 1255 O  O   . HOH P 6 .   ? -9.795  5.515   13.804  1.000 48.220 0 387 HOH AAA O   1 ? 
HETATM 1256 O  O   . HOH P 6 .   ? -7.683  18.558  3.706   1.000 29.062 0 388 HOH AAA O   1 ? 
HETATM 1257 O  O   . HOH P 6 .   ? -6.420  2.193   -10.715 1.000 21.312 0 389 HOH AAA O   1 ? 
HETATM 1258 O  O   . HOH P 6 .   ? -15.784 -1.858  -0.022  1.000 31.579 0 390 HOH AAA O   1 ? 
HETATM 1259 O  O   . HOH P 6 .   ? 10.575  9.929   5.570   1.000 20.006 0 391 HOH AAA O   1 ? 
HETATM 1260 O  O   . HOH P 6 .   ? -10.677 -0.218  11.266  1.000 44.079 0 392 HOH AAA O   1 ? 
HETATM 1261 O  O   . HOH P 6 .   ? -6.758  -22.531 -4.284  1.000 35.108 0 393 HOH AAA O   1 ? 
HETATM 1262 O  O   . HOH P 6 .   ? -14.775 6.544   -5.701  1.000 28.697 0 394 HOH AAA O   1 ? 
HETATM 1263 O  O   . HOH P 6 .   ? -8.964  -19.388 -1.664  1.000 23.561 0 395 HOH AAA O   1 ? 
HETATM 1264 O  O   . HOH P 6 .   ? 10.347  15.438  1.146   1.000 42.389 0 396 HOH AAA O   1 ? 
HETATM 1265 O  O   . HOH P 6 .   ? 7.248   2.639   13.424  1.000 30.468 0 397 HOH AAA O   1 ? 
HETATM 1266 O  O   B HOH P 6 .   ? -0.632  6.960   -11.307 0.700 28.237 0 398 HOH AAA O   1 ? 
HETATM 1267 O  O   . HOH P 6 .   ? -8.058  -17.010 -12.374 1.000 24.792 0 399 HOH AAA O   1 ? 
HETATM 1268 O  O   . HOH P 6 .   ? 0.979   -14.015 -15.277 1.000 49.338 0 400 HOH AAA O   1 ? 
HETATM 1269 O  O   . HOH P 6 .   ? -0.344  -6.354  -14.913 1.000 45.945 0 401 HOH AAA O   1 ? 
HETATM 1270 O  O   A HOH P 6 .   ? -2.983  -7.655  -15.158 0.500 15.831 0 402 HOH AAA O   1 ? 
HETATM 1271 O  O   B HOH P 6 .   ? -4.285  -7.835  -14.048 0.500 17.718 0 402 HOH AAA O   1 ? 
HETATM 1272 O  O   . HOH P 6 .   ? 11.578  -10.813 7.103   1.000 57.459 0 403 HOH AAA O   1 ? 
HETATM 1273 O  O   A HOH P 6 .   ? 5.578   -8.834  -12.896 0.700 29.480 0 404 HOH AAA O   1 ? 
HETATM 1274 O  O   B HOH P 6 .   ? 4.858   -7.187  -12.057 0.300 26.163 0 404 HOH AAA O   1 ? 
HETATM 1275 O  O   . HOH P 6 .   ? 8.734   6.496   14.057  1.000 39.229 0 405 HOH AAA O   1 ? 
HETATM 1276 O  O   . HOH P 6 .   ? -8.488  -13.951 7.242   1.000 47.680 0 406 HOH AAA O   1 ? 
HETATM 1277 O  O   . HOH P 6 .   ? 5.621   -7.154  -5.292  1.000 31.325 0 407 HOH AAA O   1 ? 
HETATM 1278 O  O   A HOH P 6 .   ? -6.847  14.501  -5.395  0.500 24.272 0 408 HOH AAA O   1 ? 
HETATM 1279 O  O   B HOH P 6 .   ? -6.430  13.362  -6.228  0.500 23.947 0 408 HOH AAA O   1 ? 
HETATM 1280 O  O   . HOH P 6 .   ? -5.898  11.947  10.189  1.000 29.367 0 409 HOH AAA O   1 ? 
HETATM 1281 O  O   . HOH P 6 .   ? -5.002  16.828  -5.357  1.000 48.123 0 410 HOH AAA O   1 ? 
HETATM 1282 O  O   . HOH P 6 .   ? 4.218   -21.606 0.611   1.000 51.029 0 411 HOH AAA O   1 ? 
HETATM 1283 O  O   . HOH P 6 .   ? -8.704  0.819   12.154  1.000 50.290 0 412 HOH AAA O   1 ? 
HETATM 1284 O  O   . HOH P 6 .   ? -3.747  -19.064 3.349   1.000 30.257 0 413 HOH AAA O   1 ? 
HETATM 1285 O  O   . HOH P 6 .   ? -7.911  -2.603  2.553   1.000 22.225 0 414 HOH AAA O   1 ? 
HETATM 1286 O  O   . HOH P 6 .   ? 6.140   -17.653 -1.826  1.000 47.484 0 415 HOH AAA O   1 ? 
HETATM 1287 O  O   . HOH P 6 .   ? 17.818  0.030   -2.215  1.000 38.850 0 416 HOH AAA O   1 ? 
HETATM 1288 O  O   . HOH P 6 .   ? -7.043  3.475   12.401  1.000 41.351 0 417 HOH AAA O   1 ? 
HETATM 1289 O  O   . HOH P 6 .   ? -7.748  27.329  9.429   1.000 42.326 0 418 HOH AAA O   1 ? 
HETATM 1290 O  O   . HOH P 6 .   ? 13.985  23.045  2.366   1.000 51.721 0 419 HOH AAA O   1 ? 
HETATM 1291 O  O   . HOH P 6 .   ? 1.496   -18.301 -9.608  1.000 38.183 0 420 HOH AAA O   1 ? 
HETATM 1292 O  O   . HOH P 6 .   ? -13.031 -9.472  1.401   1.000 31.638 0 421 HOH AAA O   1 ? 
HETATM 1293 O  O   . HOH P 6 .   ? -2.467  -21.687 -4.857  1.000 56.875 0 422 HOH AAA O   1 ? 
HETATM 1294 O  O   A HOH P 6 .   ? -6.930  -15.624 4.719   0.500 22.285 0 423 HOH AAA O   1 ? 
HETATM 1295 O  O   B HOH P 6 .   ? -7.499  -16.579 3.058   0.500 28.466 0 423 HOH AAA O   1 ? 
HETATM 1296 O  O   . HOH P 6 .   ? -1.503  -3.701  12.456  1.000 57.128 0 424 HOH AAA O   1 ? 
HETATM 1297 O  O   . HOH P 6 .   ? 6.463   -11.513 -10.917 1.000 28.770 0 425 HOH AAA O   1 ? 
HETATM 1298 O  O   . HOH P 6 .   ? -16.569 0.771   4.322   1.000 57.424 0 426 HOH AAA O   1 ? 
HETATM 1299 O  O   . HOH P 6 .   ? -4.486  21.323  -2.204  1.000 50.560 0 427 HOH AAA O   1 ? 
HETATM 1300 O  O   . HOH P 6 .   ? -4.542  -18.751 -12.662 1.000 47.325 0 428 HOH AAA O   1 ? 
HETATM 1301 O  O   . HOH P 6 .   ? -7.555  20.423  1.804   1.000 40.691 0 429 HOH AAA O   1 ? 
HETATM 1302 O  O   . HOH P 6 .   ? -16.820 4.106   -0.965  1.000 49.868 0 430 HOH AAA O   1 ? 
HETATM 1303 O  O   . HOH P 6 .   ? 15.737  12.280  -0.050  1.000 40.793 0 431 HOH AAA O   1 ? 
HETATM 1304 O  O   . HOH P 6 .   ? -11.218 2.072   11.230  1.000 42.917 0 432 HOH AAA O   1 ? 
HETATM 1305 O  O   . HOH P 6 .   ? 1.231   -17.149 7.627   1.000 44.296 0 433 HOH AAA O   1 ? 
HETATM 1306 O  O   . HOH P 6 .   ? 11.026  4.239   13.209  1.000 53.880 0 434 HOH AAA O   1 ? 
HETATM 1307 O  O   . HOH P 6 .   ? 15.794  -8.924  6.245   1.000 50.053 0 435 HOH AAA O   1 ? 
HETATM 1308 O  O   . HOH P 6 .   ? -5.082  1.881   12.838  1.000 49.459 0 436 HOH AAA O   1 ? 
HETATM 1309 O  O   . HOH P 6 .   ? -7.289  4.505   -11.963 1.000 42.800 0 437 HOH AAA O   1 ? 
HETATM 1310 O  O   . HOH P 6 .   ? -4.218  20.613  -5.418  1.000 55.462 0 438 HOH AAA O   1 ? 
HETATM 1311 O  O   . HOH P 6 .   ? 14.281  2.639   7.831   1.000 28.864 0 439 HOH AAA O   1 ? 
HETATM 1312 O  O   A HOH P 6 .   ? 3.932   -5.094  -1.855  0.500 20.137 0 440 HOH AAA O   1 ? 
HETATM 1313 O  O   B HOH P 6 .   ? 3.649   -6.490  -2.074  0.500 13.671 0 440 HOH AAA O   1 ? 
HETATM 1314 O  O   . HOH P 6 .   ? 3.262   19.308  6.117   1.000 53.178 0 441 HOH AAA O   1 ? 
HETATM 1315 O  O   . HOH P 6 .   ? -7.951  9.327   -13.347 1.000 56.251 0 442 HOH AAA O   1 ? 
HETATM 1316 O  O   . HOH P 6 .   ? -8.751  8.489   -11.050 1.000 35.303 0 443 HOH AAA O   1 ? 
HETATM 1317 O  O   . HOH P 6 .   ? 17.309  8.208   -3.381  1.000 21.829 0 444 HOH AAA O   1 ? 
HETATM 1318 O  O   . HOH P 6 .   ? -13.550 -5.601  4.015   1.000 47.108 0 445 HOH AAA O   1 ? 
HETATM 1319 O  O   . HOH P 6 .   ? 4.812   -1.007  -10.061 1.000 32.840 0 446 HOH AAA O   1 ? 
HETATM 1320 O  O   . HOH P 6 .   ? 10.683  11.470  7.834   1.000 40.255 0 447 HOH AAA O   1 ? 
HETATM 1321 O  O   . HOH P 6 .   ? -0.133  19.376  9.300   1.000 47.726 0 448 HOH AAA O   1 ? 
HETATM 1322 O  O   . HOH P 6 .   ? 10.861  1.133   14.772  1.000 53.909 0 449 HOH AAA O   1 ? 
HETATM 1323 O  O   . HOH P 6 .   ? 0.689   -19.923 4.192   1.000 50.407 0 450 HOH AAA O   1 ? 
HETATM 1324 O  O   . HOH P 6 .   ? 6.414   12.670  -8.045  1.000 26.904 0 451 HOH AAA O   1 ? 
HETATM 1325 O  O   . HOH P 6 .   ? 2.707   15.789  -5.799  1.000 44.352 0 452 HOH AAA O   1 ? 
HETATM 1326 O  O   . HOH P 6 .   ? -2.609  -11.153 11.525  1.000 51.686 0 453 HOH AAA O   1 ? 
HETATM 1327 O  O   . HOH P 6 .   ? 13.625  14.889  -7.415  1.000 31.812 0 454 HOH AAA O   1 ? 
HETATM 1328 O  O   . HOH P 6 .   ? 11.339  18.764  -5.972  1.000 49.419 0 455 HOH AAA O   1 ? 
HETATM 1329 O  O   . HOH P 6 .   ? -1.837  -19.594 5.190   1.000 51.223 0 456 HOH AAA O   1 ? 
HETATM 1330 O  O   . HOH P 6 .   ? 8.952   -11.231 6.174   1.000 55.888 0 457 HOH AAA O   1 ? 
HETATM 1331 O  O   . HOH P 6 .   ? 6.839   -10.650 7.413   1.000 40.875 0 458 HOH AAA O   1 ? 
HETATM 1332 O  O   . HOH P 6 .   ? 4.858   4.459   14.282  1.000 38.972 0 459 HOH AAA O   1 ? 
HETATM 1333 O  O   . HOH P 6 .   ? -7.669  -21.857 -1.993  1.000 34.942 0 460 HOH AAA O   1 ? 
HETATM 1334 O  O   . HOH P 6 .   ? 2.484   -5.568  12.255  1.000 40.213 0 461 HOH AAA O   1 ? 
HETATM 1335 O  O   . HOH P 6 .   ? 9.534   15.449  -7.585  1.000 28.940 0 462 HOH AAA O   1 ? 
HETATM 1336 O  O   . HOH P 6 .   ? 19.442  0.153   -4.341  1.000 42.737 0 463 HOH AAA O   1 ? 
HETATM 1337 O  O   . HOH P 6 .   ? 17.342  6.077   -5.145  1.000 23.486 0 464 HOH AAA O   1 ? 
HETATM 1338 O  O   . HOH P 6 .   ? 18.949  14.202  -2.719  1.000 40.929 0 465 HOH AAA O   1 ? 
HETATM 1339 O  O   . HOH P 6 .   ? -6.838  2.549   14.706  1.000 58.497 0 466 HOH AAA O   1 ? 
HETATM 1340 O  O   . HOH P 6 .   ? 0.973   18.618  7.066   1.000 38.923 0 467 HOH AAA O   1 ? 
HETATM 1341 O  O   . HOH P 6 .   ? 19.602  -6.710  -0.459  1.000 49.352 0 468 HOH AAA O   1 ? 
HETATM 1342 O  O   . HOH P 6 .   ? -10.254 -12.410 7.205   1.000 46.635 0 469 HOH AAA O   1 ? 
HETATM 1343 O  O   . HOH P 6 .   ? -6.637  -7.431  8.308   1.000 31.393 0 470 HOH AAA O   1 ? 
HETATM 1344 O  O   . HOH P 6 .   ? 17.197  2.220   -6.986  1.000 39.644 0 471 HOH AAA O   1 ? 
HETATM 1345 O  O   . HOH P 6 .   ? -2.557  -5.145  14.595  0.500 40.684 0 472 HOH AAA O   1 ? 
HETATM 1346 O  O   . HOH P 6 .   ? -10.741 -7.492  6.235   1.000 42.230 0 473 HOH AAA O   1 ? 
HETATM 1347 O  O   . HOH P 6 .   ? -2.406  -8.985  -17.501 0.500 34.361 0 474 HOH AAA O   1 ? 
HETATM 1348 O  O   . HOH P 6 .   ? -12.267 -10.677 4.984   1.000 47.801 0 475 HOH AAA O   1 ? 
HETATM 1349 O  O   . HOH P 6 .   ? -16.720 -6.999  1.646   0.500 50.152 0 476 HOH AAA O   1 ? 
# 
